data_3EC2
# 
_entry.id   3EC2 
# 
_audit_conform.dict_name       mmcif_pdbx.dic 
_audit_conform.dict_version    5.399 
_audit_conform.dict_location   http://mmcif.pdb.org/dictionaries/ascii/mmcif_pdbx.dic 
# 
loop_
_database_2.database_id 
_database_2.database_code 
_database_2.pdbx_database_accession 
_database_2.pdbx_DOI 
PDB   3EC2         pdb_00003ec2 10.2210/pdb3ec2/pdb 
RCSB  RCSB049135   ?            ?                   
WWPDB D_1000049135 ?            ?                   
# 
loop_
_pdbx_audit_revision_history.ordinal 
_pdbx_audit_revision_history.data_content_type 
_pdbx_audit_revision_history.major_revision 
_pdbx_audit_revision_history.minor_revision 
_pdbx_audit_revision_history.revision_date 
1 'Structure model' 1 0 2008-11-25 
2 'Structure model' 1 1 2011-07-13 
3 'Structure model' 1 2 2017-10-25 
4 'Structure model' 1 3 2024-11-20 
# 
_pdbx_audit_revision_details.ordinal             1 
_pdbx_audit_revision_details.revision_ordinal    1 
_pdbx_audit_revision_details.data_content_type   'Structure model' 
_pdbx_audit_revision_details.provider            repository 
_pdbx_audit_revision_details.type                'Initial release' 
_pdbx_audit_revision_details.description         ? 
_pdbx_audit_revision_details.details             ? 
# 
loop_
_pdbx_audit_revision_group.ordinal 
_pdbx_audit_revision_group.revision_ordinal 
_pdbx_audit_revision_group.data_content_type 
_pdbx_audit_revision_group.group 
1 2 'Structure model' 'Version format compliance' 
2 3 'Structure model' 'Refinement description'    
3 4 'Structure model' 'Data collection'           
4 4 'Structure model' 'Database references'       
5 4 'Structure model' 'Derived calculations'      
6 4 'Structure model' 'Structure summary'         
# 
loop_
_pdbx_audit_revision_category.ordinal 
_pdbx_audit_revision_category.revision_ordinal 
_pdbx_audit_revision_category.data_content_type 
_pdbx_audit_revision_category.category 
1 3 'Structure model' software                  
2 4 'Structure model' chem_comp_atom            
3 4 'Structure model' chem_comp_bond            
4 4 'Structure model' database_2                
5 4 'Structure model' pdbx_entry_details        
6 4 'Structure model' pdbx_modification_feature 
7 4 'Structure model' struct_conn               
8 4 'Structure model' struct_ref_seq_dif        
9 4 'Structure model' struct_site               
# 
loop_
_pdbx_audit_revision_item.ordinal 
_pdbx_audit_revision_item.revision_ordinal 
_pdbx_audit_revision_item.data_content_type 
_pdbx_audit_revision_item.item 
1 4 'Structure model' '_database_2.pdbx_DOI'                
2 4 'Structure model' '_database_2.pdbx_database_accession' 
3 4 'Structure model' '_struct_conn.pdbx_leaving_atom_flag' 
4 4 'Structure model' '_struct_ref_seq_dif.details'         
5 4 'Structure model' '_struct_site.pdbx_auth_asym_id'      
6 4 'Structure model' '_struct_site.pdbx_auth_comp_id'      
7 4 'Structure model' '_struct_site.pdbx_auth_seq_id'       
# 
_pdbx_database_status.entry_id                        3EC2 
_pdbx_database_status.deposit_site                    RCSB 
_pdbx_database_status.process_site                    RCSB 
_pdbx_database_status.recvd_initial_deposition_date   2008-08-28 
_pdbx_database_status.status_code                     REL 
_pdbx_database_status.status_code_sf                  REL 
_pdbx_database_status.status_code_mr                  ? 
_pdbx_database_status.SG_entry                        ? 
_pdbx_database_status.pdb_format_compatible           Y 
_pdbx_database_status.status_code_cs                  ? 
_pdbx_database_status.methods_development_category    ? 
_pdbx_database_status.status_code_nmr_data            ? 
# 
_pdbx_database_related.db_name        PDB 
_pdbx_database_related.db_id          3ECC 
_pdbx_database_related.details        . 
_pdbx_database_related.content_type   unspecified 
# 
loop_
_audit_author.name 
_audit_author.pdbx_ordinal 
'Mott, M.L.'      1 
'Erzberger, J.P.' 2 
'Coons, M.M.'     3 
'Berger, J.M.'    4 
# 
_citation.id                        primary 
_citation.title                     
'Structural synergy and molecular crosstalk between bacterial helicase loaders and replication initiators.' 
_citation.journal_abbrev            'Cell(Cambridge,Mass.)' 
_citation.journal_volume            135 
_citation.page_first                623 
_citation.page_last                 634 
_citation.year                      2008 
_citation.journal_id_ASTM           CELLB5 
_citation.country                   US 
_citation.journal_id_ISSN           0092-8674 
_citation.journal_id_CSD            0998 
_citation.book_publisher            ? 
_citation.pdbx_database_id_PubMed   19013274 
_citation.pdbx_database_id_DOI      10.1016/j.cell.2008.09.058 
# 
loop_
_citation_author.citation_id 
_citation_author.name 
_citation_author.ordinal 
_citation_author.identifier_ORCID 
primary 'Mott, M.L.'      1 ? 
primary 'Erzberger, J.P.' 2 ? 
primary 'Coons, M.M.'     3 ? 
primary 'Berger, J.M.'    4 ? 
# 
loop_
_entity.id 
_entity.type 
_entity.src_method 
_entity.pdbx_description 
_entity.formula_weight 
_entity.pdbx_number_of_molecules 
_entity.pdbx_ec 
_entity.pdbx_mutation 
_entity.pdbx_fragment 
_entity.details 
1 polymer     man 'DNA replication protein DnaC' 20812.529 1  ? ? ? ? 
2 non-polymer syn "ADENOSINE-5'-DIPHOSPHATE"     427.201   1  ? ? ? ? 
3 non-polymer syn 'MAGNESIUM ION'                24.305    1  ? ? ? ? 
4 water       nat water                          18.015    47 ? ? ? ? 
# 
_entity_poly.entity_id                      1 
_entity_poly.type                           'polypeptide(L)' 
_entity_poly.nstd_linkage                   no 
_entity_poly.nstd_monomer                   yes 
_entity_poly.pdbx_seq_one_letter_code       
;AKRYWNANLDTYHPKNVSQNRALLTIRVFVHNFNPEEGKGLTFVGSPGVGKTHLAVATLKAIYEKKGIRGYFFDTKDLIF
RLKHL(MSE)DEGKDTKFLKTVLNSPVLVLDDLGSERLSDWQRELISYIITYRYNNLKSTIITTNYSLQREEESSVRISA
DLASRLGENVVSKIYE(MSE)NELLVIK
;
_entity_poly.pdbx_seq_one_letter_code_can   
;AKRYWNANLDTYHPKNVSQNRALLTIRVFVHNFNPEEGKGLTFVGSPGVGKTHLAVATLKAIYEKKGIRGYFFDTKDLIF
RLKHLMDEGKDTKFLKTVLNSPVLVLDDLGSERLSDWQRELISYIITYRYNNLKSTIITTNYSLQREEESSVRISADLAS
RLGENVVSKIYEMNELLVIK
;
_entity_poly.pdbx_strand_id                 A 
_entity_poly.pdbx_target_identifier         ? 
# 
loop_
_pdbx_entity_nonpoly.entity_id 
_pdbx_entity_nonpoly.name 
_pdbx_entity_nonpoly.comp_id 
2 "ADENOSINE-5'-DIPHOSPHATE" ADP 
3 'MAGNESIUM ION'            MG  
4 water                      HOH 
# 
loop_
_entity_poly_seq.entity_id 
_entity_poly_seq.num 
_entity_poly_seq.mon_id 
_entity_poly_seq.hetero 
1 1   ALA n 
1 2   LYS n 
1 3   ARG n 
1 4   TYR n 
1 5   TRP n 
1 6   ASN n 
1 7   ALA n 
1 8   ASN n 
1 9   LEU n 
1 10  ASP n 
1 11  THR n 
1 12  TYR n 
1 13  HIS n 
1 14  PRO n 
1 15  LYS n 
1 16  ASN n 
1 17  VAL n 
1 18  SER n 
1 19  GLN n 
1 20  ASN n 
1 21  ARG n 
1 22  ALA n 
1 23  LEU n 
1 24  LEU n 
1 25  THR n 
1 26  ILE n 
1 27  ARG n 
1 28  VAL n 
1 29  PHE n 
1 30  VAL n 
1 31  HIS n 
1 32  ASN n 
1 33  PHE n 
1 34  ASN n 
1 35  PRO n 
1 36  GLU n 
1 37  GLU n 
1 38  GLY n 
1 39  LYS n 
1 40  GLY n 
1 41  LEU n 
1 42  THR n 
1 43  PHE n 
1 44  VAL n 
1 45  GLY n 
1 46  SER n 
1 47  PRO n 
1 48  GLY n 
1 49  VAL n 
1 50  GLY n 
1 51  LYS n 
1 52  THR n 
1 53  HIS n 
1 54  LEU n 
1 55  ALA n 
1 56  VAL n 
1 57  ALA n 
1 58  THR n 
1 59  LEU n 
1 60  LYS n 
1 61  ALA n 
1 62  ILE n 
1 63  TYR n 
1 64  GLU n 
1 65  LYS n 
1 66  LYS n 
1 67  GLY n 
1 68  ILE n 
1 69  ARG n 
1 70  GLY n 
1 71  TYR n 
1 72  PHE n 
1 73  PHE n 
1 74  ASP n 
1 75  THR n 
1 76  LYS n 
1 77  ASP n 
1 78  LEU n 
1 79  ILE n 
1 80  PHE n 
1 81  ARG n 
1 82  LEU n 
1 83  LYS n 
1 84  HIS n 
1 85  LEU n 
1 86  MSE n 
1 87  ASP n 
1 88  GLU n 
1 89  GLY n 
1 90  LYS n 
1 91  ASP n 
1 92  THR n 
1 93  LYS n 
1 94  PHE n 
1 95  LEU n 
1 96  LYS n 
1 97  THR n 
1 98  VAL n 
1 99  LEU n 
1 100 ASN n 
1 101 SER n 
1 102 PRO n 
1 103 VAL n 
1 104 LEU n 
1 105 VAL n 
1 106 LEU n 
1 107 ASP n 
1 108 ASP n 
1 109 LEU n 
1 110 GLY n 
1 111 SER n 
1 112 GLU n 
1 113 ARG n 
1 114 LEU n 
1 115 SER n 
1 116 ASP n 
1 117 TRP n 
1 118 GLN n 
1 119 ARG n 
1 120 GLU n 
1 121 LEU n 
1 122 ILE n 
1 123 SER n 
1 124 TYR n 
1 125 ILE n 
1 126 ILE n 
1 127 THR n 
1 128 TYR n 
1 129 ARG n 
1 130 TYR n 
1 131 ASN n 
1 132 ASN n 
1 133 LEU n 
1 134 LYS n 
1 135 SER n 
1 136 THR n 
1 137 ILE n 
1 138 ILE n 
1 139 THR n 
1 140 THR n 
1 141 ASN n 
1 142 TYR n 
1 143 SER n 
1 144 LEU n 
1 145 GLN n 
1 146 ARG n 
1 147 GLU n 
1 148 GLU n 
1 149 GLU n 
1 150 SER n 
1 151 SER n 
1 152 VAL n 
1 153 ARG n 
1 154 ILE n 
1 155 SER n 
1 156 ALA n 
1 157 ASP n 
1 158 LEU n 
1 159 ALA n 
1 160 SER n 
1 161 ARG n 
1 162 LEU n 
1 163 GLY n 
1 164 GLU n 
1 165 ASN n 
1 166 VAL n 
1 167 VAL n 
1 168 SER n 
1 169 LYS n 
1 170 ILE n 
1 171 TYR n 
1 172 GLU n 
1 173 MSE n 
1 174 ASN n 
1 175 GLU n 
1 176 LEU n 
1 177 LEU n 
1 178 VAL n 
1 179 ILE n 
1 180 LYS n 
# 
_entity_src_gen.entity_id                          1 
_entity_src_gen.pdbx_src_id                        1 
_entity_src_gen.pdbx_alt_source_flag               sample 
_entity_src_gen.pdbx_seq_type                      ? 
_entity_src_gen.pdbx_beg_seq_num                   ? 
_entity_src_gen.pdbx_end_seq_num                   ? 
_entity_src_gen.gene_src_common_name               ? 
_entity_src_gen.gene_src_genus                     ? 
_entity_src_gen.pdbx_gene_src_gene                 'dnaC, aq_910' 
_entity_src_gen.gene_src_species                   ? 
_entity_src_gen.gene_src_strain                    ? 
_entity_src_gen.gene_src_tissue                    ? 
_entity_src_gen.gene_src_tissue_fraction           ? 
_entity_src_gen.gene_src_details                   ? 
_entity_src_gen.pdbx_gene_src_fragment             ? 
_entity_src_gen.pdbx_gene_src_scientific_name      'Aquifex aeolicus' 
_entity_src_gen.pdbx_gene_src_ncbi_taxonomy_id     63363 
_entity_src_gen.pdbx_gene_src_variant              ? 
_entity_src_gen.pdbx_gene_src_cell_line            ? 
_entity_src_gen.pdbx_gene_src_atcc                 ? 
_entity_src_gen.pdbx_gene_src_organ                ? 
_entity_src_gen.pdbx_gene_src_organelle            ? 
_entity_src_gen.pdbx_gene_src_cell                 ? 
_entity_src_gen.pdbx_gene_src_cellular_location    ? 
_entity_src_gen.host_org_common_name               ? 
_entity_src_gen.pdbx_host_org_scientific_name      'Escherichia coli' 
_entity_src_gen.pdbx_host_org_ncbi_taxonomy_id     562 
_entity_src_gen.host_org_genus                     ? 
_entity_src_gen.pdbx_host_org_gene                 ? 
_entity_src_gen.pdbx_host_org_organ                ? 
_entity_src_gen.host_org_species                   ? 
_entity_src_gen.pdbx_host_org_tissue               ? 
_entity_src_gen.pdbx_host_org_tissue_fraction      ? 
_entity_src_gen.pdbx_host_org_strain               ? 
_entity_src_gen.pdbx_host_org_variant              ? 
_entity_src_gen.pdbx_host_org_cell_line            ? 
_entity_src_gen.pdbx_host_org_atcc                 ? 
_entity_src_gen.pdbx_host_org_culture_collection   ? 
_entity_src_gen.pdbx_host_org_cell                 ? 
_entity_src_gen.pdbx_host_org_organelle            ? 
_entity_src_gen.pdbx_host_org_cellular_location    ? 
_entity_src_gen.pdbx_host_org_vector_type          ? 
_entity_src_gen.pdbx_host_org_vector               ? 
_entity_src_gen.host_org_details                   ? 
_entity_src_gen.expression_system_id               ? 
_entity_src_gen.plasmid_name                       ? 
_entity_src_gen.plasmid_details                    ? 
_entity_src_gen.pdbx_description                   ? 
# 
loop_
_chem_comp.id 
_chem_comp.type 
_chem_comp.mon_nstd_flag 
_chem_comp.name 
_chem_comp.pdbx_synonyms 
_chem_comp.formula 
_chem_comp.formula_weight 
ADP non-polymer         n "ADENOSINE-5'-DIPHOSPHATE" ? 'C10 H15 N5 O10 P2' 427.201 
ALA 'L-peptide linking' y ALANINE                    ? 'C3 H7 N O2'        89.093  
ARG 'L-peptide linking' y ARGININE                   ? 'C6 H15 N4 O2 1'    175.209 
ASN 'L-peptide linking' y ASPARAGINE                 ? 'C4 H8 N2 O3'       132.118 
ASP 'L-peptide linking' y 'ASPARTIC ACID'            ? 'C4 H7 N O4'        133.103 
GLN 'L-peptide linking' y GLUTAMINE                  ? 'C5 H10 N2 O3'      146.144 
GLU 'L-peptide linking' y 'GLUTAMIC ACID'            ? 'C5 H9 N O4'        147.129 
GLY 'peptide linking'   y GLYCINE                    ? 'C2 H5 N O2'        75.067  
HIS 'L-peptide linking' y HISTIDINE                  ? 'C6 H10 N3 O2 1'    156.162 
HOH non-polymer         . WATER                      ? 'H2 O'              18.015  
ILE 'L-peptide linking' y ISOLEUCINE                 ? 'C6 H13 N O2'       131.173 
LEU 'L-peptide linking' y LEUCINE                    ? 'C6 H13 N O2'       131.173 
LYS 'L-peptide linking' y LYSINE                     ? 'C6 H15 N2 O2 1'    147.195 
MG  non-polymer         . 'MAGNESIUM ION'            ? 'Mg 2'              24.305  
MSE 'L-peptide linking' n SELENOMETHIONINE           ? 'C5 H11 N O2 Se'    196.106 
PHE 'L-peptide linking' y PHENYLALANINE              ? 'C9 H11 N O2'       165.189 
PRO 'L-peptide linking' y PROLINE                    ? 'C5 H9 N O2'        115.130 
SER 'L-peptide linking' y SERINE                     ? 'C3 H7 N O3'        105.093 
THR 'L-peptide linking' y THREONINE                  ? 'C4 H9 N O3'        119.119 
TRP 'L-peptide linking' y TRYPTOPHAN                 ? 'C11 H12 N2 O2'     204.225 
TYR 'L-peptide linking' y TYROSINE                   ? 'C9 H11 N O3'       181.189 
VAL 'L-peptide linking' y VALINE                     ? 'C5 H11 N O2'       117.146 
# 
loop_
_pdbx_poly_seq_scheme.asym_id 
_pdbx_poly_seq_scheme.entity_id 
_pdbx_poly_seq_scheme.seq_id 
_pdbx_poly_seq_scheme.mon_id 
_pdbx_poly_seq_scheme.ndb_seq_num 
_pdbx_poly_seq_scheme.pdb_seq_num 
_pdbx_poly_seq_scheme.auth_seq_num 
_pdbx_poly_seq_scheme.pdb_mon_id 
_pdbx_poly_seq_scheme.auth_mon_id 
_pdbx_poly_seq_scheme.pdb_strand_id 
_pdbx_poly_seq_scheme.pdb_ins_code 
_pdbx_poly_seq_scheme.hetero 
A 1 1   ALA 1   42  42  ALA ALA A . n 
A 1 2   LYS 2   43  43  LYS LYS A . n 
A 1 3   ARG 3   44  44  ARG ARG A . n 
A 1 4   TYR 4   45  45  TYR TYR A . n 
A 1 5   TRP 5   46  46  TRP TRP A . n 
A 1 6   ASN 6   47  47  ASN ASN A . n 
A 1 7   ALA 7   48  48  ALA ALA A . n 
A 1 8   ASN 8   49  49  ASN ASN A . n 
A 1 9   LEU 9   50  50  LEU LEU A . n 
A 1 10  ASP 10  51  51  ASP ASP A . n 
A 1 11  THR 11  52  52  THR THR A . n 
A 1 12  TYR 12  53  53  TYR TYR A . n 
A 1 13  HIS 13  54  54  HIS HIS A . n 
A 1 14  PRO 14  55  55  PRO PRO A . n 
A 1 15  LYS 15  56  56  LYS LYS A . n 
A 1 16  ASN 16  57  57  ASN ASN A . n 
A 1 17  VAL 17  58  58  VAL VAL A . n 
A 1 18  SER 18  59  59  SER SER A . n 
A 1 19  GLN 19  60  60  GLN GLN A . n 
A 1 20  ASN 20  61  61  ASN ASN A . n 
A 1 21  ARG 21  62  62  ARG ARG A . n 
A 1 22  ALA 22  63  63  ALA ALA A . n 
A 1 23  LEU 23  64  64  LEU LEU A . n 
A 1 24  LEU 24  65  65  LEU LEU A . n 
A 1 25  THR 25  66  66  THR THR A . n 
A 1 26  ILE 26  67  67  ILE ILE A . n 
A 1 27  ARG 27  68  68  ARG ARG A . n 
A 1 28  VAL 28  69  69  VAL VAL A . n 
A 1 29  PHE 29  70  70  PHE PHE A . n 
A 1 30  VAL 30  71  71  VAL VAL A . n 
A 1 31  HIS 31  72  72  HIS HIS A . n 
A 1 32  ASN 32  73  73  ASN ASN A . n 
A 1 33  PHE 33  74  74  PHE PHE A . n 
A 1 34  ASN 34  75  75  ASN ASN A . n 
A 1 35  PRO 35  76  76  PRO PRO A . n 
A 1 36  GLU 36  77  77  GLU GLU A . n 
A 1 37  GLU 37  78  78  GLU GLU A . n 
A 1 38  GLY 38  79  79  GLY GLY A . n 
A 1 39  LYS 39  80  80  LYS LYS A . n 
A 1 40  GLY 40  81  81  GLY GLY A . n 
A 1 41  LEU 41  82  82  LEU LEU A . n 
A 1 42  THR 42  83  83  THR THR A . n 
A 1 43  PHE 43  84  84  PHE PHE A . n 
A 1 44  VAL 44  85  85  VAL VAL A . n 
A 1 45  GLY 45  86  86  GLY GLY A . n 
A 1 46  SER 46  87  87  SER SER A . n 
A 1 47  PRO 47  88  88  PRO PRO A . n 
A 1 48  GLY 48  89  89  GLY GLY A . n 
A 1 49  VAL 49  90  90  VAL VAL A . n 
A 1 50  GLY 50  91  91  GLY GLY A . n 
A 1 51  LYS 51  92  92  LYS LYS A . n 
A 1 52  THR 52  93  93  THR THR A . n 
A 1 53  HIS 53  94  94  HIS HIS A . n 
A 1 54  LEU 54  95  95  LEU LEU A . n 
A 1 55  ALA 55  96  96  ALA ALA A . n 
A 1 56  VAL 56  97  97  VAL VAL A . n 
A 1 57  ALA 57  98  98  ALA ALA A . n 
A 1 58  THR 58  99  99  THR THR A . n 
A 1 59  LEU 59  100 100 LEU LEU A . n 
A 1 60  LYS 60  101 101 LYS LYS A . n 
A 1 61  ALA 61  102 102 ALA ALA A . n 
A 1 62  ILE 62  103 103 ILE ILE A . n 
A 1 63  TYR 63  104 104 TYR TYR A . n 
A 1 64  GLU 64  105 105 GLU GLU A . n 
A 1 65  LYS 65  106 106 LYS LYS A . n 
A 1 66  LYS 66  107 107 LYS LYS A . n 
A 1 67  GLY 67  108 108 GLY GLY A . n 
A 1 68  ILE 68  109 109 ILE ILE A . n 
A 1 69  ARG 69  110 110 ARG ARG A . n 
A 1 70  GLY 70  111 111 GLY GLY A . n 
A 1 71  TYR 71  112 112 TYR TYR A . n 
A 1 72  PHE 72  113 113 PHE PHE A . n 
A 1 73  PHE 73  114 114 PHE PHE A . n 
A 1 74  ASP 74  115 115 ASP ASP A . n 
A 1 75  THR 75  116 116 THR THR A . n 
A 1 76  LYS 76  117 117 LYS LYS A . n 
A 1 77  ASP 77  118 118 ASP ASP A . n 
A 1 78  LEU 78  119 119 LEU LEU A . n 
A 1 79  ILE 79  120 120 ILE ILE A . n 
A 1 80  PHE 80  121 121 PHE PHE A . n 
A 1 81  ARG 81  122 122 ARG ARG A . n 
A 1 82  LEU 82  123 123 LEU LEU A . n 
A 1 83  LYS 83  124 124 LYS LYS A . n 
A 1 84  HIS 84  125 125 HIS HIS A . n 
A 1 85  LEU 85  126 126 LEU LEU A . n 
A 1 86  MSE 86  127 127 MSE MSE A . n 
A 1 87  ASP 87  128 128 ASP ASP A . n 
A 1 88  GLU 88  129 129 GLU GLU A . n 
A 1 89  GLY 89  130 130 GLY GLY A . n 
A 1 90  LYS 90  131 131 LYS LYS A . n 
A 1 91  ASP 91  132 132 ASP ASP A . n 
A 1 92  THR 92  133 133 THR THR A . n 
A 1 93  LYS 93  134 134 LYS LYS A . n 
A 1 94  PHE 94  135 135 PHE PHE A . n 
A 1 95  LEU 95  136 136 LEU LEU A . n 
A 1 96  LYS 96  137 137 LYS LYS A . n 
A 1 97  THR 97  138 138 THR THR A . n 
A 1 98  VAL 98  139 139 VAL VAL A . n 
A 1 99  LEU 99  140 140 LEU LEU A . n 
A 1 100 ASN 100 141 141 ASN ASN A . n 
A 1 101 SER 101 142 142 SER SER A . n 
A 1 102 PRO 102 143 143 PRO PRO A . n 
A 1 103 VAL 103 144 144 VAL VAL A . n 
A 1 104 LEU 104 145 145 LEU LEU A . n 
A 1 105 VAL 105 146 146 VAL VAL A . n 
A 1 106 LEU 106 147 147 LEU LEU A . n 
A 1 107 ASP 107 148 148 ASP ASP A . n 
A 1 108 ASP 108 149 149 ASP ASP A . n 
A 1 109 LEU 109 150 150 LEU LEU A . n 
A 1 110 GLY 110 151 151 GLY GLY A . n 
A 1 111 SER 111 152 152 SER SER A . n 
A 1 112 GLU 112 153 153 GLU GLU A . n 
A 1 113 ARG 113 154 154 ARG ARG A . n 
A 1 114 LEU 114 155 155 LEU LEU A . n 
A 1 115 SER 115 156 156 SER SER A . n 
A 1 116 ASP 116 157 157 ASP ASP A . n 
A 1 117 TRP 117 158 158 TRP TRP A . n 
A 1 118 GLN 118 159 159 GLN GLN A . n 
A 1 119 ARG 119 160 160 ARG ARG A . n 
A 1 120 GLU 120 161 161 GLU GLU A . n 
A 1 121 LEU 121 162 162 LEU LEU A . n 
A 1 122 ILE 122 163 163 ILE ILE A . n 
A 1 123 SER 123 164 164 SER SER A . n 
A 1 124 TYR 124 165 165 TYR TYR A . n 
A 1 125 ILE 125 166 166 ILE ILE A . n 
A 1 126 ILE 126 167 167 ILE ILE A . n 
A 1 127 THR 127 168 168 THR THR A . n 
A 1 128 TYR 128 169 169 TYR TYR A . n 
A 1 129 ARG 129 170 170 ARG ARG A . n 
A 1 130 TYR 130 171 171 TYR TYR A . n 
A 1 131 ASN 131 172 172 ASN ASN A . n 
A 1 132 ASN 132 173 173 ASN ASN A . n 
A 1 133 LEU 133 174 174 LEU LEU A . n 
A 1 134 LYS 134 175 175 LYS LYS A . n 
A 1 135 SER 135 176 176 SER SER A . n 
A 1 136 THR 136 177 177 THR THR A . n 
A 1 137 ILE 137 178 178 ILE ILE A . n 
A 1 138 ILE 138 179 179 ILE ILE A . n 
A 1 139 THR 139 180 180 THR THR A . n 
A 1 140 THR 140 181 181 THR THR A . n 
A 1 141 ASN 141 182 182 ASN ASN A . n 
A 1 142 TYR 142 183 183 TYR TYR A . n 
A 1 143 SER 143 184 184 SER SER A . n 
A 1 144 LEU 144 185 185 LEU LEU A . n 
A 1 145 GLN 145 186 186 GLN GLN A . n 
A 1 146 ARG 146 187 187 ARG ARG A . n 
A 1 147 GLU 147 188 ?   ?   ?   A . n 
A 1 148 GLU 148 189 ?   ?   ?   A . n 
A 1 149 GLU 149 190 ?   ?   ?   A . n 
A 1 150 SER 150 191 191 SER SER A . n 
A 1 151 SER 151 192 192 SER SER A . n 
A 1 152 VAL 152 193 193 VAL VAL A . n 
A 1 153 ARG 153 194 194 ARG ARG A . n 
A 1 154 ILE 154 195 195 ILE ILE A . n 
A 1 155 SER 155 196 196 SER SER A . n 
A 1 156 ALA 156 197 197 ALA ALA A . n 
A 1 157 ASP 157 198 198 ASP ASP A . n 
A 1 158 LEU 158 199 199 LEU LEU A . n 
A 1 159 ALA 159 200 200 ALA ALA A . n 
A 1 160 SER 160 201 201 SER SER A . n 
A 1 161 ARG 161 202 202 ARG ARG A . n 
A 1 162 LEU 162 203 203 LEU LEU A . n 
A 1 163 GLY 163 204 204 GLY GLY A . n 
A 1 164 GLU 164 205 205 GLU GLU A . n 
A 1 165 ASN 165 206 206 ASN ASN A . n 
A 1 166 VAL 166 207 207 VAL VAL A . n 
A 1 167 VAL 167 208 208 VAL VAL A . n 
A 1 168 SER 168 209 209 SER SER A . n 
A 1 169 LYS 169 210 210 LYS LYS A . n 
A 1 170 ILE 170 211 211 ILE ILE A . n 
A 1 171 TYR 171 212 212 TYR TYR A . n 
A 1 172 GLU 172 213 213 GLU GLU A . n 
A 1 173 MSE 173 214 214 MSE MSE A . n 
A 1 174 ASN 174 215 215 ASN ASN A . n 
A 1 175 GLU 175 216 216 GLU GLU A . n 
A 1 176 LEU 176 217 217 LEU LEU A . n 
A 1 177 LEU 177 218 218 LEU LEU A . n 
A 1 178 VAL 178 219 219 VAL VAL A . n 
A 1 179 ILE 179 220 220 ILE ILE A . n 
A 1 180 LYS 180 221 221 LYS LYS A . n 
# 
loop_
_pdbx_nonpoly_scheme.asym_id 
_pdbx_nonpoly_scheme.entity_id 
_pdbx_nonpoly_scheme.mon_id 
_pdbx_nonpoly_scheme.ndb_seq_num 
_pdbx_nonpoly_scheme.pdb_seq_num 
_pdbx_nonpoly_scheme.auth_seq_num 
_pdbx_nonpoly_scheme.pdb_mon_id 
_pdbx_nonpoly_scheme.auth_mon_id 
_pdbx_nonpoly_scheme.pdb_strand_id 
_pdbx_nonpoly_scheme.pdb_ins_code 
B 2 ADP 1  222 222 ADP ADP A . 
C 3 MG  1  300 300 MG  MG  A . 
D 4 HOH 1  2   2   HOH WAT A . 
D 4 HOH 2  3   3   HOH WAT A . 
D 4 HOH 3  4   4   HOH WAT A . 
D 4 HOH 4  5   5   HOH WAT A . 
D 4 HOH 5  6   6   HOH WAT A . 
D 4 HOH 6  7   7   HOH WAT A . 
D 4 HOH 7  8   8   HOH WAT A . 
D 4 HOH 8  9   9   HOH WAT A . 
D 4 HOH 9  10  10  HOH WAT A . 
D 4 HOH 10 11  11  HOH WAT A . 
D 4 HOH 11 12  12  HOH WAT A . 
D 4 HOH 12 13  13  HOH WAT A . 
D 4 HOH 13 14  14  HOH WAT A . 
D 4 HOH 14 15  15  HOH WAT A . 
D 4 HOH 15 16  16  HOH WAT A . 
D 4 HOH 16 17  17  HOH WAT A . 
D 4 HOH 17 18  18  HOH WAT A . 
D 4 HOH 18 19  19  HOH WAT A . 
D 4 HOH 19 20  20  HOH WAT A . 
D 4 HOH 20 21  21  HOH WAT A . 
D 4 HOH 21 22  22  HOH WAT A . 
D 4 HOH 22 23  23  HOH WAT A . 
D 4 HOH 23 24  24  HOH WAT A . 
D 4 HOH 24 25  25  HOH WAT A . 
D 4 HOH 25 26  26  HOH WAT A . 
D 4 HOH 26 27  27  HOH WAT A . 
D 4 HOH 27 28  28  HOH WAT A . 
D 4 HOH 28 29  29  HOH WAT A . 
D 4 HOH 29 30  30  HOH WAT A . 
D 4 HOH 30 31  31  HOH WAT A . 
D 4 HOH 31 32  32  HOH WAT A . 
D 4 HOH 32 33  33  HOH WAT A . 
D 4 HOH 33 34  34  HOH WAT A . 
D 4 HOH 34 35  35  HOH WAT A . 
D 4 HOH 35 36  36  HOH WAT A . 
D 4 HOH 36 37  37  HOH WAT A . 
D 4 HOH 37 38  38  HOH WAT A . 
D 4 HOH 38 39  39  HOH WAT A . 
D 4 HOH 39 40  40  HOH WAT A . 
D 4 HOH 40 41  41  HOH WAT A . 
D 4 HOH 41 223 42  HOH WAT A . 
D 4 HOH 42 224 43  HOH WAT A . 
D 4 HOH 43 225 44  HOH WAT A . 
D 4 HOH 44 226 45  HOH WAT A . 
D 4 HOH 45 227 46  HOH WAT A . 
D 4 HOH 46 228 47  HOH WAT A . 
D 4 HOH 47 229 48  HOH WAT A . 
# 
loop_
_software.name 
_software.version 
_software.date 
_software.type 
_software.contact_author 
_software.contact_author_email 
_software.classification 
_software.location 
_software.language 
_software.citation_id 
_software.pdbx_ordinal 
DENZO       .     ?               package 'Zbyszek Otwinowski' hkl@hkl-xray.com      'data reduction'  http://www.hkl-xray.com/ ? 
? 1 
SCALEPACK   .     ?               package 'Zbyszek Otwinowski' hkl@hkl-xray.com      'data scaling'    http://www.hkl-xray.com/ ? 
? 2 
REFMAC      .     ?               program 'Garib N. Murshudov' garib@ysbl.york.ac.uk refinement        
http://www.ccp4.ac.uk/dist/html/refmac5.html Fortran_77 ? 3 
PDB_EXTRACT 3.006 'June 11, 2008' package PDB                  help@deposit.rcsb.org 'data extraction' 
http://sw-tools.pdb.org/apps/PDB_EXTRACT/    C++        ? 4 
ELVES       .     ?               ?       ?                    ?                     refinement        ? ?          ? 5 
SOLVE       .     ?               ?       ?                    ?                     phasing           ? ?          ? 6 
# 
_cell.entry_id           3EC2 
_cell.length_a           84.492 
_cell.length_b           84.492 
_cell.length_c           51.113 
_cell.angle_alpha        90.00 
_cell.angle_beta         90.00 
_cell.angle_gamma        120.00 
_cell.Z_PDB              6 
_cell.pdbx_unique_axis   ? 
_cell.length_a_esd       ? 
_cell.length_b_esd       ? 
_cell.length_c_esd       ? 
_cell.angle_alpha_esd    ? 
_cell.angle_beta_esd     ? 
_cell.angle_gamma_esd    ? 
# 
_symmetry.entry_id                         3EC2 
_symmetry.space_group_name_H-M             'P 61' 
_symmetry.pdbx_full_space_group_name_H-M   ? 
_symmetry.cell_setting                     ? 
_symmetry.Int_Tables_number                169 
_symmetry.space_group_name_Hall            ? 
# 
_exptl.crystals_number   1 
_exptl.entry_id          3EC2 
_exptl.method            'X-RAY DIFFRACTION' 
# 
_exptl_crystal.id                    1 
_exptl_crystal.density_Matthews      2.53 
_exptl_crystal.density_meas          ? 
_exptl_crystal.density_percent_sol   51.39 
_exptl_crystal.description           ? 
_exptl_crystal.F_000                 ? 
_exptl_crystal.preparation           ? 
# 
_exptl_crystal_grow.crystal_id      1 
_exptl_crystal_grow.method          'VAPOR DIFFUSION, HANGING DROP' 
_exptl_crystal_grow.pH              8.0 
_exptl_crystal_grow.temp            294 
_exptl_crystal_grow.temp_details    ? 
_exptl_crystal_grow.pdbx_details    '50mM Tris, 1% PEG 6K, 1mM TCEP, pH 8.0, VAPOR DIFFUSION, HANGING DROP, temperature 294K' 
_exptl_crystal_grow.pdbx_pH_range   ? 
# 
_diffrn.id                     1 
_diffrn.ambient_temp           100 
_diffrn.ambient_temp_details   ? 
_diffrn.crystal_id             1 
# 
_diffrn_detector.diffrn_id              1 
_diffrn_detector.detector               CCD 
_diffrn_detector.type                   'ADSC QUANTUM 210' 
_diffrn_detector.pdbx_collection_date   2005-06-16 
_diffrn_detector.details                ? 
# 
_diffrn_radiation.diffrn_id                        1 
_diffrn_radiation.wavelength_id                    1 
_diffrn_radiation.pdbx_diffrn_protocol             MAD 
_diffrn_radiation.monochromator                    ? 
_diffrn_radiation.pdbx_monochromatic_or_laue_m_l   M 
_diffrn_radiation.pdbx_scattering_type             x-ray 
# 
loop_
_diffrn_radiation_wavelength.id 
_diffrn_radiation_wavelength.wavelength 
_diffrn_radiation_wavelength.wt 
1 0.9795  1.0 
2 1.11587 1.0 
# 
_diffrn_source.diffrn_id                   1 
_diffrn_source.source                      SYNCHROTRON 
_diffrn_source.type                        'ALS BEAMLINE 8.3.1' 
_diffrn_source.pdbx_wavelength             ? 
_diffrn_source.pdbx_wavelength_list        '0.9795, 1.11587' 
_diffrn_source.pdbx_synchrotron_site       ALS 
_diffrn_source.pdbx_synchrotron_beamline   8.3.1 
# 
_reflns.entry_id                     3EC2 
_reflns.observed_criterion_sigma_F   ? 
_reflns.observed_criterion_sigma_I   ? 
_reflns.d_resolution_high            2.25 
_reflns.d_resolution_low             50 
_reflns.number_all                   ? 
_reflns.number_obs                   5534 
_reflns.percent_possible_obs         ? 
_reflns.pdbx_Rmerge_I_obs            ? 
_reflns.pdbx_Rsym_value              0.05 
_reflns.pdbx_netI_over_sigmaI        ? 
_reflns.B_iso_Wilson_estimate        39.424 
_reflns.pdbx_redundancy              ? 
_reflns.R_free_details               ? 
_reflns.limit_h_max                  ? 
_reflns.limit_h_min                  ? 
_reflns.limit_k_max                  ? 
_reflns.limit_k_min                  ? 
_reflns.limit_l_max                  ? 
_reflns.limit_l_min                  ? 
_reflns.observed_criterion_F_max     ? 
_reflns.observed_criterion_F_min     ? 
_reflns.pdbx_chi_squared             ? 
_reflns.pdbx_scaling_rejects         ? 
_reflns.pdbx_diffrn_id               1 
_reflns.pdbx_ordinal                 1 
# 
_refine.entry_id                                 3EC2 
_refine.ls_wR_factor_R_work                      0.221 
_refine.ls_wR_factor_R_free                      0.282 
_refine.B_iso_mean                               67.597 
_refine.overall_SU_R_free                        0.408 
_refine.pdbx_method_to_determine_struct          ? 
_refine.overall_FOM_work_R_set                   0.761 
_refine.B_iso_max                                111.26 
_refine.B_iso_min                                21.88 
_refine.occupancy_max                            1.00 
_refine.occupancy_min                            1.00 
_refine.ls_d_res_high                            2.7 
_refine.ls_d_res_low                             50 
_refine.pdbx_ls_sigma_F                          0.00 
_refine.pdbx_ls_sigma_I                          ? 
_refine.ls_number_reflns_all                     5534 
_refine.ls_number_reflns_obs                     5534 
_refine.ls_number_reflns_R_free                  265 
_refine.ls_percent_reflns_obs                    100 
_refine.ls_R_factor_all                          ? 
_refine.ls_R_factor_obs                          ? 
_refine.ls_R_factor_R_work                       0.233 
_refine.ls_R_factor_R_free                       0.278 
_refine.ls_redundancy_reflns_obs                 ? 
_refine.pdbx_data_cutoff_high_absF               ? 
_refine.pdbx_data_cutoff_low_absF                ? 
_refine.ls_number_parameters                     ? 
_refine.ls_number_restraints                     ? 
_refine.ls_percent_reflns_R_free                 ? 
_refine.ls_R_factor_R_free_error                 ? 
_refine.ls_R_factor_R_free_error_details         ? 
_refine.pdbx_starting_model                      ? 
_refine.pdbx_ls_cross_valid_method               THROUGHOUT 
_refine.pdbx_R_Free_selection_details            random 
_refine.pdbx_stereochem_target_val_spec_case     ? 
_refine.pdbx_stereochemistry_target_values       ? 
_refine.solvent_model_details                    ? 
_refine.solvent_model_param_bsol                 ? 
_refine.solvent_model_param_ksol                 ? 
_refine.pdbx_isotropic_thermal_model             ? 
_refine.aniso_B[1][1]                            ? 
_refine.aniso_B[1][2]                            ? 
_refine.aniso_B[1][3]                            ? 
_refine.aniso_B[2][2]                            ? 
_refine.aniso_B[2][3]                            ? 
_refine.aniso_B[3][3]                            ? 
_refine.details                                  ? 
_refine.correlation_coeff_Fo_to_Fc               ? 
_refine.correlation_coeff_Fo_to_Fc_free          ? 
_refine.pdbx_solvent_vdw_probe_radii             ? 
_refine.pdbx_solvent_ion_probe_radii             ? 
_refine.pdbx_solvent_shrinkage_radii             ? 
_refine.overall_SU_R_Cruickshank_DPI             ? 
_refine.overall_SU_ML                            ? 
_refine.overall_SU_B                             ? 
_refine.pdbx_overall_ESU_R_Free                  ? 
_refine.pdbx_data_cutoff_high_rms_absF           ? 
_refine.pdbx_overall_ESU_R                       ? 
_refine.overall_FOM_free_R_set                   ? 
_refine.pdbx_overall_phase_error                 ? 
_refine.pdbx_refine_id                           'X-RAY DIFFRACTION' 
_refine.pdbx_diffrn_id                           1 
_refine.pdbx_TLS_residual_ADP_flag               ? 
_refine.pdbx_overall_SU_R_free_Cruickshank_DPI   ? 
_refine.pdbx_overall_SU_R_Blow_DPI               ? 
_refine.pdbx_overall_SU_R_free_Blow_DPI          ? 
# 
_refine_hist.pdbx_refine_id                   'X-RAY DIFFRACTION' 
_refine_hist.cycle_id                         LAST 
_refine_hist.pdbx_number_atoms_protein        1434 
_refine_hist.pdbx_number_atoms_nucleic_acid   0 
_refine_hist.pdbx_number_atoms_ligand         28 
_refine_hist.number_atoms_solvent             47 
_refine_hist.number_atoms_total               1509 
_refine_hist.d_res_high                       2.7 
_refine_hist.d_res_low                        50 
# 
loop_
_refine_ls_restr.type 
_refine_ls_restr.dev_ideal 
_refine_ls_restr.dev_ideal_target 
_refine_ls_restr.number 
_refine_ls_restr.weight 
_refine_ls_restr.pdbx_refine_id 
_refine_ls_restr.pdbx_restraint_function 
r_bond_refined_d    0.019 ? ? ? 'X-RAY DIFFRACTION' ? 
r_angle_refined_deg 1.985 ? ? ? 'X-RAY DIFFRACTION' ? 
# 
_struct.entry_id                  3EC2 
_struct.title                     'Crystal structure of the DnaC helicase loader' 
_struct.pdbx_model_details        ? 
_struct.pdbx_CASP_flag            ? 
_struct.pdbx_model_type_details   ? 
# 
_struct_keywords.entry_id        3EC2 
_struct_keywords.pdbx_keywords   REPLICATION 
_struct_keywords.text            'helicase loader, replication initiation factor, ATP-binding, Nucleotide-binding, REPLICATION' 
# 
loop_
_struct_asym.id 
_struct_asym.pdbx_blank_PDB_chainid_flag 
_struct_asym.pdbx_modified 
_struct_asym.entity_id 
_struct_asym.details 
A N N 1 ? 
B N N 2 ? 
C N N 3 ? 
D N N 4 ? 
# 
_struct_ref.id                         1 
_struct_ref.db_name                    UNP 
_struct_ref.db_code                    O67056_AQUAE 
_struct_ref.pdbx_db_accession          O67056 
_struct_ref.entity_id                  1 
_struct_ref.pdbx_seq_one_letter_code   
;KRYWNANLDTYHPKNVSQNRALLTIRVFVHNFNPEEGKGLTFVGSPGVGKTHLAVATLKAIYEKKGIRGYFFDTKDLIFR
LKHLMDEGKDTKFLKTVLNSPVLVLDDLGSERLSDWQRELISYIITYRYNNLKSTIITTNYSLQREEESSVRISADLASR
LGENVVSKIYEMNELLVIK
;
_struct_ref.pdbx_align_begin           43 
_struct_ref.pdbx_db_isoform            ? 
# 
_struct_ref_seq.align_id                      1 
_struct_ref_seq.ref_id                        1 
_struct_ref_seq.pdbx_PDB_id_code              3EC2 
_struct_ref_seq.pdbx_strand_id                A 
_struct_ref_seq.seq_align_beg                 2 
_struct_ref_seq.pdbx_seq_align_beg_ins_code   ? 
_struct_ref_seq.seq_align_end                 180 
_struct_ref_seq.pdbx_seq_align_end_ins_code   ? 
_struct_ref_seq.pdbx_db_accession             O67056 
_struct_ref_seq.db_align_beg                  43 
_struct_ref_seq.pdbx_db_align_beg_ins_code    ? 
_struct_ref_seq.db_align_end                  221 
_struct_ref_seq.pdbx_db_align_end_ins_code    ? 
_struct_ref_seq.pdbx_auth_seq_align_beg       43 
_struct_ref_seq.pdbx_auth_seq_align_end       221 
# 
_struct_ref_seq_dif.align_id                     1 
_struct_ref_seq_dif.pdbx_pdb_id_code             3EC2 
_struct_ref_seq_dif.mon_id                       ALA 
_struct_ref_seq_dif.pdbx_pdb_strand_id           A 
_struct_ref_seq_dif.seq_num                      1 
_struct_ref_seq_dif.pdbx_pdb_ins_code            ? 
_struct_ref_seq_dif.pdbx_seq_db_name             UNP 
_struct_ref_seq_dif.pdbx_seq_db_accession_code   O67056 
_struct_ref_seq_dif.db_mon_id                    ? 
_struct_ref_seq_dif.pdbx_seq_db_seq_num          ? 
_struct_ref_seq_dif.details                      'expression tag' 
_struct_ref_seq_dif.pdbx_auth_seq_num            42 
_struct_ref_seq_dif.pdbx_ordinal                 1 
# 
_pdbx_struct_assembly.id                   1 
_pdbx_struct_assembly.details              author_and_software_defined_assembly 
_pdbx_struct_assembly.method_details       PISA 
_pdbx_struct_assembly.oligomeric_details   monomeric 
_pdbx_struct_assembly.oligomeric_count     1 
# 
_pdbx_struct_assembly_gen.assembly_id       1 
_pdbx_struct_assembly_gen.oper_expression   1 
_pdbx_struct_assembly_gen.asym_id_list      A,B,C,D 
# 
_pdbx_struct_oper_list.id                   1 
_pdbx_struct_oper_list.type                 'identity operation' 
_pdbx_struct_oper_list.name                 1_555 
_pdbx_struct_oper_list.symmetry_operation   x,y,z 
_pdbx_struct_oper_list.matrix[1][1]         1.0000000000 
_pdbx_struct_oper_list.matrix[1][2]         0.0000000000 
_pdbx_struct_oper_list.matrix[1][3]         0.0000000000 
_pdbx_struct_oper_list.vector[1]            0.0000000000 
_pdbx_struct_oper_list.matrix[2][1]         0.0000000000 
_pdbx_struct_oper_list.matrix[2][2]         1.0000000000 
_pdbx_struct_oper_list.matrix[2][3]         0.0000000000 
_pdbx_struct_oper_list.vector[2]            0.0000000000 
_pdbx_struct_oper_list.matrix[3][1]         0.0000000000 
_pdbx_struct_oper_list.matrix[3][2]         0.0000000000 
_pdbx_struct_oper_list.matrix[3][3]         1.0000000000 
_pdbx_struct_oper_list.vector[3]            0.0000000000 
# 
_struct_biol.id        1 
_struct_biol.details   ? 
# 
loop_
_struct_conf.conf_type_id 
_struct_conf.id 
_struct_conf.pdbx_PDB_helix_id 
_struct_conf.beg_label_comp_id 
_struct_conf.beg_label_asym_id 
_struct_conf.beg_label_seq_id 
_struct_conf.pdbx_beg_PDB_ins_code 
_struct_conf.end_label_comp_id 
_struct_conf.end_label_asym_id 
_struct_conf.end_label_seq_id 
_struct_conf.pdbx_end_PDB_ins_code 
_struct_conf.beg_auth_comp_id 
_struct_conf.beg_auth_asym_id 
_struct_conf.beg_auth_seq_id 
_struct_conf.end_auth_comp_id 
_struct_conf.end_auth_asym_id 
_struct_conf.end_auth_seq_id 
_struct_conf.pdbx_PDB_helix_class 
_struct_conf.details 
_struct_conf.pdbx_PDB_helix_length 
HELX_P HELX_P1 1 ASN A 16  ? ASN A 32  ? ASN A 57  ASN A 73  1 ? 17 
HELX_P HELX_P2 2 ASN A 34  ? GLY A 38  ? ASN A 75  GLY A 79  5 ? 5  
HELX_P HELX_P3 3 GLY A 50  ? LYS A 66  ? GLY A 91  LYS A 107 1 ? 17 
HELX_P HELX_P4 4 THR A 75  ? GLY A 89  ? THR A 116 GLY A 130 1 ? 15 
HELX_P HELX_P5 5 THR A 92  ? ASN A 100 ? THR A 133 ASN A 141 1 ? 9  
HELX_P HELX_P6 6 SER A 115 ? ASN A 132 ? SER A 156 ASN A 173 1 ? 18 
HELX_P HELX_P7 7 SER A 150 ? GLY A 163 ? SER A 191 GLY A 204 1 ? 14 
HELX_P HELX_P8 8 GLY A 163 ? MSE A 173 ? GLY A 204 MSE A 214 1 ? 11 
# 
_struct_conf_type.id          HELX_P 
_struct_conf_type.criteria    ? 
_struct_conf_type.reference   ? 
# 
loop_
_struct_conn.id 
_struct_conn.conn_type_id 
_struct_conn.pdbx_leaving_atom_flag 
_struct_conn.pdbx_PDB_id 
_struct_conn.ptnr1_label_asym_id 
_struct_conn.ptnr1_label_comp_id 
_struct_conn.ptnr1_label_seq_id 
_struct_conn.ptnr1_label_atom_id 
_struct_conn.pdbx_ptnr1_label_alt_id 
_struct_conn.pdbx_ptnr1_PDB_ins_code 
_struct_conn.pdbx_ptnr1_standard_comp_id 
_struct_conn.ptnr1_symmetry 
_struct_conn.ptnr2_label_asym_id 
_struct_conn.ptnr2_label_comp_id 
_struct_conn.ptnr2_label_seq_id 
_struct_conn.ptnr2_label_atom_id 
_struct_conn.pdbx_ptnr2_label_alt_id 
_struct_conn.pdbx_ptnr2_PDB_ins_code 
_struct_conn.ptnr1_auth_asym_id 
_struct_conn.ptnr1_auth_comp_id 
_struct_conn.ptnr1_auth_seq_id 
_struct_conn.ptnr2_auth_asym_id 
_struct_conn.ptnr2_auth_comp_id 
_struct_conn.ptnr2_auth_seq_id 
_struct_conn.ptnr2_symmetry 
_struct_conn.pdbx_ptnr3_label_atom_id 
_struct_conn.pdbx_ptnr3_label_seq_id 
_struct_conn.pdbx_ptnr3_label_comp_id 
_struct_conn.pdbx_ptnr3_label_asym_id 
_struct_conn.pdbx_ptnr3_label_alt_id 
_struct_conn.pdbx_ptnr3_PDB_ins_code 
_struct_conn.details 
_struct_conn.pdbx_dist_value 
_struct_conn.pdbx_value_order 
_struct_conn.pdbx_role 
covale1 covale both ? A LEU 85  C ? ? ? 1_555 A MSE 86  N ? ? A LEU 126 A MSE 127 1_555 ? ? ? ? ? ? ? 1.327 ? ? 
covale2 covale both ? A MSE 86  C ? ? ? 1_555 A ASP 87  N ? ? A MSE 127 A ASP 128 1_555 ? ? ? ? ? ? ? 1.314 ? ? 
covale3 covale both ? A GLU 172 C ? ? ? 1_555 A MSE 173 N ? ? A GLU 213 A MSE 214 1_555 ? ? ? ? ? ? ? 1.313 ? ? 
covale4 covale both ? A MSE 173 C ? ? ? 1_555 A ASN 174 N ? ? A MSE 214 A ASN 215 1_555 ? ? ? ? ? ? ? 1.316 ? ? 
# 
_struct_conn_type.id          covale 
_struct_conn_type.criteria    ? 
_struct_conn_type.reference   ? 
# 
loop_
_pdbx_modification_feature.ordinal 
_pdbx_modification_feature.label_comp_id 
_pdbx_modification_feature.label_asym_id 
_pdbx_modification_feature.label_seq_id 
_pdbx_modification_feature.label_alt_id 
_pdbx_modification_feature.modified_residue_label_comp_id 
_pdbx_modification_feature.modified_residue_label_asym_id 
_pdbx_modification_feature.modified_residue_label_seq_id 
_pdbx_modification_feature.modified_residue_label_alt_id 
_pdbx_modification_feature.auth_comp_id 
_pdbx_modification_feature.auth_asym_id 
_pdbx_modification_feature.auth_seq_id 
_pdbx_modification_feature.PDB_ins_code 
_pdbx_modification_feature.symmetry 
_pdbx_modification_feature.modified_residue_auth_comp_id 
_pdbx_modification_feature.modified_residue_auth_asym_id 
_pdbx_modification_feature.modified_residue_auth_seq_id 
_pdbx_modification_feature.modified_residue_PDB_ins_code 
_pdbx_modification_feature.modified_residue_symmetry 
_pdbx_modification_feature.comp_id_linking_atom 
_pdbx_modification_feature.modified_residue_id_linking_atom 
_pdbx_modification_feature.modified_residue_id 
_pdbx_modification_feature.ref_pcm_id 
_pdbx_modification_feature.ref_comp_id 
_pdbx_modification_feature.type 
_pdbx_modification_feature.category 
1 MSE A 86  ? . . . . MSE A 127 ? 1_555 . . . . . . . MET 1 MSE Selenomethionine 'Named protein modification' 
2 MSE A 173 ? . . . . MSE A 214 ? 1_555 . . . . . . . MET 1 MSE Selenomethionine 'Named protein modification' 
# 
_struct_sheet.id               A 
_struct_sheet.type             ? 
_struct_sheet.number_strands   5 
_struct_sheet.details          ? 
# 
loop_
_struct_sheet_order.sheet_id 
_struct_sheet_order.range_id_1 
_struct_sheet_order.range_id_2 
_struct_sheet_order.offset 
_struct_sheet_order.sense 
A 1 2 ? parallel 
A 2 3 ? parallel 
A 3 4 ? parallel 
A 4 5 ? parallel 
# 
loop_
_struct_sheet_range.sheet_id 
_struct_sheet_range.id 
_struct_sheet_range.beg_label_comp_id 
_struct_sheet_range.beg_label_asym_id 
_struct_sheet_range.beg_label_seq_id 
_struct_sheet_range.pdbx_beg_PDB_ins_code 
_struct_sheet_range.end_label_comp_id 
_struct_sheet_range.end_label_asym_id 
_struct_sheet_range.end_label_seq_id 
_struct_sheet_range.pdbx_end_PDB_ins_code 
_struct_sheet_range.beg_auth_comp_id 
_struct_sheet_range.beg_auth_asym_id 
_struct_sheet_range.beg_auth_seq_id 
_struct_sheet_range.end_auth_comp_id 
_struct_sheet_range.end_auth_asym_id 
_struct_sheet_range.end_auth_seq_id 
A 1 PHE A 72  ? ASP A 74  ? PHE A 113 ASP A 115 
A 2 VAL A 103 ? ASP A 107 ? VAL A 144 ASP A 148 
A 3 SER A 135 ? THR A 139 ? SER A 176 THR A 180 
A 4 GLY A 40  ? PHE A 43  ? GLY A 81  PHE A 84  
A 5 ASN A 174 ? LEU A 177 ? ASN A 215 LEU A 218 
# 
loop_
_pdbx_struct_sheet_hbond.sheet_id 
_pdbx_struct_sheet_hbond.range_id_1 
_pdbx_struct_sheet_hbond.range_id_2 
_pdbx_struct_sheet_hbond.range_1_label_atom_id 
_pdbx_struct_sheet_hbond.range_1_label_comp_id 
_pdbx_struct_sheet_hbond.range_1_label_asym_id 
_pdbx_struct_sheet_hbond.range_1_label_seq_id 
_pdbx_struct_sheet_hbond.range_1_PDB_ins_code 
_pdbx_struct_sheet_hbond.range_1_auth_atom_id 
_pdbx_struct_sheet_hbond.range_1_auth_comp_id 
_pdbx_struct_sheet_hbond.range_1_auth_asym_id 
_pdbx_struct_sheet_hbond.range_1_auth_seq_id 
_pdbx_struct_sheet_hbond.range_2_label_atom_id 
_pdbx_struct_sheet_hbond.range_2_label_comp_id 
_pdbx_struct_sheet_hbond.range_2_label_asym_id 
_pdbx_struct_sheet_hbond.range_2_label_seq_id 
_pdbx_struct_sheet_hbond.range_2_PDB_ins_code 
_pdbx_struct_sheet_hbond.range_2_auth_atom_id 
_pdbx_struct_sheet_hbond.range_2_auth_comp_id 
_pdbx_struct_sheet_hbond.range_2_auth_asym_id 
_pdbx_struct_sheet_hbond.range_2_auth_seq_id 
A 1 2 N PHE A 73  ? N PHE A 114 O ASP A 107 ? O ASP A 148 
A 2 3 N LEU A 104 ? N LEU A 145 O ILE A 137 ? O ILE A 178 
A 3 4 O ILE A 138 ? O ILE A 179 N PHE A 43  ? N PHE A 84  
A 4 5 N THR A 42  ? N THR A 83  O LEU A 177 ? O LEU A 218 
# 
loop_
_struct_site.id 
_struct_site.pdbx_evidence_code 
_struct_site.pdbx_auth_asym_id 
_struct_site.pdbx_auth_comp_id 
_struct_site.pdbx_auth_seq_id 
_struct_site.pdbx_auth_ins_code 
_struct_site.pdbx_num_residues 
_struct_site.details 
AC1 Software A ADP 222 ? 16 'BINDING SITE FOR RESIDUE ADP A 222' 
AC2 Software A MG  300 ? 3  'BINDING SITE FOR RESIDUE MG A 300'  
# 
loop_
_struct_site_gen.id 
_struct_site_gen.site_id 
_struct_site_gen.pdbx_num_res 
_struct_site_gen.label_comp_id 
_struct_site_gen.label_asym_id 
_struct_site_gen.label_seq_id 
_struct_site_gen.pdbx_auth_ins_code 
_struct_site_gen.auth_comp_id 
_struct_site_gen.auth_asym_id 
_struct_site_gen.auth_seq_id 
_struct_site_gen.label_atom_id 
_struct_site_gen.label_alt_id 
_struct_site_gen.symmetry 
_struct_site_gen.details 
1  AC1 16 HOH D .   ? HOH A 7   . ? 1_555 ? 
2  AC1 16 TYR A 4   ? TYR A 45  . ? 1_555 ? 
3  AC1 16 THR A 11  ? THR A 52  . ? 1_555 ? 
4  AC1 16 TYR A 12  ? TYR A 53  . ? 1_555 ? 
5  AC1 16 HIS A 13  ? HIS A 54  . ? 1_555 ? 
6  AC1 16 GLN A 19  ? GLN A 60  . ? 1_555 ? 
7  AC1 16 GLY A 48  ? GLY A 89  . ? 1_555 ? 
8  AC1 16 VAL A 49  ? VAL A 90  . ? 1_555 ? 
9  AC1 16 GLY A 50  ? GLY A 91  . ? 1_555 ? 
10 AC1 16 LYS A 51  ? LYS A 92  . ? 1_555 ? 
11 AC1 16 THR A 52  ? THR A 93  . ? 1_555 ? 
12 AC1 16 HIS A 53  ? HIS A 94  . ? 1_555 ? 
13 AC1 16 TYR A 130 ? TYR A 171 . ? 5_554 ? 
14 AC1 16 GLU A 172 ? GLU A 213 . ? 5_554 ? 
15 AC1 16 HOH D .   ? HOH A 229 . ? 1_555 ? 
16 AC1 16 MG  C .   ? MG  A 300 . ? 1_555 ? 
17 AC2 3  THR A 52  ? THR A 93  . ? 1_555 ? 
18 AC2 3  ASP A 107 ? ASP A 148 . ? 1_555 ? 
19 AC2 3  ADP B .   ? ADP A 222 . ? 1_555 ? 
# 
_pdbx_entry_details.entry_id                   3EC2 
_pdbx_entry_details.compound_details           ? 
_pdbx_entry_details.source_details             ? 
_pdbx_entry_details.nonpolymer_details         ? 
_pdbx_entry_details.sequence_details           ? 
_pdbx_entry_details.has_ligand_of_interest     ? 
_pdbx_entry_details.has_protein_modification   Y 
# 
loop_
_pdbx_validate_close_contact.id 
_pdbx_validate_close_contact.PDB_model_num 
_pdbx_validate_close_contact.auth_atom_id_1 
_pdbx_validate_close_contact.auth_asym_id_1 
_pdbx_validate_close_contact.auth_comp_id_1 
_pdbx_validate_close_contact.auth_seq_id_1 
_pdbx_validate_close_contact.PDB_ins_code_1 
_pdbx_validate_close_contact.label_alt_id_1 
_pdbx_validate_close_contact.auth_atom_id_2 
_pdbx_validate_close_contact.auth_asym_id_2 
_pdbx_validate_close_contact.auth_comp_id_2 
_pdbx_validate_close_contact.auth_seq_id_2 
_pdbx_validate_close_contact.PDB_ins_code_2 
_pdbx_validate_close_contact.label_alt_id_2 
_pdbx_validate_close_contact.dist 
1 1 O   A VAL 85  ? ? CD  A LYS 92  ? ? 1.73 
2 1 CD1 A LEU 126 ? ? OD2 A ASP 132 ? ? 1.74 
3 1 CE1 A TYR 169 ? ? ND2 A ASN 173 ? ? 1.84 
4 1 O   A SER 192 ? ? O   A HOH 17  ? ? 2.06 
5 1 CD1 A LEU 126 ? ? CG  A ASP 132 ? ? 2.16 
6 1 CA  A ALA 102 ? ? OE2 A GLU 105 ? ? 2.17 
7 1 NE  A ARG 160 ? ? O   A ARG 202 ? ? 2.19 
# 
loop_
_pdbx_validate_rmsd_angle.id 
_pdbx_validate_rmsd_angle.PDB_model_num 
_pdbx_validate_rmsd_angle.auth_atom_id_1 
_pdbx_validate_rmsd_angle.auth_asym_id_1 
_pdbx_validate_rmsd_angle.auth_comp_id_1 
_pdbx_validate_rmsd_angle.auth_seq_id_1 
_pdbx_validate_rmsd_angle.PDB_ins_code_1 
_pdbx_validate_rmsd_angle.label_alt_id_1 
_pdbx_validate_rmsd_angle.auth_atom_id_2 
_pdbx_validate_rmsd_angle.auth_asym_id_2 
_pdbx_validate_rmsd_angle.auth_comp_id_2 
_pdbx_validate_rmsd_angle.auth_seq_id_2 
_pdbx_validate_rmsd_angle.PDB_ins_code_2 
_pdbx_validate_rmsd_angle.label_alt_id_2 
_pdbx_validate_rmsd_angle.auth_atom_id_3 
_pdbx_validate_rmsd_angle.auth_asym_id_3 
_pdbx_validate_rmsd_angle.auth_comp_id_3 
_pdbx_validate_rmsd_angle.auth_seq_id_3 
_pdbx_validate_rmsd_angle.PDB_ins_code_3 
_pdbx_validate_rmsd_angle.label_alt_id_3 
_pdbx_validate_rmsd_angle.angle_value 
_pdbx_validate_rmsd_angle.angle_target_value 
_pdbx_validate_rmsd_angle.angle_deviation 
_pdbx_validate_rmsd_angle.angle_standard_deviation 
_pdbx_validate_rmsd_angle.linker_flag 
1 1 CA A LEU 126 ? ? CB A LEU 126 ? ? CG A LEU 126 ? ? 130.39 115.30 15.09  2.30 N 
2 1 CB A ASP 132 ? ? CA A ASP 132 ? ? C  A ASP 132 ? ? 91.17  110.40 -19.23 2.00 N 
3 1 N  A GLN 186 ? ? CA A GLN 186 ? ? C  A GLN 186 ? ? 128.89 111.00 17.89  2.70 N 
4 1 C  A SER 192 ? ? N  A VAL 193 ? ? CA A VAL 193 ? ? 103.87 121.70 -17.83 2.50 Y 
5 1 CB A VAL 193 ? ? CA A VAL 193 ? ? C  A VAL 193 ? ? 123.70 111.40 12.30  1.90 N 
6 1 CB A VAL 219 ? ? CA A VAL 219 ? ? C  A VAL 219 ? ? 99.41  111.40 -11.99 1.90 N 
# 
loop_
_pdbx_validate_torsion.id 
_pdbx_validate_torsion.PDB_model_num 
_pdbx_validate_torsion.auth_comp_id 
_pdbx_validate_torsion.auth_asym_id 
_pdbx_validate_torsion.auth_seq_id 
_pdbx_validate_torsion.PDB_ins_code 
_pdbx_validate_torsion.label_alt_id 
_pdbx_validate_torsion.phi 
_pdbx_validate_torsion.psi 
1  1 LYS A 43  ? ? -144.20 55.93   
2  1 ALA A 48  ? ? -53.20  107.84  
3  1 LEU A 50  ? ? -46.84  -9.92   
4  1 THR A 52  ? ? -51.03  0.34    
5  1 PRO A 76  ? ? -38.00  -36.78  
6  1 VAL A 85  ? ? -103.78 -158.11 
7  1 SER A 87  ? ? -58.99  176.02  
8  1 LEU A 150 ? ? -66.81  76.84   
9  1 GLU A 153 ? ? 73.99   170.64  
10 1 ASP A 157 ? ? 5.26    -52.42  
11 1 SER A 184 ? ? -132.61 -38.56  
# 
_pdbx_validate_peptide_omega.id               1 
_pdbx_validate_peptide_omega.PDB_model_num    1 
_pdbx_validate_peptide_omega.auth_comp_id_1   LEU 
_pdbx_validate_peptide_omega.auth_asym_id_1   A 
_pdbx_validate_peptide_omega.auth_seq_id_1    185 
_pdbx_validate_peptide_omega.PDB_ins_code_1   ? 
_pdbx_validate_peptide_omega.label_alt_id_1   ? 
_pdbx_validate_peptide_omega.auth_comp_id_2   GLN 
_pdbx_validate_peptide_omega.auth_asym_id_2   A 
_pdbx_validate_peptide_omega.auth_seq_id_2    186 
_pdbx_validate_peptide_omega.PDB_ins_code_2   ? 
_pdbx_validate_peptide_omega.label_alt_id_2   ? 
_pdbx_validate_peptide_omega.omega            -126.27 
# 
loop_
_pdbx_struct_mod_residue.id 
_pdbx_struct_mod_residue.label_asym_id 
_pdbx_struct_mod_residue.label_comp_id 
_pdbx_struct_mod_residue.label_seq_id 
_pdbx_struct_mod_residue.auth_asym_id 
_pdbx_struct_mod_residue.auth_comp_id 
_pdbx_struct_mod_residue.auth_seq_id 
_pdbx_struct_mod_residue.PDB_ins_code 
_pdbx_struct_mod_residue.parent_comp_id 
_pdbx_struct_mod_residue.details 
1 A MSE 86  A MSE 127 ? MET SELENOMETHIONINE 
2 A MSE 173 A MSE 214 ? MET SELENOMETHIONINE 
# 
loop_
_pdbx_unobs_or_zero_occ_residues.id 
_pdbx_unobs_or_zero_occ_residues.PDB_model_num 
_pdbx_unobs_or_zero_occ_residues.polymer_flag 
_pdbx_unobs_or_zero_occ_residues.occupancy_flag 
_pdbx_unobs_or_zero_occ_residues.auth_asym_id 
_pdbx_unobs_or_zero_occ_residues.auth_comp_id 
_pdbx_unobs_or_zero_occ_residues.auth_seq_id 
_pdbx_unobs_or_zero_occ_residues.PDB_ins_code 
_pdbx_unobs_or_zero_occ_residues.label_asym_id 
_pdbx_unobs_or_zero_occ_residues.label_comp_id 
_pdbx_unobs_or_zero_occ_residues.label_seq_id 
1 1 Y 1 A GLU 188 ? A GLU 147 
2 1 Y 1 A GLU 189 ? A GLU 148 
3 1 Y 1 A GLU 190 ? A GLU 149 
# 
loop_
_chem_comp_atom.comp_id 
_chem_comp_atom.atom_id 
_chem_comp_atom.type_symbol 
_chem_comp_atom.pdbx_aromatic_flag 
_chem_comp_atom.pdbx_stereo_config 
_chem_comp_atom.pdbx_ordinal 
ADP PB     P  N N 1   
ADP O1B    O  N N 2   
ADP O2B    O  N N 3   
ADP O3B    O  N N 4   
ADP PA     P  N S 5   
ADP O1A    O  N N 6   
ADP O2A    O  N N 7   
ADP O3A    O  N N 8   
ADP "O5'"  O  N N 9   
ADP "C5'"  C  N N 10  
ADP "C4'"  C  N R 11  
ADP "O4'"  O  N N 12  
ADP "C3'"  C  N S 13  
ADP "O3'"  O  N N 14  
ADP "C2'"  C  N R 15  
ADP "O2'"  O  N N 16  
ADP "C1'"  C  N R 17  
ADP N9     N  Y N 18  
ADP C8     C  Y N 19  
ADP N7     N  Y N 20  
ADP C5     C  Y N 21  
ADP C6     C  Y N 22  
ADP N6     N  N N 23  
ADP N1     N  Y N 24  
ADP C2     C  Y N 25  
ADP N3     N  Y N 26  
ADP C4     C  Y N 27  
ADP HOB2   H  N N 28  
ADP HOB3   H  N N 29  
ADP HOA2   H  N N 30  
ADP "H5'1" H  N N 31  
ADP "H5'2" H  N N 32  
ADP "H4'"  H  N N 33  
ADP "H3'"  H  N N 34  
ADP "HO3'" H  N N 35  
ADP "H2'"  H  N N 36  
ADP "HO2'" H  N N 37  
ADP "H1'"  H  N N 38  
ADP H8     H  N N 39  
ADP HN61   H  N N 40  
ADP HN62   H  N N 41  
ADP H2     H  N N 42  
ALA N      N  N N 43  
ALA CA     C  N S 44  
ALA C      C  N N 45  
ALA O      O  N N 46  
ALA CB     C  N N 47  
ALA OXT    O  N N 48  
ALA H      H  N N 49  
ALA H2     H  N N 50  
ALA HA     H  N N 51  
ALA HB1    H  N N 52  
ALA HB2    H  N N 53  
ALA HB3    H  N N 54  
ALA HXT    H  N N 55  
ARG N      N  N N 56  
ARG CA     C  N S 57  
ARG C      C  N N 58  
ARG O      O  N N 59  
ARG CB     C  N N 60  
ARG CG     C  N N 61  
ARG CD     C  N N 62  
ARG NE     N  N N 63  
ARG CZ     C  N N 64  
ARG NH1    N  N N 65  
ARG NH2    N  N N 66  
ARG OXT    O  N N 67  
ARG H      H  N N 68  
ARG H2     H  N N 69  
ARG HA     H  N N 70  
ARG HB2    H  N N 71  
ARG HB3    H  N N 72  
ARG HG2    H  N N 73  
ARG HG3    H  N N 74  
ARG HD2    H  N N 75  
ARG HD3    H  N N 76  
ARG HE     H  N N 77  
ARG HH11   H  N N 78  
ARG HH12   H  N N 79  
ARG HH21   H  N N 80  
ARG HH22   H  N N 81  
ARG HXT    H  N N 82  
ASN N      N  N N 83  
ASN CA     C  N S 84  
ASN C      C  N N 85  
ASN O      O  N N 86  
ASN CB     C  N N 87  
ASN CG     C  N N 88  
ASN OD1    O  N N 89  
ASN ND2    N  N N 90  
ASN OXT    O  N N 91  
ASN H      H  N N 92  
ASN H2     H  N N 93  
ASN HA     H  N N 94  
ASN HB2    H  N N 95  
ASN HB3    H  N N 96  
ASN HD21   H  N N 97  
ASN HD22   H  N N 98  
ASN HXT    H  N N 99  
ASP N      N  N N 100 
ASP CA     C  N S 101 
ASP C      C  N N 102 
ASP O      O  N N 103 
ASP CB     C  N N 104 
ASP CG     C  N N 105 
ASP OD1    O  N N 106 
ASP OD2    O  N N 107 
ASP OXT    O  N N 108 
ASP H      H  N N 109 
ASP H2     H  N N 110 
ASP HA     H  N N 111 
ASP HB2    H  N N 112 
ASP HB3    H  N N 113 
ASP HD2    H  N N 114 
ASP HXT    H  N N 115 
GLN N      N  N N 116 
GLN CA     C  N S 117 
GLN C      C  N N 118 
GLN O      O  N N 119 
GLN CB     C  N N 120 
GLN CG     C  N N 121 
GLN CD     C  N N 122 
GLN OE1    O  N N 123 
GLN NE2    N  N N 124 
GLN OXT    O  N N 125 
GLN H      H  N N 126 
GLN H2     H  N N 127 
GLN HA     H  N N 128 
GLN HB2    H  N N 129 
GLN HB3    H  N N 130 
GLN HG2    H  N N 131 
GLN HG3    H  N N 132 
GLN HE21   H  N N 133 
GLN HE22   H  N N 134 
GLN HXT    H  N N 135 
GLU N      N  N N 136 
GLU CA     C  N S 137 
GLU C      C  N N 138 
GLU O      O  N N 139 
GLU CB     C  N N 140 
GLU CG     C  N N 141 
GLU CD     C  N N 142 
GLU OE1    O  N N 143 
GLU OE2    O  N N 144 
GLU OXT    O  N N 145 
GLU H      H  N N 146 
GLU H2     H  N N 147 
GLU HA     H  N N 148 
GLU HB2    H  N N 149 
GLU HB3    H  N N 150 
GLU HG2    H  N N 151 
GLU HG3    H  N N 152 
GLU HE2    H  N N 153 
GLU HXT    H  N N 154 
GLY N      N  N N 155 
GLY CA     C  N N 156 
GLY C      C  N N 157 
GLY O      O  N N 158 
GLY OXT    O  N N 159 
GLY H      H  N N 160 
GLY H2     H  N N 161 
GLY HA2    H  N N 162 
GLY HA3    H  N N 163 
GLY HXT    H  N N 164 
HIS N      N  N N 165 
HIS CA     C  N S 166 
HIS C      C  N N 167 
HIS O      O  N N 168 
HIS CB     C  N N 169 
HIS CG     C  Y N 170 
HIS ND1    N  Y N 171 
HIS CD2    C  Y N 172 
HIS CE1    C  Y N 173 
HIS NE2    N  Y N 174 
HIS OXT    O  N N 175 
HIS H      H  N N 176 
HIS H2     H  N N 177 
HIS HA     H  N N 178 
HIS HB2    H  N N 179 
HIS HB3    H  N N 180 
HIS HD1    H  N N 181 
HIS HD2    H  N N 182 
HIS HE1    H  N N 183 
HIS HE2    H  N N 184 
HIS HXT    H  N N 185 
HOH O      O  N N 186 
HOH H1     H  N N 187 
HOH H2     H  N N 188 
ILE N      N  N N 189 
ILE CA     C  N S 190 
ILE C      C  N N 191 
ILE O      O  N N 192 
ILE CB     C  N S 193 
ILE CG1    C  N N 194 
ILE CG2    C  N N 195 
ILE CD1    C  N N 196 
ILE OXT    O  N N 197 
ILE H      H  N N 198 
ILE H2     H  N N 199 
ILE HA     H  N N 200 
ILE HB     H  N N 201 
ILE HG12   H  N N 202 
ILE HG13   H  N N 203 
ILE HG21   H  N N 204 
ILE HG22   H  N N 205 
ILE HG23   H  N N 206 
ILE HD11   H  N N 207 
ILE HD12   H  N N 208 
ILE HD13   H  N N 209 
ILE HXT    H  N N 210 
LEU N      N  N N 211 
LEU CA     C  N S 212 
LEU C      C  N N 213 
LEU O      O  N N 214 
LEU CB     C  N N 215 
LEU CG     C  N N 216 
LEU CD1    C  N N 217 
LEU CD2    C  N N 218 
LEU OXT    O  N N 219 
LEU H      H  N N 220 
LEU H2     H  N N 221 
LEU HA     H  N N 222 
LEU HB2    H  N N 223 
LEU HB3    H  N N 224 
LEU HG     H  N N 225 
LEU HD11   H  N N 226 
LEU HD12   H  N N 227 
LEU HD13   H  N N 228 
LEU HD21   H  N N 229 
LEU HD22   H  N N 230 
LEU HD23   H  N N 231 
LEU HXT    H  N N 232 
LYS N      N  N N 233 
LYS CA     C  N S 234 
LYS C      C  N N 235 
LYS O      O  N N 236 
LYS CB     C  N N 237 
LYS CG     C  N N 238 
LYS CD     C  N N 239 
LYS CE     C  N N 240 
LYS NZ     N  N N 241 
LYS OXT    O  N N 242 
LYS H      H  N N 243 
LYS H2     H  N N 244 
LYS HA     H  N N 245 
LYS HB2    H  N N 246 
LYS HB3    H  N N 247 
LYS HG2    H  N N 248 
LYS HG3    H  N N 249 
LYS HD2    H  N N 250 
LYS HD3    H  N N 251 
LYS HE2    H  N N 252 
LYS HE3    H  N N 253 
LYS HZ1    H  N N 254 
LYS HZ2    H  N N 255 
LYS HZ3    H  N N 256 
LYS HXT    H  N N 257 
MG  MG     MG N N 258 
MSE N      N  N N 259 
MSE CA     C  N S 260 
MSE C      C  N N 261 
MSE O      O  N N 262 
MSE OXT    O  N N 263 
MSE CB     C  N N 264 
MSE CG     C  N N 265 
MSE SE     SE N N 266 
MSE CE     C  N N 267 
MSE H      H  N N 268 
MSE H2     H  N N 269 
MSE HA     H  N N 270 
MSE HXT    H  N N 271 
MSE HB2    H  N N 272 
MSE HB3    H  N N 273 
MSE HG2    H  N N 274 
MSE HG3    H  N N 275 
MSE HE1    H  N N 276 
MSE HE2    H  N N 277 
MSE HE3    H  N N 278 
PHE N      N  N N 279 
PHE CA     C  N S 280 
PHE C      C  N N 281 
PHE O      O  N N 282 
PHE CB     C  N N 283 
PHE CG     C  Y N 284 
PHE CD1    C  Y N 285 
PHE CD2    C  Y N 286 
PHE CE1    C  Y N 287 
PHE CE2    C  Y N 288 
PHE CZ     C  Y N 289 
PHE OXT    O  N N 290 
PHE H      H  N N 291 
PHE H2     H  N N 292 
PHE HA     H  N N 293 
PHE HB2    H  N N 294 
PHE HB3    H  N N 295 
PHE HD1    H  N N 296 
PHE HD2    H  N N 297 
PHE HE1    H  N N 298 
PHE HE2    H  N N 299 
PHE HZ     H  N N 300 
PHE HXT    H  N N 301 
PRO N      N  N N 302 
PRO CA     C  N S 303 
PRO C      C  N N 304 
PRO O      O  N N 305 
PRO CB     C  N N 306 
PRO CG     C  N N 307 
PRO CD     C  N N 308 
PRO OXT    O  N N 309 
PRO H      H  N N 310 
PRO HA     H  N N 311 
PRO HB2    H  N N 312 
PRO HB3    H  N N 313 
PRO HG2    H  N N 314 
PRO HG3    H  N N 315 
PRO HD2    H  N N 316 
PRO HD3    H  N N 317 
PRO HXT    H  N N 318 
SER N      N  N N 319 
SER CA     C  N S 320 
SER C      C  N N 321 
SER O      O  N N 322 
SER CB     C  N N 323 
SER OG     O  N N 324 
SER OXT    O  N N 325 
SER H      H  N N 326 
SER H2     H  N N 327 
SER HA     H  N N 328 
SER HB2    H  N N 329 
SER HB3    H  N N 330 
SER HG     H  N N 331 
SER HXT    H  N N 332 
THR N      N  N N 333 
THR CA     C  N S 334 
THR C      C  N N 335 
THR O      O  N N 336 
THR CB     C  N R 337 
THR OG1    O  N N 338 
THR CG2    C  N N 339 
THR OXT    O  N N 340 
THR H      H  N N 341 
THR H2     H  N N 342 
THR HA     H  N N 343 
THR HB     H  N N 344 
THR HG1    H  N N 345 
THR HG21   H  N N 346 
THR HG22   H  N N 347 
THR HG23   H  N N 348 
THR HXT    H  N N 349 
TRP N      N  N N 350 
TRP CA     C  N S 351 
TRP C      C  N N 352 
TRP O      O  N N 353 
TRP CB     C  N N 354 
TRP CG     C  Y N 355 
TRP CD1    C  Y N 356 
TRP CD2    C  Y N 357 
TRP NE1    N  Y N 358 
TRP CE2    C  Y N 359 
TRP CE3    C  Y N 360 
TRP CZ2    C  Y N 361 
TRP CZ3    C  Y N 362 
TRP CH2    C  Y N 363 
TRP OXT    O  N N 364 
TRP H      H  N N 365 
TRP H2     H  N N 366 
TRP HA     H  N N 367 
TRP HB2    H  N N 368 
TRP HB3    H  N N 369 
TRP HD1    H  N N 370 
TRP HE1    H  N N 371 
TRP HE3    H  N N 372 
TRP HZ2    H  N N 373 
TRP HZ3    H  N N 374 
TRP HH2    H  N N 375 
TRP HXT    H  N N 376 
TYR N      N  N N 377 
TYR CA     C  N S 378 
TYR C      C  N N 379 
TYR O      O  N N 380 
TYR CB     C  N N 381 
TYR CG     C  Y N 382 
TYR CD1    C  Y N 383 
TYR CD2    C  Y N 384 
TYR CE1    C  Y N 385 
TYR CE2    C  Y N 386 
TYR CZ     C  Y N 387 
TYR OH     O  N N 388 
TYR OXT    O  N N 389 
TYR H      H  N N 390 
TYR H2     H  N N 391 
TYR HA     H  N N 392 
TYR HB2    H  N N 393 
TYR HB3    H  N N 394 
TYR HD1    H  N N 395 
TYR HD2    H  N N 396 
TYR HE1    H  N N 397 
TYR HE2    H  N N 398 
TYR HH     H  N N 399 
TYR HXT    H  N N 400 
VAL N      N  N N 401 
VAL CA     C  N S 402 
VAL C      C  N N 403 
VAL O      O  N N 404 
VAL CB     C  N N 405 
VAL CG1    C  N N 406 
VAL CG2    C  N N 407 
VAL OXT    O  N N 408 
VAL H      H  N N 409 
VAL H2     H  N N 410 
VAL HA     H  N N 411 
VAL HB     H  N N 412 
VAL HG11   H  N N 413 
VAL HG12   H  N N 414 
VAL HG13   H  N N 415 
VAL HG21   H  N N 416 
VAL HG22   H  N N 417 
VAL HG23   H  N N 418 
VAL HXT    H  N N 419 
# 
loop_
_chem_comp_bond.comp_id 
_chem_comp_bond.atom_id_1 
_chem_comp_bond.atom_id_2 
_chem_comp_bond.value_order 
_chem_comp_bond.pdbx_aromatic_flag 
_chem_comp_bond.pdbx_stereo_config 
_chem_comp_bond.pdbx_ordinal 
ADP PB    O1B    doub N N 1   
ADP PB    O2B    sing N N 2   
ADP PB    O3B    sing N N 3   
ADP PB    O3A    sing N N 4   
ADP O2B   HOB2   sing N N 5   
ADP O3B   HOB3   sing N N 6   
ADP PA    O1A    doub N N 7   
ADP PA    O2A    sing N N 8   
ADP PA    O3A    sing N N 9   
ADP PA    "O5'"  sing N N 10  
ADP O2A   HOA2   sing N N 11  
ADP "O5'" "C5'"  sing N N 12  
ADP "C5'" "C4'"  sing N N 13  
ADP "C5'" "H5'1" sing N N 14  
ADP "C5'" "H5'2" sing N N 15  
ADP "C4'" "O4'"  sing N N 16  
ADP "C4'" "C3'"  sing N N 17  
ADP "C4'" "H4'"  sing N N 18  
ADP "O4'" "C1'"  sing N N 19  
ADP "C3'" "O3'"  sing N N 20  
ADP "C3'" "C2'"  sing N N 21  
ADP "C3'" "H3'"  sing N N 22  
ADP "O3'" "HO3'" sing N N 23  
ADP "C2'" "O2'"  sing N N 24  
ADP "C2'" "C1'"  sing N N 25  
ADP "C2'" "H2'"  sing N N 26  
ADP "O2'" "HO2'" sing N N 27  
ADP "C1'" N9     sing N N 28  
ADP "C1'" "H1'"  sing N N 29  
ADP N9    C8     sing Y N 30  
ADP N9    C4     sing Y N 31  
ADP C8    N7     doub Y N 32  
ADP C8    H8     sing N N 33  
ADP N7    C5     sing Y N 34  
ADP C5    C6     sing Y N 35  
ADP C5    C4     doub Y N 36  
ADP C6    N6     sing N N 37  
ADP C6    N1     doub Y N 38  
ADP N6    HN61   sing N N 39  
ADP N6    HN62   sing N N 40  
ADP N1    C2     sing Y N 41  
ADP C2    N3     doub Y N 42  
ADP C2    H2     sing N N 43  
ADP N3    C4     sing Y N 44  
ALA N     CA     sing N N 45  
ALA N     H      sing N N 46  
ALA N     H2     sing N N 47  
ALA CA    C      sing N N 48  
ALA CA    CB     sing N N 49  
ALA CA    HA     sing N N 50  
ALA C     O      doub N N 51  
ALA C     OXT    sing N N 52  
ALA CB    HB1    sing N N 53  
ALA CB    HB2    sing N N 54  
ALA CB    HB3    sing N N 55  
ALA OXT   HXT    sing N N 56  
ARG N     CA     sing N N 57  
ARG N     H      sing N N 58  
ARG N     H2     sing N N 59  
ARG CA    C      sing N N 60  
ARG CA    CB     sing N N 61  
ARG CA    HA     sing N N 62  
ARG C     O      doub N N 63  
ARG C     OXT    sing N N 64  
ARG CB    CG     sing N N 65  
ARG CB    HB2    sing N N 66  
ARG CB    HB3    sing N N 67  
ARG CG    CD     sing N N 68  
ARG CG    HG2    sing N N 69  
ARG CG    HG3    sing N N 70  
ARG CD    NE     sing N N 71  
ARG CD    HD2    sing N N 72  
ARG CD    HD3    sing N N 73  
ARG NE    CZ     sing N N 74  
ARG NE    HE     sing N N 75  
ARG CZ    NH1    sing N N 76  
ARG CZ    NH2    doub N N 77  
ARG NH1   HH11   sing N N 78  
ARG NH1   HH12   sing N N 79  
ARG NH2   HH21   sing N N 80  
ARG NH2   HH22   sing N N 81  
ARG OXT   HXT    sing N N 82  
ASN N     CA     sing N N 83  
ASN N     H      sing N N 84  
ASN N     H2     sing N N 85  
ASN CA    C      sing N N 86  
ASN CA    CB     sing N N 87  
ASN CA    HA     sing N N 88  
ASN C     O      doub N N 89  
ASN C     OXT    sing N N 90  
ASN CB    CG     sing N N 91  
ASN CB    HB2    sing N N 92  
ASN CB    HB3    sing N N 93  
ASN CG    OD1    doub N N 94  
ASN CG    ND2    sing N N 95  
ASN ND2   HD21   sing N N 96  
ASN ND2   HD22   sing N N 97  
ASN OXT   HXT    sing N N 98  
ASP N     CA     sing N N 99  
ASP N     H      sing N N 100 
ASP N     H2     sing N N 101 
ASP CA    C      sing N N 102 
ASP CA    CB     sing N N 103 
ASP CA    HA     sing N N 104 
ASP C     O      doub N N 105 
ASP C     OXT    sing N N 106 
ASP CB    CG     sing N N 107 
ASP CB    HB2    sing N N 108 
ASP CB    HB3    sing N N 109 
ASP CG    OD1    doub N N 110 
ASP CG    OD2    sing N N 111 
ASP OD2   HD2    sing N N 112 
ASP OXT   HXT    sing N N 113 
GLN N     CA     sing N N 114 
GLN N     H      sing N N 115 
GLN N     H2     sing N N 116 
GLN CA    C      sing N N 117 
GLN CA    CB     sing N N 118 
GLN CA    HA     sing N N 119 
GLN C     O      doub N N 120 
GLN C     OXT    sing N N 121 
GLN CB    CG     sing N N 122 
GLN CB    HB2    sing N N 123 
GLN CB    HB3    sing N N 124 
GLN CG    CD     sing N N 125 
GLN CG    HG2    sing N N 126 
GLN CG    HG3    sing N N 127 
GLN CD    OE1    doub N N 128 
GLN CD    NE2    sing N N 129 
GLN NE2   HE21   sing N N 130 
GLN NE2   HE22   sing N N 131 
GLN OXT   HXT    sing N N 132 
GLU N     CA     sing N N 133 
GLU N     H      sing N N 134 
GLU N     H2     sing N N 135 
GLU CA    C      sing N N 136 
GLU CA    CB     sing N N 137 
GLU CA    HA     sing N N 138 
GLU C     O      doub N N 139 
GLU C     OXT    sing N N 140 
GLU CB    CG     sing N N 141 
GLU CB    HB2    sing N N 142 
GLU CB    HB3    sing N N 143 
GLU CG    CD     sing N N 144 
GLU CG    HG2    sing N N 145 
GLU CG    HG3    sing N N 146 
GLU CD    OE1    doub N N 147 
GLU CD    OE2    sing N N 148 
GLU OE2   HE2    sing N N 149 
GLU OXT   HXT    sing N N 150 
GLY N     CA     sing N N 151 
GLY N     H      sing N N 152 
GLY N     H2     sing N N 153 
GLY CA    C      sing N N 154 
GLY CA    HA2    sing N N 155 
GLY CA    HA3    sing N N 156 
GLY C     O      doub N N 157 
GLY C     OXT    sing N N 158 
GLY OXT   HXT    sing N N 159 
HIS N     CA     sing N N 160 
HIS N     H      sing N N 161 
HIS N     H2     sing N N 162 
HIS CA    C      sing N N 163 
HIS CA    CB     sing N N 164 
HIS CA    HA     sing N N 165 
HIS C     O      doub N N 166 
HIS C     OXT    sing N N 167 
HIS CB    CG     sing N N 168 
HIS CB    HB2    sing N N 169 
HIS CB    HB3    sing N N 170 
HIS CG    ND1    sing Y N 171 
HIS CG    CD2    doub Y N 172 
HIS ND1   CE1    doub Y N 173 
HIS ND1   HD1    sing N N 174 
HIS CD2   NE2    sing Y N 175 
HIS CD2   HD2    sing N N 176 
HIS CE1   NE2    sing Y N 177 
HIS CE1   HE1    sing N N 178 
HIS NE2   HE2    sing N N 179 
HIS OXT   HXT    sing N N 180 
HOH O     H1     sing N N 181 
HOH O     H2     sing N N 182 
ILE N     CA     sing N N 183 
ILE N     H      sing N N 184 
ILE N     H2     sing N N 185 
ILE CA    C      sing N N 186 
ILE CA    CB     sing N N 187 
ILE CA    HA     sing N N 188 
ILE C     O      doub N N 189 
ILE C     OXT    sing N N 190 
ILE CB    CG1    sing N N 191 
ILE CB    CG2    sing N N 192 
ILE CB    HB     sing N N 193 
ILE CG1   CD1    sing N N 194 
ILE CG1   HG12   sing N N 195 
ILE CG1   HG13   sing N N 196 
ILE CG2   HG21   sing N N 197 
ILE CG2   HG22   sing N N 198 
ILE CG2   HG23   sing N N 199 
ILE CD1   HD11   sing N N 200 
ILE CD1   HD12   sing N N 201 
ILE CD1   HD13   sing N N 202 
ILE OXT   HXT    sing N N 203 
LEU N     CA     sing N N 204 
LEU N     H      sing N N 205 
LEU N     H2     sing N N 206 
LEU CA    C      sing N N 207 
LEU CA    CB     sing N N 208 
LEU CA    HA     sing N N 209 
LEU C     O      doub N N 210 
LEU C     OXT    sing N N 211 
LEU CB    CG     sing N N 212 
LEU CB    HB2    sing N N 213 
LEU CB    HB3    sing N N 214 
LEU CG    CD1    sing N N 215 
LEU CG    CD2    sing N N 216 
LEU CG    HG     sing N N 217 
LEU CD1   HD11   sing N N 218 
LEU CD1   HD12   sing N N 219 
LEU CD1   HD13   sing N N 220 
LEU CD2   HD21   sing N N 221 
LEU CD2   HD22   sing N N 222 
LEU CD2   HD23   sing N N 223 
LEU OXT   HXT    sing N N 224 
LYS N     CA     sing N N 225 
LYS N     H      sing N N 226 
LYS N     H2     sing N N 227 
LYS CA    C      sing N N 228 
LYS CA    CB     sing N N 229 
LYS CA    HA     sing N N 230 
LYS C     O      doub N N 231 
LYS C     OXT    sing N N 232 
LYS CB    CG     sing N N 233 
LYS CB    HB2    sing N N 234 
LYS CB    HB3    sing N N 235 
LYS CG    CD     sing N N 236 
LYS CG    HG2    sing N N 237 
LYS CG    HG3    sing N N 238 
LYS CD    CE     sing N N 239 
LYS CD    HD2    sing N N 240 
LYS CD    HD3    sing N N 241 
LYS CE    NZ     sing N N 242 
LYS CE    HE2    sing N N 243 
LYS CE    HE3    sing N N 244 
LYS NZ    HZ1    sing N N 245 
LYS NZ    HZ2    sing N N 246 
LYS NZ    HZ3    sing N N 247 
LYS OXT   HXT    sing N N 248 
MSE N     CA     sing N N 249 
MSE N     H      sing N N 250 
MSE N     H2     sing N N 251 
MSE CA    C      sing N N 252 
MSE CA    CB     sing N N 253 
MSE CA    HA     sing N N 254 
MSE C     O      doub N N 255 
MSE C     OXT    sing N N 256 
MSE OXT   HXT    sing N N 257 
MSE CB    CG     sing N N 258 
MSE CB    HB2    sing N N 259 
MSE CB    HB3    sing N N 260 
MSE CG    SE     sing N N 261 
MSE CG    HG2    sing N N 262 
MSE CG    HG3    sing N N 263 
MSE SE    CE     sing N N 264 
MSE CE    HE1    sing N N 265 
MSE CE    HE2    sing N N 266 
MSE CE    HE3    sing N N 267 
PHE N     CA     sing N N 268 
PHE N     H      sing N N 269 
PHE N     H2     sing N N 270 
PHE CA    C      sing N N 271 
PHE CA    CB     sing N N 272 
PHE CA    HA     sing N N 273 
PHE C     O      doub N N 274 
PHE C     OXT    sing N N 275 
PHE CB    CG     sing N N 276 
PHE CB    HB2    sing N N 277 
PHE CB    HB3    sing N N 278 
PHE CG    CD1    doub Y N 279 
PHE CG    CD2    sing Y N 280 
PHE CD1   CE1    sing Y N 281 
PHE CD1   HD1    sing N N 282 
PHE CD2   CE2    doub Y N 283 
PHE CD2   HD2    sing N N 284 
PHE CE1   CZ     doub Y N 285 
PHE CE1   HE1    sing N N 286 
PHE CE2   CZ     sing Y N 287 
PHE CE2   HE2    sing N N 288 
PHE CZ    HZ     sing N N 289 
PHE OXT   HXT    sing N N 290 
PRO N     CA     sing N N 291 
PRO N     CD     sing N N 292 
PRO N     H      sing N N 293 
PRO CA    C      sing N N 294 
PRO CA    CB     sing N N 295 
PRO CA    HA     sing N N 296 
PRO C     O      doub N N 297 
PRO C     OXT    sing N N 298 
PRO CB    CG     sing N N 299 
PRO CB    HB2    sing N N 300 
PRO CB    HB3    sing N N 301 
PRO CG    CD     sing N N 302 
PRO CG    HG2    sing N N 303 
PRO CG    HG3    sing N N 304 
PRO CD    HD2    sing N N 305 
PRO CD    HD3    sing N N 306 
PRO OXT   HXT    sing N N 307 
SER N     CA     sing N N 308 
SER N     H      sing N N 309 
SER N     H2     sing N N 310 
SER CA    C      sing N N 311 
SER CA    CB     sing N N 312 
SER CA    HA     sing N N 313 
SER C     O      doub N N 314 
SER C     OXT    sing N N 315 
SER CB    OG     sing N N 316 
SER CB    HB2    sing N N 317 
SER CB    HB3    sing N N 318 
SER OG    HG     sing N N 319 
SER OXT   HXT    sing N N 320 
THR N     CA     sing N N 321 
THR N     H      sing N N 322 
THR N     H2     sing N N 323 
THR CA    C      sing N N 324 
THR CA    CB     sing N N 325 
THR CA    HA     sing N N 326 
THR C     O      doub N N 327 
THR C     OXT    sing N N 328 
THR CB    OG1    sing N N 329 
THR CB    CG2    sing N N 330 
THR CB    HB     sing N N 331 
THR OG1   HG1    sing N N 332 
THR CG2   HG21   sing N N 333 
THR CG2   HG22   sing N N 334 
THR CG2   HG23   sing N N 335 
THR OXT   HXT    sing N N 336 
TRP N     CA     sing N N 337 
TRP N     H      sing N N 338 
TRP N     H2     sing N N 339 
TRP CA    C      sing N N 340 
TRP CA    CB     sing N N 341 
TRP CA    HA     sing N N 342 
TRP C     O      doub N N 343 
TRP C     OXT    sing N N 344 
TRP CB    CG     sing N N 345 
TRP CB    HB2    sing N N 346 
TRP CB    HB3    sing N N 347 
TRP CG    CD1    doub Y N 348 
TRP CG    CD2    sing Y N 349 
TRP CD1   NE1    sing Y N 350 
TRP CD1   HD1    sing N N 351 
TRP CD2   CE2    doub Y N 352 
TRP CD2   CE3    sing Y N 353 
TRP NE1   CE2    sing Y N 354 
TRP NE1   HE1    sing N N 355 
TRP CE2   CZ2    sing Y N 356 
TRP CE3   CZ3    doub Y N 357 
TRP CE3   HE3    sing N N 358 
TRP CZ2   CH2    doub Y N 359 
TRP CZ2   HZ2    sing N N 360 
TRP CZ3   CH2    sing Y N 361 
TRP CZ3   HZ3    sing N N 362 
TRP CH2   HH2    sing N N 363 
TRP OXT   HXT    sing N N 364 
TYR N     CA     sing N N 365 
TYR N     H      sing N N 366 
TYR N     H2     sing N N 367 
TYR CA    C      sing N N 368 
TYR CA    CB     sing N N 369 
TYR CA    HA     sing N N 370 
TYR C     O      doub N N 371 
TYR C     OXT    sing N N 372 
TYR CB    CG     sing N N 373 
TYR CB    HB2    sing N N 374 
TYR CB    HB3    sing N N 375 
TYR CG    CD1    doub Y N 376 
TYR CG    CD2    sing Y N 377 
TYR CD1   CE1    sing Y N 378 
TYR CD1   HD1    sing N N 379 
TYR CD2   CE2    doub Y N 380 
TYR CD2   HD2    sing N N 381 
TYR CE1   CZ     doub Y N 382 
TYR CE1   HE1    sing N N 383 
TYR CE2   CZ     sing Y N 384 
TYR CE2   HE2    sing N N 385 
TYR CZ    OH     sing N N 386 
TYR OH    HH     sing N N 387 
TYR OXT   HXT    sing N N 388 
VAL N     CA     sing N N 389 
VAL N     H      sing N N 390 
VAL N     H2     sing N N 391 
VAL CA    C      sing N N 392 
VAL CA    CB     sing N N 393 
VAL CA    HA     sing N N 394 
VAL C     O      doub N N 395 
VAL C     OXT    sing N N 396 
VAL CB    CG1    sing N N 397 
VAL CB    CG2    sing N N 398 
VAL CB    HB     sing N N 399 
VAL CG1   HG11   sing N N 400 
VAL CG1   HG12   sing N N 401 
VAL CG1   HG13   sing N N 402 
VAL CG2   HG21   sing N N 403 
VAL CG2   HG22   sing N N 404 
VAL CG2   HG23   sing N N 405 
VAL OXT   HXT    sing N N 406 
# 
_atom_sites.entry_id                    3EC2 
_atom_sites.fract_transf_matrix[1][1]   0.01360169 
_atom_sites.fract_transf_matrix[1][2]   -0.00093257 
_atom_sites.fract_transf_matrix[1][3]   -0.00093884 
_atom_sites.fract_transf_matrix[2][1]   0.00667782 
_atom_sites.fract_transf_matrix[2][2]   -0.00970614 
_atom_sites.fract_transf_matrix[2][3]   0.00692510 
_atom_sites.fract_transf_matrix[3][1]   -0.00188345 
_atom_sites.fract_transf_matrix[3][2]   -0.01215211 
_atom_sites.fract_transf_matrix[3][3]   -0.01521607 
_atom_sites.fract_transf_vector[1]      0.367132 
_atom_sites.fract_transf_vector[2]      0.293041 
_atom_sites.fract_transf_vector[3]      0.625618 
# 
loop_
_atom_type.symbol 
C  
MG 
N  
O  
P  
SE 
# 
loop_
_atom_site.group_PDB 
_atom_site.id 
_atom_site.type_symbol 
_atom_site.label_atom_id 
_atom_site.label_alt_id 
_atom_site.label_comp_id 
_atom_site.label_asym_id 
_atom_site.label_entity_id 
_atom_site.label_seq_id 
_atom_site.pdbx_PDB_ins_code 
_atom_site.Cartn_x 
_atom_site.Cartn_y 
_atom_site.Cartn_z 
_atom_site.occupancy 
_atom_site.B_iso_or_equiv 
_atom_site.pdbx_formal_charge 
_atom_site.auth_seq_id 
_atom_site.auth_comp_id 
_atom_site.auth_asym_id 
_atom_site.auth_atom_id 
_atom_site.pdbx_PDB_model_num 
ATOM   1    N  N     . ALA A 1 1   ? 2.577   7.762   -12.268 1.00 68.56  ? 42  ALA A N     1 
ATOM   2    C  CA    . ALA A 1 1   ? 3.791   6.906   -12.403 1.00 68.16  ? 42  ALA A CA    1 
ATOM   3    C  C     . ALA A 1 1   ? 5.130   7.651   -12.166 1.00 67.96  ? 42  ALA A C     1 
ATOM   4    O  O     . ALA A 1 1   ? 6.060   7.080   -11.592 1.00 68.74  ? 42  ALA A O     1 
ATOM   5    C  CB    . ALA A 1 1   ? 3.800   6.209   -13.765 1.00 67.86  ? 42  ALA A CB    1 
ATOM   6    N  N     . LYS A 1 2   ? 5.278   8.893   -12.611 1.00 66.64  ? 43  LYS A N     1 
ATOM   7    C  CA    . LYS A 1 2   ? 6.651   9.351   -12.713 1.00 65.64  ? 43  LYS A CA    1 
ATOM   8    C  C     . LYS A 1 2   ? 7.003   10.761  -12.415 1.00 63.67  ? 43  LYS A C     1 
ATOM   9    O  O     . LYS A 1 2   ? 7.698   11.450  -13.134 1.00 63.15  ? 43  LYS A O     1 
ATOM   10   C  CB    . LYS A 1 2   ? 7.334   8.810   -13.971 1.00 66.83  ? 43  LYS A CB    1 
ATOM   11   C  CG    . LYS A 1 2   ? 7.575   7.280   -13.913 1.00 67.13  ? 43  LYS A CG    1 
ATOM   12   C  CD    . LYS A 1 2   ? 8.949   6.923   -14.549 1.00 67.70  ? 43  LYS A CD    1 
ATOM   13   C  CE    . LYS A 1 2   ? 9.147   7.559   -15.965 1.00 68.01  ? 43  LYS A CE    1 
ATOM   14   N  NZ    . LYS A 1 2   ? 10.571  7.456   -16.438 1.00 68.04  ? 43  LYS A NZ    1 
ATOM   15   N  N     . ARG A 1 3   ? 6.609   11.092  -11.212 1.00 61.95  ? 44  ARG A N     1 
ATOM   16   C  CA    . ARG A 1 3   ? 7.228   12.096  -10.453 1.00 59.68  ? 44  ARG A CA    1 
ATOM   17   C  C     . ARG A 1 3   ? 8.245   11.317  -9.647  1.00 58.52  ? 44  ARG A C     1 
ATOM   18   O  O     . ARG A 1 3   ? 9.156   11.873  -9.051  1.00 59.07  ? 44  ARG A O     1 
ATOM   19   C  CB    . ARG A 1 3   ? 6.191   12.706  -9.538  1.00 59.50  ? 44  ARG A CB    1 
ATOM   20   C  CG    . ARG A 1 3   ? 6.762   13.239  -8.274  1.00 60.02  ? 44  ARG A CG    1 
ATOM   21   C  CD    . ARG A 1 3   ? 5.884   14.362  -7.703  1.00 61.05  ? 44  ARG A CD    1 
ATOM   22   N  NE    . ARG A 1 3   ? 6.429   15.704  -7.951  1.00 63.53  ? 44  ARG A NE    1 
ATOM   23   C  CZ    . ARG A 1 3   ? 5.850   16.651  -8.693  1.00 62.82  ? 44  ARG A CZ    1 
ATOM   24   N  NH1   . ARG A 1 3   ? 4.696   16.424  -9.270  1.00 62.76  ? 44  ARG A NH1   1 
ATOM   25   N  NH2   . ARG A 1 3   ? 6.427   17.838  -8.845  1.00 63.45  ? 44  ARG A NH2   1 
ATOM   26   N  N     . TYR A 1 4   ? 8.111   9.994   -9.704  1.00 56.78  ? 45  TYR A N     1 
ATOM   27   C  CA    . TYR A 1 4   ? 8.961   9.067   -8.947  1.00 54.75  ? 45  TYR A CA    1 
ATOM   28   C  C     . TYR A 1 4   ? 9.893   8.290   -9.861  1.00 54.06  ? 45  TYR A C     1 
ATOM   29   O  O     . TYR A 1 4   ? 10.407  7.256   -9.474  1.00 53.59  ? 45  TYR A O     1 
ATOM   30   C  CB    . TYR A 1 4   ? 8.096   8.094   -8.112  1.00 54.40  ? 45  TYR A CB    1 
ATOM   31   C  CG    . TYR A 1 4   ? 7.196   8.804   -7.152  1.00 52.41  ? 45  TYR A CG    1 
ATOM   32   C  CD1   . TYR A 1 4   ? 7.665   9.218   -5.927  1.00 53.11  ? 45  TYR A CD1   1 
ATOM   33   C  CD2   . TYR A 1 4   ? 5.893   9.139   -7.504  1.00 52.45  ? 45  TYR A CD2   1 
ATOM   34   C  CE1   . TYR A 1 4   ? 6.850   9.942   -5.045  1.00 53.27  ? 45  TYR A CE1   1 
ATOM   35   C  CE2   . TYR A 1 4   ? 5.069   9.861   -6.635  1.00 51.20  ? 45  TYR A CE2   1 
ATOM   36   C  CZ    . TYR A 1 4   ? 5.560   10.247  -5.401  1.00 51.18  ? 45  TYR A CZ    1 
ATOM   37   O  OH    . TYR A 1 4   ? 4.791   10.953  -4.513  1.00 52.43  ? 45  TYR A OH    1 
ATOM   38   N  N     . TRP A 1 5   ? 10.097  8.791   -11.080 1.00 53.94  ? 46  TRP A N     1 
ATOM   39   C  CA    . TRP A 1 5   ? 11.040  8.178   -12.027 1.00 54.46  ? 46  TRP A CA    1 
ATOM   40   C  C     . TRP A 1 5   ? 12.320  7.877   -11.296 1.00 55.89  ? 46  TRP A C     1 
ATOM   41   O  O     . TRP A 1 5   ? 12.781  6.771   -11.269 1.00 57.16  ? 46  TRP A O     1 
ATOM   42   C  CB    . TRP A 1 5   ? 11.359  9.101   -13.204 1.00 53.60  ? 46  TRP A CB    1 
ATOM   43   C  CG    . TRP A 1 5   ? 12.277  10.198  -12.833 1.00 51.46  ? 46  TRP A CG    1 
ATOM   44   C  CD1   . TRP A 1 5   ? 11.930  11.416  -12.330 1.00 48.51  ? 46  TRP A CD1   1 
ATOM   45   C  CD2   . TRP A 1 5   ? 13.710  10.181  -12.894 1.00 51.59  ? 46  TRP A CD2   1 
ATOM   46   N  NE1   . TRP A 1 5   ? 13.057  12.173  -12.096 1.00 48.34  ? 46  TRP A NE1   1 
ATOM   47   C  CE2   . TRP A 1 5   ? 14.164  11.431  -12.410 1.00 50.18  ? 46  TRP A CE2   1 
ATOM   48   C  CE3   . TRP A 1 5   ? 14.649  9.241   -13.324 1.00 51.31  ? 46  TRP A CE3   1 
ATOM   49   C  CZ2   . TRP A 1 5   ? 15.518  11.757  -12.330 1.00 49.96  ? 46  TRP A CZ2   1 
ATOM   50   C  CZ3   . TRP A 1 5   ? 15.995  9.568   -13.239 1.00 51.52  ? 46  TRP A CZ3   1 
ATOM   51   C  CH2   . TRP A 1 5   ? 16.416  10.819  -12.749 1.00 49.67  ? 46  TRP A CH2   1 
ATOM   52   N  N     . ASN A 1 6   ? 12.905  8.900   -10.720 1.00 57.37  ? 47  ASN A N     1 
ATOM   53   C  CA    . ASN A 1 6   ? 14.051  8.759   -9.844  1.00 59.39  ? 47  ASN A CA    1 
ATOM   54   C  C     . ASN A 1 6   ? 13.929  7.871   -8.537  1.00 60.04  ? 47  ASN A C     1 
ATOM   55   O  O     . ASN A 1 6   ? 14.928  7.505   -7.956  1.00 60.55  ? 47  ASN A O     1 
ATOM   56   C  CB    . ASN A 1 6   ? 14.466  10.177  -9.476  1.00 60.10  ? 47  ASN A CB    1 
ATOM   57   C  CG    . ASN A 1 6   ? 13.465  10.829  -8.485  1.00 62.81  ? 47  ASN A CG    1 
ATOM   58   O  OD1   . ASN A 1 6   ? 12.290  11.046  -8.807  1.00 65.20  ? 47  ASN A OD1   1 
ATOM   59   N  ND2   . ASN A 1 6   ? 13.924  11.080  -7.268  1.00 64.89  ? 47  ASN A ND2   1 
ATOM   60   N  N     . ALA A 1 7   ? 12.728  7.601   -8.051  1.00 62.26  ? 48  ALA A N     1 
ATOM   61   C  CA    . ALA A 1 7   ? 12.517  6.818   -6.807  1.00 64.05  ? 48  ALA A CA    1 
ATOM   62   C  C     . ALA A 1 7   ? 13.225  5.460   -6.791  1.00 65.86  ? 48  ALA A C     1 
ATOM   63   O  O     . ALA A 1 7   ? 12.804  4.491   -7.444  1.00 66.72  ? 48  ALA A O     1 
ATOM   64   C  CB    . ALA A 1 7   ? 11.039  6.665   -6.518  1.00 63.55  ? 48  ALA A CB    1 
ATOM   65   N  N     . ASN A 1 8   ? 14.276  5.354   -5.997  1.00 68.11  ? 49  ASN A N     1 
ATOM   66   C  CA    . ASN A 1 8   ? 15.026  4.111   -5.909  1.00 69.92  ? 49  ASN A CA    1 
ATOM   67   C  C     . ASN A 1 8   ? 15.430  3.804   -4.497  1.00 71.67  ? 49  ASN A C     1 
ATOM   68   O  O     . ASN A 1 8   ? 15.846  4.700   -3.753  1.00 72.05  ? 49  ASN A O     1 
ATOM   69   C  CB    . ASN A 1 8   ? 16.249  4.207   -6.777  1.00 69.52  ? 49  ASN A CB    1 
ATOM   70   C  CG    . ASN A 1 8   ? 15.935  3.965   -8.219  1.00 72.28  ? 49  ASN A CG    1 
ATOM   71   O  OD1   . ASN A 1 8   ? 15.975  2.817   -8.674  1.00 75.47  ? 49  ASN A OD1   1 
ATOM   72   N  ND2   . ASN A 1 8   ? 15.690  5.047   -8.987  1.00 72.57  ? 49  ASN A ND2   1 
ATOM   73   N  N     . LEU A 1 9   ? 15.326  2.540   -4.107  1.00 73.72  ? 50  LEU A N     1 
ATOM   74   C  CA    . LEU A 1 9   ? 15.837  2.153   -2.798  1.00 75.72  ? 50  LEU A CA    1 
ATOM   75   C  C     . LEU A 1 9   ? 17.239  2.762   -2.648  1.00 76.53  ? 50  LEU A C     1 
ATOM   76   O  O     . LEU A 1 9   ? 17.826  2.793   -1.573  1.00 76.53  ? 50  LEU A O     1 
ATOM   77   C  CB    . LEU A 1 9   ? 15.853  0.615   -2.645  1.00 76.20  ? 50  LEU A CB    1 
ATOM   78   C  CG    . LEU A 1 9   ? 14.531  -0.016  -2.200  1.00 77.16  ? 50  LEU A CG    1 
ATOM   79   C  CD1   . LEU A 1 9   ? 14.717  -1.425  -1.657  1.00 77.44  ? 50  LEU A CD1   1 
ATOM   80   C  CD2   . LEU A 1 9   ? 13.931  0.903   -1.131  1.00 77.14  ? 50  LEU A CD2   1 
ATOM   81   N  N     . ASP A 1 10  ? 17.744  3.294   -3.754  1.00 78.42  ? 51  ASP A N     1 
ATOM   82   C  CA    . ASP A 1 10  ? 19.140  3.689   -3.847  1.00 79.53  ? 51  ASP A CA    1 
ATOM   83   C  C     . ASP A 1 10  ? 19.522  5.173   -3.802  1.00 78.77  ? 51  ASP A C     1 
ATOM   84   O  O     . ASP A 1 10  ? 20.530  5.543   -3.229  1.00 78.35  ? 51  ASP A O     1 
ATOM   85   C  CB    . ASP A 1 10  ? 19.810  3.013   -5.011  1.00 80.20  ? 51  ASP A CB    1 
ATOM   86   C  CG    . ASP A 1 10  ? 20.991  2.276   -4.566  1.00 83.92  ? 51  ASP A CG    1 
ATOM   87   O  OD1   . ASP A 1 10  ? 21.703  2.872   -3.705  1.00 85.84  ? 51  ASP A OD1   1 
ATOM   88   O  OD2   . ASP A 1 10  ? 21.159  1.090   -4.986  1.00 88.84  ? 51  ASP A OD2   1 
ATOM   89   N  N     . THR A 1 11  ? 18.741  6.009   -4.454  1.00 78.51  ? 52  THR A N     1 
ATOM   90   C  CA    . THR A 1 11  ? 18.814  7.402   -4.171  1.00 77.82  ? 52  THR A CA    1 
ATOM   91   C  C     . THR A 1 11  ? 18.692  7.492   -2.708  1.00 77.75  ? 52  THR A C     1 
ATOM   92   O  O     . THR A 1 11  ? 18.453  8.591   -2.171  1.00 78.73  ? 52  THR A O     1 
ATOM   93   C  CB    . THR A 1 11  ? 17.518  8.097   -4.490  1.00 77.57  ? 52  THR A CB    1 
ATOM   94   O  OG1   . THR A 1 11  ? 17.347  8.195   -5.903  1.00 76.49  ? 52  THR A OG1   1 
ATOM   95   C  CG2   . THR A 1 11  ? 17.535  9.465   -3.814  1.00 77.01  ? 52  THR A CG2   1 
ATOM   96   N  N     . TYR A 1 12  ? 18.562  6.354   -2.055  1.00 76.19  ? 53  TYR A N     1 
ATOM   97   C  CA    . TYR A 1 12  ? 17.926  6.613   -0.824  1.00 74.87  ? 53  TYR A CA    1 
ATOM   98   C  C     . TYR A 1 12  ? 18.767  7.073   0.207   1.00 74.84  ? 53  TYR A C     1 
ATOM   99   O  O     . TYR A 1 12  ? 19.603  6.366   0.781   1.00 75.08  ? 53  TYR A O     1 
ATOM   100  C  CB    . TYR A 1 12  ? 16.869  5.679   -0.341  1.00 74.27  ? 53  TYR A CB    1 
ATOM   101  C  CG    . TYR A 1 12  ? 15.894  6.380   0.603   1.00 70.46  ? 53  TYR A CG    1 
ATOM   102  C  CD1   . TYR A 1 12  ? 14.883  7.190   0.105   1.00 65.09  ? 53  TYR A CD1   1 
ATOM   103  C  CD2   . TYR A 1 12  ? 15.958  6.196   1.996   1.00 66.80  ? 53  TYR A CD2   1 
ATOM   104  C  CE1   . TYR A 1 12  ? 13.960  7.825   0.974   1.00 60.55  ? 53  TYR A CE1   1 
ATOM   105  C  CE2   . TYR A 1 12  ? 15.040  6.845   2.864   1.00 61.96  ? 53  TYR A CE2   1 
ATOM   106  C  CZ    . TYR A 1 12  ? 14.053  7.641   2.342   1.00 58.22  ? 53  TYR A CZ    1 
ATOM   107  O  OH    . TYR A 1 12  ? 13.159  8.223   3.215   1.00 55.74  ? 53  TYR A OH    1 
ATOM   108  N  N     . HIS A 1 13  ? 18.494  8.288   0.518   1.00 74.24  ? 54  HIS A N     1 
ATOM   109  C  CA    . HIS A 1 13  ? 19.224  8.782   1.622   1.00 74.22  ? 54  HIS A CA    1 
ATOM   110  C  C     . HIS A 1 13  ? 18.361  9.227   2.791   1.00 72.54  ? 54  HIS A C     1 
ATOM   111  O  O     . HIS A 1 13  ? 17.669  10.262  2.697   1.00 72.47  ? 54  HIS A O     1 
ATOM   112  C  CB    . HIS A 1 13  ? 20.213  9.838   1.178   1.00 75.16  ? 54  HIS A CB    1 
ATOM   113  C  CG    . HIS A 1 13  ? 21.102  9.374   0.068   1.00 79.25  ? 54  HIS A CG    1 
ATOM   114  N  ND1   . HIS A 1 13  ? 20.868  9.692   -1.259  1.00 83.30  ? 54  HIS A ND1   1 
ATOM   115  C  CD2   . HIS A 1 13  ? 22.202  8.577   0.079   1.00 82.05  ? 54  HIS A CD2   1 
ATOM   116  C  CE1   . HIS A 1 13  ? 21.796  9.126   -2.016  1.00 84.53  ? 54  HIS A CE1   1 
ATOM   117  N  NE2   . HIS A 1 13  ? 22.621  8.449   -1.229  1.00 84.88  ? 54  HIS A NE2   1 
ATOM   118  N  N     . PRO A 1 14  ? 18.360  8.419   3.877   1.00 70.96  ? 55  PRO A N     1 
ATOM   119  C  CA    . PRO A 1 14  ? 17.505  8.631   5.028   1.00 70.55  ? 55  PRO A CA    1 
ATOM   120  C  C     . PRO A 1 14  ? 17.957  9.833   5.824   1.00 70.32  ? 55  PRO A C     1 
ATOM   121  O  O     . PRO A 1 14  ? 19.126  10.147  5.832   1.00 70.13  ? 55  PRO A O     1 
ATOM   122  C  CB    . PRO A 1 14  ? 17.679  7.345   5.846   1.00 70.35  ? 55  PRO A CB    1 
ATOM   123  C  CG    . PRO A 1 14  ? 18.877  6.729   5.360   1.00 70.86  ? 55  PRO A CG    1 
ATOM   124  C  CD    . PRO A 1 14  ? 18.976  7.087   3.923   1.00 70.79  ? 55  PRO A CD    1 
ATOM   125  N  N     . LYS A 1 15  ? 17.017  10.522  6.450   1.00 70.63  ? 56  LYS A N     1 
ATOM   126  C  CA    . LYS A 1 15  ? 17.286  11.819  7.046   1.00 70.51  ? 56  LYS A CA    1 
ATOM   127  C  C     . LYS A 1 15  ? 16.954  11.863  8.531   1.00 70.15  ? 56  LYS A C     1 
ATOM   128  O  O     . LYS A 1 15  ? 17.151  12.888  9.173   1.00 70.73  ? 56  LYS A O     1 
ATOM   129  C  CB    . LYS A 1 15  ? 16.506  12.911  6.310   1.00 71.08  ? 56  LYS A CB    1 
ATOM   130  C  CG    . LYS A 1 15  ? 17.028  13.244  4.953   1.00 72.66  ? 56  LYS A CG    1 
ATOM   131  C  CD    . LYS A 1 15  ? 17.194  14.727  4.860   1.00 78.78  ? 56  LYS A CD    1 
ATOM   132  C  CE    . LYS A 1 15  ? 16.978  15.183  3.446   1.00 83.84  ? 56  LYS A CE    1 
ATOM   133  N  NZ    . LYS A 1 15  ? 17.391  14.084  2.520   1.00 87.45  ? 56  LYS A NZ    1 
ATOM   134  N  N     . ASN A 1 16  ? 16.419  10.768  9.068   1.00 69.62  ? 57  ASN A N     1 
ATOM   135  C  CA    . ASN A 1 16  ? 16.187  10.611  10.516  1.00 69.48  ? 57  ASN A CA    1 
ATOM   136  C  C     . ASN A 1 16  ? 16.219  9.122   10.839  1.00 69.00  ? 57  ASN A C     1 
ATOM   137  O  O     . ASN A 1 16  ? 16.379  8.293   9.937   1.00 69.19  ? 57  ASN A O     1 
ATOM   138  C  CB    . ASN A 1 16  ? 14.859  11.237  10.988  1.00 69.70  ? 57  ASN A CB    1 
ATOM   139  C  CG    . ASN A 1 16  ? 13.648  10.799  10.139  1.00 73.28  ? 57  ASN A CG    1 
ATOM   140  O  OD1   . ASN A 1 16  ? 13.777  10.081  9.117   1.00 75.99  ? 57  ASN A OD1   1 
ATOM   141  N  ND2   . ASN A 1 16  ? 12.458  11.213  10.574  1.00 76.26  ? 57  ASN A ND2   1 
ATOM   142  N  N     . VAL A 1 17  ? 16.101  8.773   12.113  1.00 68.10  ? 58  VAL A N     1 
ATOM   143  C  CA    . VAL A 1 17  ? 16.148  7.370   12.484  1.00 67.65  ? 58  VAL A CA    1 
ATOM   144  C  C     . VAL A 1 17  ? 14.961  6.600   11.900  1.00 67.12  ? 58  VAL A C     1 
ATOM   145  O  O     . VAL A 1 17  ? 15.109  5.434   11.512  1.00 67.56  ? 58  VAL A O     1 
ATOM   146  C  CB    . VAL A 1 17  ? 16.283  7.173   14.005  1.00 67.81  ? 58  VAL A CB    1 
ATOM   147  C  CG1   . VAL A 1 17  ? 15.846  5.804   14.391  1.00 67.97  ? 58  VAL A CG1   1 
ATOM   148  C  CG2   . VAL A 1 17  ? 17.753  7.374   14.448  1.00 68.43  ? 58  VAL A CG2   1 
ATOM   149  N  N     . SER A 1 18  ? 13.811  7.280   11.805  1.00 66.51  ? 59  SER A N     1 
ATOM   150  C  CA    . SER A 1 18  ? 12.567  6.788   11.180  1.00 65.93  ? 59  SER A CA    1 
ATOM   151  C  C     . SER A 1 18  ? 12.861  6.285   9.781   1.00 64.95  ? 59  SER A C     1 
ATOM   152  O  O     . SER A 1 18  ? 12.553  5.155   9.411   1.00 65.15  ? 59  SER A O     1 
ATOM   153  C  CB    . SER A 1 18  ? 11.548  7.951   11.079  1.00 66.48  ? 59  SER A CB    1 
ATOM   154  O  OG    . SER A 1 18  ? 11.488  8.656   12.301  1.00 68.74  ? 59  SER A OG    1 
ATOM   155  N  N     . GLN A 1 19  ? 13.525  7.117   9.007   1.00 63.17  ? 60  GLN A N     1 
ATOM   156  C  CA    . GLN A 1 19  ? 13.741  6.755   7.651   1.00 61.59  ? 60  GLN A CA    1 
ATOM   157  C  C     . GLN A 1 19  ? 14.785  5.663   7.490   1.00 60.21  ? 60  GLN A C     1 
ATOM   158  O  O     . GLN A 1 19  ? 14.777  4.927   6.488   1.00 59.17  ? 60  GLN A O     1 
ATOM   159  C  CB    . GLN A 1 19  ? 14.153  7.975   6.872   1.00 61.98  ? 60  GLN A CB    1 
ATOM   160  C  CG    . GLN A 1 19  ? 13.053  8.910   6.581   1.00 63.50  ? 60  GLN A CG    1 
ATOM   161  C  CD    . GLN A 1 19  ? 13.572  10.173  5.954   1.00 65.98  ? 60  GLN A CD    1 
ATOM   162  O  OE1   . GLN A 1 19  ? 14.040  10.183  4.797   1.00 67.98  ? 60  GLN A OE1   1 
ATOM   163  N  NE2   . GLN A 1 19  ? 13.510  11.255  6.711   1.00 66.64  ? 60  GLN A NE2   1 
ATOM   164  N  N     . ASN A 1 20  ? 15.725  5.587   8.428   1.00 59.19  ? 61  ASN A N     1 
ATOM   165  C  CA    . ASN A 1 20  ? 16.780  4.596   8.327   1.00 58.96  ? 61  ASN A CA    1 
ATOM   166  C  C     . ASN A 1 20  ? 16.244  3.208   8.613   1.00 58.42  ? 61  ASN A C     1 
ATOM   167  O  O     . ASN A 1 20  ? 16.517  2.242   7.889   1.00 57.81  ? 61  ASN A O     1 
ATOM   168  C  CB    . ASN A 1 20  ? 17.919  4.914   9.269   1.00 59.41  ? 61  ASN A CB    1 
ATOM   169  C  CG    . ASN A 1 20  ? 19.188  4.268   8.835   1.00 60.16  ? 61  ASN A CG    1 
ATOM   170  O  OD1   . ASN A 1 20  ? 19.674  4.525   7.739   1.00 61.36  ? 61  ASN A OD1   1 
ATOM   171  N  ND2   . ASN A 1 20  ? 19.704  3.380   9.652   1.00 60.75  ? 61  ASN A ND2   1 
ATOM   172  N  N     . ARG A 1 21  ? 15.449  3.138   9.667   1.00 57.97  ? 62  ARG A N     1 
ATOM   173  C  CA    . ARG A 1 21  ? 14.785  1.919   10.044  1.00 57.85  ? 62  ARG A CA    1 
ATOM   174  C  C     . ARG A 1 21  ? 13.849  1.425   8.948   1.00 56.48  ? 62  ARG A C     1 
ATOM   175  O  O     . ARG A 1 21  ? 13.876  0.265   8.561   1.00 56.86  ? 62  ARG A O     1 
ATOM   176  C  CB    . ARG A 1 21  ? 14.069  2.125   11.372  1.00 58.46  ? 62  ARG A CB    1 
ATOM   177  C  CG    . ARG A 1 21  ? 15.013  1.869   12.568  1.00 62.00  ? 62  ARG A CG    1 
ATOM   178  C  CD    . ARG A 1 21  ? 14.296  1.577   13.856  1.00 67.58  ? 62  ARG A CD    1 
ATOM   179  N  NE    . ARG A 1 21  ? 14.270  2.763   14.693  1.00 73.34  ? 62  ARG A NE    1 
ATOM   180  C  CZ    . ARG A 1 21  ? 13.162  3.408   15.052  1.00 77.14  ? 62  ARG A CZ    1 
ATOM   181  N  NH1   . ARG A 1 21  ? 11.962  2.980   14.654  1.00 77.50  ? 62  ARG A NH1   1 
ATOM   182  N  NH2   . ARG A 1 21  ? 13.261  4.494   15.817  1.00 79.43  ? 62  ARG A NH2   1 
ATOM   183  N  N     . ALA A 1 22  ? 13.050  2.327   8.426   1.00 54.88  ? 63  ALA A N     1 
ATOM   184  C  CA    . ALA A 1 22  ? 12.251  2.042   7.261   1.00 53.57  ? 63  ALA A CA    1 
ATOM   185  C  C     . ALA A 1 22  ? 13.063  1.455   6.113   1.00 52.57  ? 63  ALA A C     1 
ATOM   186  O  O     . ALA A 1 22  ? 12.624  0.527   5.488   1.00 53.04  ? 63  ALA A O     1 
ATOM   187  C  CB    . ALA A 1 22  ? 11.527  3.287   6.816   1.00 53.33  ? 63  ALA A CB    1 
ATOM   188  N  N     . LEU A 1 23  ? 14.246  1.991   5.837   1.00 51.95  ? 64  LEU A N     1 
ATOM   189  C  CA    . LEU A 1 23  ? 15.056  1.522   4.688   1.00 51.14  ? 64  LEU A CA    1 
ATOM   190  C  C     . LEU A 1 23  ? 15.680  0.141   4.971   1.00 51.44  ? 64  LEU A C     1 
ATOM   191  O  O     . LEU A 1 23  ? 15.842  -0.699  4.078   1.00 50.75  ? 64  LEU A O     1 
ATOM   192  C  CB    . LEU A 1 23  ? 16.133  2.549   4.343   1.00 50.56  ? 64  LEU A CB    1 
ATOM   193  C  CG    . LEU A 1 23  ? 17.245  2.169   3.337   1.00 51.31  ? 64  LEU A CG    1 
ATOM   194  C  CD1   . LEU A 1 23  ? 16.721  1.947   1.931   1.00 49.69  ? 64  LEU A CD1   1 
ATOM   195  C  CD2   . LEU A 1 23  ? 18.339  3.207   3.312   1.00 52.58  ? 64  LEU A CD2   1 
ATOM   196  N  N     . LEU A 1 24  ? 16.028  -0.084  6.230   1.00 51.69  ? 65  LEU A N     1 
ATOM   197  C  CA    . LEU A 1 24  ? 16.543  -1.368  6.641   1.00 52.41  ? 65  LEU A CA    1 
ATOM   198  C  C     . LEU A 1 24  ? 15.478  -2.436  6.485   1.00 52.15  ? 65  LEU A C     1 
ATOM   199  O  O     . LEU A 1 24  ? 15.676  -3.441  5.773   1.00 53.21  ? 65  LEU A O     1 
ATOM   200  C  CB    . LEU A 1 24  ? 17.075  -1.308  8.077   1.00 52.94  ? 65  LEU A CB    1 
ATOM   201  C  CG    . LEU A 1 24  ? 18.547  -0.868  8.059   1.00 55.66  ? 65  LEU A CG    1 
ATOM   202  C  CD1   . LEU A 1 24  ? 19.059  -0.405  9.440   1.00 55.23  ? 65  LEU A CD1   1 
ATOM   203  C  CD2   . LEU A 1 24  ? 19.417  -1.991  7.420   1.00 59.00  ? 65  LEU A CD2   1 
ATOM   204  N  N     . THR A 1 25  ? 14.322  -2.187  7.090   1.00 50.93  ? 66  THR A N     1 
ATOM   205  C  CA    . THR A 1 25  ? 13.178  -3.060  6.976   1.00 49.90  ? 66  THR A CA    1 
ATOM   206  C  C     . THR A 1 25  ? 12.883  -3.375  5.531   1.00 50.03  ? 66  THR A C     1 
ATOM   207  O  O     . THR A 1 25  ? 12.788  -4.513  5.164   1.00 49.70  ? 66  THR A O     1 
ATOM   208  C  CB    . THR A 1 25  ? 11.975  -2.420  7.599   1.00 49.98  ? 66  THR A CB    1 
ATOM   209  O  OG1   . THR A 1 25  ? 12.194  -2.270  9.004   1.00 51.51  ? 66  THR A OG1   1 
ATOM   210  C  CG2   . THR A 1 25  ? 10.755  -3.263  7.399   1.00 49.80  ? 66  THR A CG2   1 
ATOM   211  N  N     . ILE A 1 26  ? 12.802  -2.359  4.691   1.00 51.04  ? 67  ILE A N     1 
ATOM   212  C  CA    . ILE A 1 26  ? 12.419  -2.561  3.302   1.00 52.02  ? 67  ILE A CA    1 
ATOM   213  C  C     . ILE A 1 26  ? 13.402  -3.497  2.623   1.00 52.83  ? 67  ILE A C     1 
ATOM   214  O  O     . ILE A 1 26  ? 12.994  -4.427  1.900   1.00 52.82  ? 67  ILE A O     1 
ATOM   215  C  CB    . ILE A 1 26  ? 12.322  -1.213  2.527   1.00 52.20  ? 67  ILE A CB    1 
ATOM   216  C  CG1   . ILE A 1 26  ? 11.101  -0.431  3.019   1.00 51.65  ? 67  ILE A CG1   1 
ATOM   217  C  CG2   . ILE A 1 26  ? 12.285  -1.456  0.986   1.00 50.72  ? 67  ILE A CG2   1 
ATOM   218  C  CD1   . ILE A 1 26  ? 11.110  1.028   2.706   1.00 51.60  ? 67  ILE A CD1   1 
ATOM   219  N  N     . ARG A 1 27  ? 14.693  -3.255  2.880   1.00 53.42  ? 68  ARG A N     1 
ATOM   220  C  CA    . ARG A 1 27  ? 15.771  -4.072  2.338   1.00 53.93  ? 68  ARG A CA    1 
ATOM   221  C  C     . ARG A 1 27  ? 15.659  -5.547  2.713   1.00 54.14  ? 68  ARG A C     1 
ATOM   222  O  O     . ARG A 1 27  ? 15.633  -6.429  1.813   1.00 53.48  ? 68  ARG A O     1 
ATOM   223  C  CB    . ARG A 1 27  ? 17.134  -3.489  2.706   1.00 54.10  ? 68  ARG A CB    1 
ATOM   224  C  CG    . ARG A 1 27  ? 17.725  -2.766  1.523   1.00 55.32  ? 68  ARG A CG    1 
ATOM   225  C  CD    . ARG A 1 27  ? 18.657  -1.619  1.833   1.00 58.92  ? 68  ARG A CD    1 
ATOM   226  N  NE    . ARG A 1 27  ? 19.248  -1.063  0.589   1.00 62.35  ? 68  ARG A NE    1 
ATOM   227  C  CZ    . ARG A 1 27  ? 18.924  -1.448  -0.661  1.00 63.05  ? 68  ARG A CZ    1 
ATOM   228  N  NH1   . ARG A 1 27  ? 18.007  -2.397  -0.860  1.00 64.26  ? 68  ARG A NH1   1 
ATOM   229  N  NH2   . ARG A 1 27  ? 19.512  -0.895  -1.725  1.00 60.77  ? 68  ARG A NH2   1 
ATOM   230  N  N     . VAL A 1 28  ? 15.543  -5.818  4.018   1.00 53.93  ? 69  VAL A N     1 
ATOM   231  C  CA    . VAL A 1 28  ? 15.288  -7.185  4.499   1.00 54.79  ? 69  VAL A CA    1 
ATOM   232  C  C     . VAL A 1 28  ? 14.033  -7.784  3.824   1.00 56.06  ? 69  VAL A C     1 
ATOM   233  O  O     . VAL A 1 28  ? 14.043  -8.901  3.336   1.00 56.95  ? 69  VAL A O     1 
ATOM   234  C  CB    . VAL A 1 28  ? 15.072  -7.239  6.027   1.00 54.66  ? 69  VAL A CB    1 
ATOM   235  C  CG1   . VAL A 1 28  ? 14.802  -8.651  6.462   1.00 53.69  ? 69  VAL A CG1   1 
ATOM   236  C  CG2   . VAL A 1 28  ? 16.246  -6.661  6.788   1.00 55.11  ? 69  VAL A CG2   1 
ATOM   237  N  N     . PHE A 1 29  ? 12.957  -7.006  3.784   1.00 57.40  ? 70  PHE A N     1 
ATOM   238  C  CA    . PHE A 1 29  ? 11.686  -7.429  3.206   1.00 57.56  ? 70  PHE A CA    1 
ATOM   239  C  C     . PHE A 1 29  ? 11.852  -7.835  1.776   1.00 58.33  ? 70  PHE A C     1 
ATOM   240  O  O     . PHE A 1 29  ? 11.315  -8.843  1.361   1.00 58.99  ? 70  PHE A O     1 
ATOM   241  C  CB    . PHE A 1 29  ? 10.655  -6.295  3.296   1.00 57.38  ? 70  PHE A CB    1 
ATOM   242  C  CG    . PHE A 1 29  ? 9.357   -6.606  2.649   1.00 55.04  ? 70  PHE A CG    1 
ATOM   243  C  CD1   . PHE A 1 29  ? 8.370   -7.268  3.355   1.00 53.91  ? 70  PHE A CD1   1 
ATOM   244  C  CD2   . PHE A 1 29  ? 9.105   -6.219  1.347   1.00 54.54  ? 70  PHE A CD2   1 
ATOM   245  C  CE1   . PHE A 1 29  ? 7.151   -7.576  2.774   1.00 52.49  ? 70  PHE A CE1   1 
ATOM   246  C  CE2   . PHE A 1 29  ? 7.890   -6.522  0.752   1.00 56.14  ? 70  PHE A CE2   1 
ATOM   247  C  CZ    . PHE A 1 29  ? 6.909   -7.210  1.474   1.00 54.21  ? 70  PHE A CZ    1 
ATOM   248  N  N     . VAL A 1 30  ? 12.545  -7.025  0.994   1.00 59.65  ? 71  VAL A N     1 
ATOM   249  C  CA    . VAL A 1 30  ? 12.690  -7.325  -0.421  1.00 61.22  ? 71  VAL A CA    1 
ATOM   250  C  C     . VAL A 1 30  ? 13.553  -8.525  -0.666  1.00 62.52  ? 71  VAL A C     1 
ATOM   251  O  O     . VAL A 1 30  ? 13.515  -9.091  -1.736  1.00 62.76  ? 71  VAL A O     1 
ATOM   252  C  CB    . VAL A 1 30  ? 13.349  -6.187  -1.183  1.00 61.11  ? 71  VAL A CB    1 
ATOM   253  C  CG1   . VAL A 1 30  ? 13.471  -6.537  -2.651  1.00 61.29  ? 71  VAL A CG1   1 
ATOM   254  C  CG2   . VAL A 1 30  ? 12.565  -4.915  -1.005  1.00 61.24  ? 71  VAL A CG2   1 
ATOM   255  N  N     . HIS A 1 31  ? 14.357  -8.898  0.311   1.00 63.96  ? 72  HIS A N     1 
ATOM   256  C  CA    . HIS A 1 31  ? 15.389  -9.848  0.032   1.00 65.63  ? 72  HIS A CA    1 
ATOM   257  C  C     . HIS A 1 31  ? 14.854  -11.238 0.278   1.00 65.38  ? 72  HIS A C     1 
ATOM   258  O  O     . HIS A 1 31  ? 15.287  -12.230 -0.356  1.00 65.63  ? 72  HIS A O     1 
ATOM   259  C  CB    . HIS A 1 31  ? 16.598  -9.606  0.926   1.00 66.37  ? 72  HIS A CB    1 
ATOM   260  C  CG    . HIS A 1 31  ? 17.676  -10.622 0.728   1.00 70.26  ? 72  HIS A CG    1 
ATOM   261  N  ND1   . HIS A 1 31  ? 18.409  -11.163 1.769   1.00 72.28  ? 72  HIS A ND1   1 
ATOM   262  C  CD2   . HIS A 1 31  ? 18.047  -11.297 -0.389  1.00 72.15  ? 72  HIS A CD2   1 
ATOM   263  C  CE1   . HIS A 1 31  ? 19.248  -12.064 1.286   1.00 73.63  ? 72  HIS A CE1   1 
ATOM   264  N  NE2   . HIS A 1 31  ? 19.056  -12.157 -0.022  1.00 74.17  ? 72  HIS A NE2   1 
ATOM   265  N  N     . ASN A 1 32  ? 13.908  -11.272 1.216   1.00 64.62  ? 73  ASN A N     1 
ATOM   266  C  CA    . ASN A 1 32  ? 13.157  -12.464 1.595   1.00 63.96  ? 73  ASN A CA    1 
ATOM   267  C  C     . ASN A 1 32  ? 11.806  -12.496 0.903   1.00 63.59  ? 73  ASN A C     1 
ATOM   268  O  O     . ASN A 1 32  ? 10.924  -13.220 1.340   1.00 63.51  ? 73  ASN A O     1 
ATOM   269  C  CB    . ASN A 1 32  ? 12.891  -12.470 3.107   1.00 63.88  ? 73  ASN A CB    1 
ATOM   270  C  CG    . ASN A 1 32  ? 14.160  -12.454 3.942   1.00 64.15  ? 73  ASN A CG    1 
ATOM   271  O  OD1   . ASN A 1 32  ? 15.176  -13.019 3.559   1.00 67.05  ? 73  ASN A OD1   1 
ATOM   272  N  ND2   . ASN A 1 32  ? 14.096  -11.808 5.092   1.00 64.01  ? 73  ASN A ND2   1 
ATOM   273  N  N     . PHE A 1 33  ? 11.607  -11.682 -0.136  1.00 62.93  ? 74  PHE A N     1 
ATOM   274  C  CA    . PHE A 1 33  ? 10.276  -11.586 -0.707  1.00 62.07  ? 74  PHE A CA    1 
ATOM   275  C  C     . PHE A 1 33  ? 9.810   -12.859 -1.394  1.00 62.98  ? 74  PHE A C     1 
ATOM   276  O  O     . PHE A 1 33  ? 10.549  -13.470 -2.158  1.00 63.36  ? 74  PHE A O     1 
ATOM   277  C  CB    . PHE A 1 33  ? 10.122  -10.420 -1.677  1.00 61.59  ? 74  PHE A CB    1 
ATOM   278  C  CG    . PHE A 1 33  ? 8.672   -10.221 -2.169  1.00 58.60  ? 74  PHE A CG    1 
ATOM   279  C  CD1   . PHE A 1 33  ? 7.758   -9.490  -1.411  1.00 54.42  ? 74  PHE A CD1   1 
ATOM   280  C  CD2   . PHE A 1 33  ? 8.226   -10.800 -3.353  1.00 55.51  ? 74  PHE A CD2   1 
ATOM   281  C  CE1   . PHE A 1 33  ? 6.474   -9.324  -1.834  1.00 50.75  ? 74  PHE A CE1   1 
ATOM   282  C  CE2   . PHE A 1 33  ? 6.924   -10.645 -3.767  1.00 52.09  ? 74  PHE A CE2   1 
ATOM   283  C  CZ    . PHE A 1 33  ? 6.063   -9.871  -3.013  1.00 50.77  ? 74  PHE A CZ    1 
ATOM   284  N  N     . ASN A 1 34  ? 8.549   -13.202 -1.147  1.00 63.61  ? 75  ASN A N     1 
ATOM   285  C  CA    . ASN A 1 34  ? 7.929   -14.417 -1.624  1.00 64.54  ? 75  ASN A CA    1 
ATOM   286  C  C     . ASN A 1 34  ? 6.493   -14.122 -1.925  1.00 64.55  ? 75  ASN A C     1 
ATOM   287  O  O     . ASN A 1 34  ? 5.648   -14.076 -1.029  1.00 64.94  ? 75  ASN A O     1 
ATOM   288  C  CB    . ASN A 1 34  ? 7.996   -15.514 -0.557  1.00 65.27  ? 75  ASN A CB    1 
ATOM   289  C  CG    . ASN A 1 34  ? 7.555   -16.894 -1.098  1.00 67.91  ? 75  ASN A CG    1 
ATOM   290  O  OD1   . ASN A 1 34  ? 7.111   -17.031 -2.271  1.00 68.67  ? 75  ASN A OD1   1 
ATOM   291  N  ND2   . ASN A 1 34  ? 7.667   -17.920 -0.238  1.00 69.67  ? 75  ASN A ND2   1 
ATOM   292  N  N     . PRO A 1 35  ? 6.217   -13.898 -3.183  1.00 64.87  ? 76  PRO A N     1 
ATOM   293  C  CA    . PRO A 1 35  ? 4.900   -13.577 -3.666  1.00 65.53  ? 76  PRO A CA    1 
ATOM   294  C  C     . PRO A 1 35  ? 3.889   -14.411 -2.871  1.00 66.28  ? 76  PRO A C     1 
ATOM   295  O  O     . PRO A 1 35  ? 2.793   -13.926 -2.549  1.00 67.15  ? 76  PRO A O     1 
ATOM   296  C  CB    . PRO A 1 35  ? 4.938   -14.006 -5.153  1.00 65.22  ? 76  PRO A CB    1 
ATOM   297  C  CG    . PRO A 1 35  ? 6.325   -14.585 -5.381  1.00 65.04  ? 76  PRO A CG    1 
ATOM   298  C  CD    . PRO A 1 35  ? 7.189   -14.076 -4.249  1.00 65.23  ? 76  PRO A CD    1 
ATOM   299  N  N     . GLU A 1 36  ? 4.271   -15.645 -2.555  1.00 66.14  ? 77  GLU A N     1 
ATOM   300  C  CA    . GLU A 1 36  ? 3.415   -16.598 -1.878  1.00 66.19  ? 77  GLU A CA    1 
ATOM   301  C  C     . GLU A 1 36  ? 2.982   -16.292 -0.447  1.00 65.37  ? 77  GLU A C     1 
ATOM   302  O  O     . GLU A 1 36  ? 1.966   -16.826 0.009   1.00 65.76  ? 77  GLU A O     1 
ATOM   303  C  CB    . GLU A 1 36  ? 4.078   -17.984 -1.918  1.00 66.91  ? 77  GLU A CB    1 
ATOM   304  C  CG    . GLU A 1 36  ? 4.281   -18.539 -3.330  1.00 70.17  ? 77  GLU A CG    1 
ATOM   305  C  CD    . GLU A 1 36  ? 2.970   -18.690 -4.078  1.00 74.58  ? 77  GLU A CD    1 
ATOM   306  O  OE1   . GLU A 1 36  ? 2.002   -19.237 -3.491  1.00 75.34  ? 77  GLU A OE1   1 
ATOM   307  O  OE2   . GLU A 1 36  ? 2.907   -18.226 -5.240  1.00 78.20  ? 77  GLU A OE2   1 
ATOM   308  N  N     . GLU A 1 37  ? 3.727   -15.452 0.260   1.00 64.44  ? 78  GLU A N     1 
ATOM   309  C  CA    . GLU A 1 37  ? 3.450   -15.225 1.688   1.00 64.41  ? 78  GLU A CA    1 
ATOM   310  C  C     . GLU A 1 37  ? 2.366   -14.168 1.892   1.00 63.40  ? 78  GLU A C     1 
ATOM   311  O  O     . GLU A 1 37  ? 1.822   -14.020 2.982   1.00 63.26  ? 78  GLU A O     1 
ATOM   312  C  CB    . GLU A 1 37  ? 4.706   -14.831 2.453   1.00 65.28  ? 78  GLU A CB    1 
ATOM   313  C  CG    . GLU A 1 37  ? 5.875   -15.815 2.351   1.00 70.76  ? 78  GLU A CG    1 
ATOM   314  C  CD    . GLU A 1 37  ? 7.069   -15.396 3.222   1.00 78.40  ? 78  GLU A CD    1 
ATOM   315  O  OE1   . GLU A 1 37  ? 7.233   -14.164 3.482   1.00 80.47  ? 78  GLU A OE1   1 
ATOM   316  O  OE2   . GLU A 1 37  ? 7.848   -16.304 3.636   1.00 80.72  ? 78  GLU A OE2   1 
ATOM   317  N  N     . GLY A 1 38  ? 2.028   -13.444 0.839   1.00 62.51  ? 79  GLY A N     1 
ATOM   318  C  CA    . GLY A 1 38  ? 1.110   -12.343 0.990   1.00 61.21  ? 79  GLY A CA    1 
ATOM   319  C  C     . GLY A 1 38  ? 1.504   -11.354 2.074   1.00 60.36  ? 79  GLY A C     1 
ATOM   320  O  O     . GLY A 1 38  ? 0.641   -10.834 2.788   1.00 60.23  ? 79  GLY A O     1 
ATOM   321  N  N     . LYS A 1 39  ? 2.802   -11.098 2.221   1.00 59.62  ? 80  LYS A N     1 
ATOM   322  C  CA    . LYS A 1 39  ? 3.249   -10.091 3.199   1.00 59.05  ? 80  LYS A CA    1 
ATOM   323  C  C     . LYS A 1 39  ? 3.463   -8.717  2.552   1.00 57.72  ? 80  LYS A C     1 
ATOM   324  O  O     . LYS A 1 39  ? 3.813   -8.632  1.363   1.00 57.98  ? 80  LYS A O     1 
ATOM   325  C  CB    . LYS A 1 39  ? 4.510   -10.561 3.921   1.00 59.71  ? 80  LYS A CB    1 
ATOM   326  C  CG    . LYS A 1 39  ? 4.204   -11.444 5.085   1.00 62.07  ? 80  LYS A CG    1 
ATOM   327  C  CD    . LYS A 1 39  ? 5.192   -11.195 6.192   1.00 65.70  ? 80  LYS A CD    1 
ATOM   328  C  CE    . LYS A 1 39  ? 6.414   -12.039 5.974   1.00 68.76  ? 80  LYS A CE    1 
ATOM   329  N  NZ    . LYS A 1 39  ? 7.662   -11.386 6.462   1.00 71.53  ? 80  LYS A NZ    1 
ATOM   330  N  N     . GLY A 1 40  ? 3.225   -7.652  3.313   1.00 55.40  ? 81  GLY A N     1 
ATOM   331  C  CA    . GLY A 1 40  ? 3.386   -6.297  2.779   1.00 53.94  ? 81  GLY A CA    1 
ATOM   332  C  C     . GLY A 1 40  ? 3.915   -5.329  3.833   1.00 53.65  ? 81  GLY A C     1 
ATOM   333  O  O     . GLY A 1 40  ? 4.314   -5.743  4.939   1.00 53.41  ? 81  GLY A O     1 
ATOM   334  N  N     . LEU A 1 41  ? 3.941   -4.036  3.490   1.00 52.51  ? 82  LEU A N     1 
ATOM   335  C  CA    . LEU A 1 41  ? 4.229   -3.011  4.471   1.00 51.00  ? 82  LEU A CA    1 
ATOM   336  C  C     . LEU A 1 41  ? 3.251   -1.903  4.398   1.00 50.05  ? 82  LEU A C     1 
ATOM   337  O  O     . LEU A 1 41  ? 2.748   -1.559  3.334   1.00 50.04  ? 82  LEU A O     1 
ATOM   338  C  CB    . LEU A 1 41  ? 5.589   -2.395  4.210   1.00 51.81  ? 82  LEU A CB    1 
ATOM   339  C  CG    . LEU A 1 41  ? 6.689   -3.265  3.636   1.00 52.13  ? 82  LEU A CG    1 
ATOM   340  C  CD1   . LEU A 1 41  ? 7.559   -2.448  2.615   1.00 49.03  ? 82  LEU A CD1   1 
ATOM   341  C  CD2   . LEU A 1 41  ? 7.557   -3.823  4.805   1.00 53.46  ? 82  LEU A CD2   1 
ATOM   342  N  N     . THR A 1 42  ? 3.044   -1.267  5.528   1.00 49.25  ? 83  THR A N     1 
ATOM   343  C  CA    . THR A 1 42  ? 2.184   -0.123  5.566   1.00 49.39  ? 83  THR A CA    1 
ATOM   344  C  C     . THR A 1 42  ? 3.037   1.087   5.971   1.00 49.77  ? 83  THR A C     1 
ATOM   345  O  O     . THR A 1 42  ? 3.712   1.061   6.995   1.00 49.66  ? 83  THR A O     1 
ATOM   346  C  CB    . THR A 1 42  ? 1.049   -0.318  6.634   1.00 49.59  ? 83  THR A CB    1 
ATOM   347  O  OG1   . THR A 1 42  ? 0.258   -1.463  6.297   1.00 49.69  ? 83  THR A OG1   1 
ATOM   348  C  CG2   . THR A 1 42  ? 0.146   0.927   6.737   1.00 48.53  ? 83  THR A CG2   1 
ATOM   349  N  N     . PHE A 1 43  ? 2.995   2.141   5.165   1.00 50.23  ? 84  PHE A N     1 
ATOM   350  C  CA    . PHE A 1 43  ? 3.712   3.382   5.461   1.00 50.59  ? 84  PHE A CA    1 
ATOM   351  C  C     . PHE A 1 43  ? 2.668   4.444   5.842   1.00 50.92  ? 84  PHE A C     1 
ATOM   352  O  O     . PHE A 1 43  ? 1.794   4.769   5.018   1.00 50.62  ? 84  PHE A O     1 
ATOM   353  C  CB    . PHE A 1 43  ? 4.429   3.885   4.214   1.00 50.47  ? 84  PHE A CB    1 
ATOM   354  C  CG    . PHE A 1 43  ? 5.473   2.953   3.670   1.00 50.57  ? 84  PHE A CG    1 
ATOM   355  C  CD1   . PHE A 1 43  ? 6.756   2.971   4.177   1.00 50.93  ? 84  PHE A CD1   1 
ATOM   356  C  CD2   . PHE A 1 43  ? 5.188   2.093   2.619   1.00 52.23  ? 84  PHE A CD2   1 
ATOM   357  C  CE1   . PHE A 1 43  ? 7.748   2.122   3.661   1.00 50.54  ? 84  PHE A CE1   1 
ATOM   358  C  CE2   . PHE A 1 43  ? 6.188   1.242   2.084   1.00 51.92  ? 84  PHE A CE2   1 
ATOM   359  C  CZ    . PHE A 1 43  ? 7.467   1.272   2.612   1.00 50.96  ? 84  PHE A CZ    1 
ATOM   360  N  N     . VAL A 1 44  ? 2.803   4.983   7.054   1.00 51.07  ? 85  VAL A N     1 
ATOM   361  C  CA    . VAL A 1 44  ? 1.916   5.967   7.644   1.00 52.31  ? 85  VAL A CA    1 
ATOM   362  C  C     . VAL A 1 44  ? 2.637   7.306   7.554   1.00 53.57  ? 85  VAL A C     1 
ATOM   363  O  O     . VAL A 1 44  ? 3.522   7.454   6.712   1.00 56.39  ? 85  VAL A O     1 
ATOM   364  C  CB    . VAL A 1 44  ? 1.697   5.603   9.088   1.00 52.05  ? 85  VAL A CB    1 
ATOM   365  C  CG1   . VAL A 1 44  ? 0.544   6.382   9.638   1.00 53.32  ? 85  VAL A CG1   1 
ATOM   366  C  CG2   . VAL A 1 44  ? 1.412   4.171   9.177   1.00 52.07  ? 85  VAL A CG2   1 
ATOM   367  N  N     . GLY A 1 45  ? 2.302   8.302   8.371   1.00 53.43  ? 86  GLY A N     1 
ATOM   368  C  CA    . GLY A 1 45  ? 3.080   9.544   8.295   1.00 53.53  ? 86  GLY A CA    1 
ATOM   369  C  C     . GLY A 1 45  ? 2.452   10.775  7.666   1.00 54.13  ? 86  GLY A C     1 
ATOM   370  O  O     . GLY A 1 45  ? 1.553   10.687  6.846   1.00 52.47  ? 86  GLY A O     1 
ATOM   371  N  N     . SER A 1 46  ? 2.868   11.930  8.168   1.00 56.10  ? 87  SER A N     1 
ATOM   372  C  CA    . SER A 1 46  ? 2.497   13.180  7.577   1.00 57.66  ? 87  SER A CA    1 
ATOM   373  C  C     . SER A 1 46  ? 3.008   13.101  6.181   1.00 59.18  ? 87  SER A C     1 
ATOM   374  O  O     . SER A 1 46  ? 3.641   12.126  5.800   1.00 59.55  ? 87  SER A O     1 
ATOM   375  C  CB    . SER A 1 46  ? 3.146   14.327  8.303   1.00 57.31  ? 87  SER A CB    1 
ATOM   376  O  OG    . SER A 1 46  ? 2.449   14.564  9.505   1.00 56.48  ? 87  SER A OG    1 
ATOM   377  N  N     . PRO A 1 47  ? 2.708   14.128  5.399   1.00 60.34  ? 88  PRO A N     1 
ATOM   378  C  CA    . PRO A 1 47  ? 2.940   14.189  3.967   1.00 61.13  ? 88  PRO A CA    1 
ATOM   379  C  C     . PRO A 1 47  ? 4.227   14.879  3.598   1.00 61.34  ? 88  PRO A C     1 
ATOM   380  O  O     . PRO A 1 47  ? 4.880   15.526  4.441   1.00 61.78  ? 88  PRO A O     1 
ATOM   381  C  CB    . PRO A 1 47  ? 1.759   15.023  3.445   1.00 61.35  ? 88  PRO A CB    1 
ATOM   382  C  CG    . PRO A 1 47  ? 1.208   15.740  4.681   1.00 61.43  ? 88  PRO A CG    1 
ATOM   383  C  CD    . PRO A 1 47  ? 2.021   15.317  5.889   1.00 60.44  ? 88  PRO A CD    1 
ATOM   384  N  N     . GLY A 1 48  ? 4.578   14.743  2.322   1.00 61.12  ? 89  GLY A N     1 
ATOM   385  C  CA    . GLY A 1 48  ? 5.855   15.229  1.822   1.00 61.45  ? 89  GLY A CA    1 
ATOM   386  C  C     . GLY A 1 48  ? 6.987   14.501  2.536   1.00 61.37  ? 89  GLY A C     1 
ATOM   387  O  O     . GLY A 1 48  ? 8.144   14.939  2.540   1.00 61.95  ? 89  GLY A O     1 
ATOM   388  N  N     . VAL A 1 49  ? 6.670   13.365  3.132   1.00 60.45  ? 90  VAL A N     1 
ATOM   389  C  CA    . VAL A 1 49  ? 7.670   12.672  3.933   1.00 58.83  ? 90  VAL A CA    1 
ATOM   390  C  C     . VAL A 1 49  ? 8.374   11.525  3.183   1.00 57.60  ? 90  VAL A C     1 
ATOM   391  O  O     . VAL A 1 49  ? 9.237   10.884  3.725   1.00 57.50  ? 90  VAL A O     1 
ATOM   392  C  CB    . VAL A 1 49  ? 7.036   12.164  5.230   1.00 58.77  ? 90  VAL A CB    1 
ATOM   393  C  CG1   . VAL A 1 49  ? 7.947   11.241  5.973   1.00 59.44  ? 90  VAL A CG1   1 
ATOM   394  C  CG2   . VAL A 1 49  ? 6.649   13.342  6.067   1.00 58.60  ? 90  VAL A CG2   1 
ATOM   395  N  N     . GLY A 1 50  ? 8.019   11.267  1.935   1.00 55.96  ? 91  GLY A N     1 
ATOM   396  C  CA    . GLY A 1 50  ? 8.720   10.200  1.228   1.00 53.79  ? 91  GLY A CA    1 
ATOM   397  C  C     . GLY A 1 50  ? 8.145   8.817   1.470   1.00 52.69  ? 91  GLY A C     1 
ATOM   398  O  O     . GLY A 1 50  ? 8.799   7.806   1.163   1.00 52.73  ? 91  GLY A O     1 
ATOM   399  N  N     . LYS A 1 51  ? 6.902   8.760   1.970   1.00 51.70  ? 92  LYS A N     1 
ATOM   400  C  CA    . LYS A 1 51  ? 6.154   7.493   2.070   1.00 50.82  ? 92  LYS A CA    1 
ATOM   401  C  C     . LYS A 1 51  ? 5.941   6.882   0.706   1.00 50.81  ? 92  LYS A C     1 
ATOM   402  O  O     . LYS A 1 51  ? 6.315   5.743   0.476   1.00 51.61  ? 92  LYS A O     1 
ATOM   403  C  CB    . LYS A 1 51  ? 4.805   7.670   2.771   1.00 49.89  ? 92  LYS A CB    1 
ATOM   404  C  CG    . LYS A 1 51  ? 4.939   8.064   4.204   1.00 49.12  ? 92  LYS A CG    1 
ATOM   405  C  CD    . LYS A 1 51  ? 3.704   7.665   5.004   1.00 51.21  ? 92  LYS A CD    1 
ATOM   406  C  CE    . LYS A 1 51  ? 2.526   8.525   4.635   1.00 48.03  ? 92  LYS A CE    1 
ATOM   407  N  NZ    . LYS A 1 51  ? 2.912   9.861   4.104   1.00 48.45  ? 92  LYS A NZ    1 
ATOM   408  N  N     . THR A 1 52  ? 5.392   7.662   -0.214  1.00 50.34  ? 93  THR A N     1 
ATOM   409  C  CA    . THR A 1 52  ? 5.098   7.168   -1.551  1.00 49.56  ? 93  THR A CA    1 
ATOM   410  C  C     . THR A 1 52  ? 6.408   6.888   -2.307  1.00 49.73  ? 93  THR A C     1 
ATOM   411  O  O     . THR A 1 52  ? 6.540   5.871   -2.973  1.00 49.68  ? 93  THR A O     1 
ATOM   412  C  CB    . THR A 1 52  ? 4.237   8.170   -2.326  1.00 49.33  ? 93  THR A CB    1 
ATOM   413  O  OG1   . THR A 1 52  ? 2.996   8.385   -1.626  1.00 48.36  ? 93  THR A OG1   1 
ATOM   414  C  CG2   . THR A 1 52  ? 3.968   7.673   -3.735  1.00 48.40  ? 93  THR A CG2   1 
ATOM   415  N  N     . HIS A 1 53  ? 7.379   7.782   -2.178  1.00 49.52  ? 94  HIS A N     1 
ATOM   416  C  CA    . HIS A 1 53  ? 8.720   7.548   -2.706  1.00 50.24  ? 94  HIS A CA    1 
ATOM   417  C  C     . HIS A 1 53  ? 9.225   6.148   -2.302  1.00 49.83  ? 94  HIS A C     1 
ATOM   418  O  O     . HIS A 1 53  ? 9.634   5.365   -3.149  1.00 49.22  ? 94  HIS A O     1 
ATOM   419  C  CB    . HIS A 1 53  ? 9.682   8.623   -2.186  1.00 50.69  ? 94  HIS A CB    1 
ATOM   420  C  CG    . HIS A 1 53  ? 11.100  8.476   -2.671  1.00 52.98  ? 94  HIS A CG    1 
ATOM   421  N  ND1   . HIS A 1 53  ? 11.621  9.214   -3.719  1.00 55.56  ? 94  HIS A ND1   1 
ATOM   422  C  CD2   . HIS A 1 53  ? 12.113  7.694   -2.229  1.00 53.66  ? 94  HIS A CD2   1 
ATOM   423  C  CE1   . HIS A 1 53  ? 12.898  8.907   -3.884  1.00 53.10  ? 94  HIS A CE1   1 
ATOM   424  N  NE2   . HIS A 1 53  ? 13.222  7.990   -2.993  1.00 52.66  ? 94  HIS A NE2   1 
ATOM   425  N  N     . LEU A 1 54  ? 9.137   5.826   -1.015  1.00 49.23  ? 95  LEU A N     1 
ATOM   426  C  CA    . LEU A 1 54  ? 9.604   4.549   -0.543  1.00 49.49  ? 95  LEU A CA    1 
ATOM   427  C  C     . LEU A 1 54  ? 8.811   3.347   -1.062  1.00 50.00  ? 95  LEU A C     1 
ATOM   428  O  O     . LEU A 1 54  ? 9.365   2.239   -1.192  1.00 51.13  ? 95  LEU A O     1 
ATOM   429  C  CB    . LEU A 1 54  ? 9.615   4.517   0.978   1.00 49.24  ? 95  LEU A CB    1 
ATOM   430  C  CG    . LEU A 1 54  ? 10.839  5.103   1.650   1.00 48.16  ? 95  LEU A CG    1 
ATOM   431  C  CD1   . LEU A 1 54  ? 10.665  5.144   3.137   1.00 45.09  ? 95  LEU A CD1   1 
ATOM   432  C  CD2   . LEU A 1 54  ? 12.038  4.249   1.298   1.00 48.06  ? 95  LEU A CD2   1 
ATOM   433  N  N     . ALA A 1 55  ? 7.519   3.538   -1.329  1.00 49.77  ? 96  ALA A N     1 
ATOM   434  C  CA    . ALA A 1 55  ? 6.663   2.437   -1.796  1.00 49.06  ? 96  ALA A CA    1 
ATOM   435  C  C     . ALA A 1 55  ? 6.941   2.127   -3.264  1.00 49.12  ? 96  ALA A C     1 
ATOM   436  O  O     . ALA A 1 55  ? 6.969   0.976   -3.657  1.00 49.94  ? 96  ALA A O     1 
ATOM   437  C  CB    . ALA A 1 55  ? 5.201   2.758   -1.585  1.00 48.61  ? 96  ALA A CB    1 
ATOM   438  N  N     . VAL A 1 56  ? 7.159   3.161   -4.070  1.00 49.44  ? 97  VAL A N     1 
ATOM   439  C  CA    . VAL A 1 56  ? 7.594   2.992   -5.458  1.00 49.56  ? 97  VAL A CA    1 
ATOM   440  C  C     . VAL A 1 56  ? 8.973   2.338   -5.487  1.00 50.06  ? 97  VAL A C     1 
ATOM   441  O  O     . VAL A 1 56  ? 9.240   1.436   -6.297  1.00 50.70  ? 97  VAL A O     1 
ATOM   442  C  CB    . VAL A 1 56  ? 7.617   4.368   -6.204  1.00 49.47  ? 97  VAL A CB    1 
ATOM   443  C  CG1   . VAL A 1 56  ? 8.484   4.316   -7.464  1.00 48.98  ? 97  VAL A CG1   1 
ATOM   444  C  CG2   . VAL A 1 56  ? 6.178   4.815   -6.545  1.00 48.10  ? 97  VAL A CG2   1 
ATOM   445  N  N     . ALA A 1 57  ? 9.847   2.799   -4.598  1.00 50.35  ? 98  ALA A N     1 
ATOM   446  C  CA    . ALA A 1 57  ? 11.175  2.258   -4.481  1.00 50.71  ? 98  ALA A CA    1 
ATOM   447  C  C     . ALA A 1 57  ? 11.079  0.767   -4.178  1.00 51.54  ? 98  ALA A C     1 
ATOM   448  O  O     . ALA A 1 57  ? 11.590  -0.038  -4.953  1.00 52.81  ? 98  ALA A O     1 
ATOM   449  C  CB    . ALA A 1 57  ? 11.956  2.987   -3.424  1.00 49.90  ? 98  ALA A CB    1 
ATOM   450  N  N     . THR A 1 58  ? 10.358  0.403   -3.113  1.00 51.47  ? 99  THR A N     1 
ATOM   451  C  CA    . THR A 1 58  ? 10.121  -1.000  -2.744  1.00 51.65  ? 99  THR A CA    1 
ATOM   452  C  C     . THR A 1 58  ? 9.620   -1.841  -3.922  1.00 52.54  ? 99  THR A C     1 
ATOM   453  O  O     . THR A 1 58  ? 10.079  -2.970  -4.139  1.00 53.01  ? 99  THR A O     1 
ATOM   454  C  CB    . THR A 1 58  ? 9.125   -1.092  -1.587  1.00 51.30  ? 99  THR A CB    1 
ATOM   455  O  OG1   . THR A 1 58  ? 9.633   -0.338  -0.475  1.00 51.40  ? 99  THR A OG1   1 
ATOM   456  C  CG2   . THR A 1 58  ? 8.938   -2.527  -1.161  1.00 50.63  ? 99  THR A CG2   1 
ATOM   457  N  N     . LEU A 1 59  ? 8.698   -1.289  -4.697  1.00 53.06  ? 100 LEU A N     1 
ATOM   458  C  CA    . LEU A 1 59  ? 8.137   -2.023  -5.809  1.00 53.98  ? 100 LEU A CA    1 
ATOM   459  C  C     . LEU A 1 59  ? 9.214   -2.280  -6.848  1.00 55.21  ? 100 LEU A C     1 
ATOM   460  O  O     . LEU A 1 59  ? 9.282   -3.355  -7.397  1.00 55.96  ? 100 LEU A O     1 
ATOM   461  C  CB    . LEU A 1 59  ? 6.952   -1.268  -6.417  1.00 53.50  ? 100 LEU A CB    1 
ATOM   462  C  CG    . LEU A 1 59  ? 6.207   -1.978  -7.540  1.00 52.87  ? 100 LEU A CG    1 
ATOM   463  C  CD1   . LEU A 1 59  ? 5.419   -3.077  -6.932  1.00 53.58  ? 100 LEU A CD1   1 
ATOM   464  C  CD2   . LEU A 1 59  ? 5.291   -1.027  -8.336  1.00 53.39  ? 100 LEU A CD2   1 
ATOM   465  N  N     . LYS A 1 60  ? 10.075  -1.300  -7.085  1.00 57.09  ? 101 LYS A N     1 
ATOM   466  C  CA    . LYS A 1 60  ? 11.139  -1.438  -8.084  1.00 59.20  ? 101 LYS A CA    1 
ATOM   467  C  C     . LYS A 1 60  ? 12.208  -2.465  -7.654  1.00 59.42  ? 101 LYS A C     1 
ATOM   468  O  O     . LYS A 1 60  ? 12.575  -3.341  -8.437  1.00 59.38  ? 101 LYS A O     1 
ATOM   469  C  CB    . LYS A 1 60  ? 11.794  -0.079  -8.376  1.00 59.60  ? 101 LYS A CB    1 
ATOM   470  C  CG    . LYS A 1 60  ? 10.953  0.853   -9.222  1.00 63.53  ? 101 LYS A CG    1 
ATOM   471  C  CD    . LYS A 1 60  ? 11.737  2.141   -9.570  1.00 68.59  ? 101 LYS A CD    1 
ATOM   472  C  CE    . LYS A 1 60  ? 13.155  1.805   -10.067 1.00 69.75  ? 101 LYS A CE    1 
ATOM   473  N  NZ    . LYS A 1 60  ? 13.248  1.602   -11.544 1.00 72.07  ? 101 LYS A NZ    1 
ATOM   474  N  N     . ALA A 1 61  ? 12.695  -2.344  -6.419  1.00 60.10  ? 102 ALA A N     1 
ATOM   475  C  CA    . ALA A 1 61  ? 13.675  -3.252  -5.874  1.00 61.89  ? 102 ALA A CA    1 
ATOM   476  C  C     . ALA A 1 61  ? 13.136  -4.661  -5.935  1.00 64.03  ? 102 ALA A C     1 
ATOM   477  O  O     . ALA A 1 61  ? 13.861  -5.611  -6.115  1.00 64.43  ? 102 ALA A O     1 
ATOM   478  C  CB    . ALA A 1 61  ? 14.011  -2.870  -4.438  1.00 61.45  ? 102 ALA A CB    1 
ATOM   479  N  N     . ILE A 1 62  ? 11.841  -4.819  -5.813  1.00 66.76  ? 103 ILE A N     1 
ATOM   480  C  CA    . ILE A 1 62  ? 11.356  -6.172  -5.886  1.00 68.98  ? 103 ILE A CA    1 
ATOM   481  C  C     . ILE A 1 62  ? 11.713  -6.809  -7.232  1.00 71.22  ? 103 ILE A C     1 
ATOM   482  O  O     . ILE A 1 62  ? 12.418  -7.851  -7.296  1.00 71.92  ? 103 ILE A O     1 
ATOM   483  C  CB    . ILE A 1 62  ? 9.852   -6.243  -5.621  1.00 68.62  ? 103 ILE A CB    1 
ATOM   484  C  CG1   . ILE A 1 62  ? 9.615   -6.355  -4.120  1.00 68.05  ? 103 ILE A CG1   1 
ATOM   485  C  CG2   . ILE A 1 62  ? 9.265   -7.425  -6.350  1.00 69.40  ? 103 ILE A CG2   1 
ATOM   486  C  CD1   . ILE A 1 62  ? 8.187   -6.130  -3.669  1.00 67.06  ? 103 ILE A CD1   1 
ATOM   487  N  N     . TYR A 1 63  ? 11.229  -6.179  -8.299  1.00 74.10  ? 104 TYR A N     1 
ATOM   488  C  CA    . TYR A 1 63  ? 11.278  -6.721  -9.655  1.00 77.25  ? 104 TYR A CA    1 
ATOM   489  C  C     . TYR A 1 63  ? 12.634  -6.568  -10.308 1.00 78.11  ? 104 TYR A C     1 
ATOM   490  O  O     . TYR A 1 63  ? 12.825  -6.945  -11.461 1.00 78.46  ? 104 TYR A O     1 
ATOM   491  C  CB    . TYR A 1 63  ? 10.265  -5.981  -10.477 1.00 78.00  ? 104 TYR A CB    1 
ATOM   492  C  CG    . TYR A 1 63  ? 10.768  -5.581  -11.807 1.00 82.85  ? 104 TYR A CG    1 
ATOM   493  C  CD1   . TYR A 1 63  ? 9.900   -5.487  -12.894 1.00 88.29  ? 104 TYR A CD1   1 
ATOM   494  C  CD2   . TYR A 1 63  ? 12.110  -5.280  -11.996 1.00 87.28  ? 104 TYR A CD2   1 
ATOM   495  C  CE1   . TYR A 1 63  ? 10.350  -5.088  -14.144 1.00 90.73  ? 104 TYR A CE1   1 
ATOM   496  C  CE2   . TYR A 1 63  ? 12.582  -4.885  -13.246 1.00 90.64  ? 104 TYR A CE2   1 
ATOM   497  C  CZ    . TYR A 1 63  ? 11.690  -4.792  -14.319 1.00 91.63  ? 104 TYR A CZ    1 
ATOM   498  O  OH    . TYR A 1 63  ? 12.128  -4.403  -15.566 1.00 94.26  ? 104 TYR A OH    1 
ATOM   499  N  N     . GLU A 1 64  ? 13.555  -5.969  -9.571  1.00 79.43  ? 105 GLU A N     1 
ATOM   500  C  CA    . GLU A 1 64  ? 14.938  -5.817  -10.008 1.00 80.55  ? 105 GLU A CA    1 
ATOM   501  C  C     . GLU A 1 64  ? 15.737  -6.943  -9.400  1.00 80.06  ? 105 GLU A C     1 
ATOM   502  O  O     . GLU A 1 64  ? 16.701  -7.384  -9.987  1.00 80.94  ? 105 GLU A O     1 
ATOM   503  C  CB    . GLU A 1 64  ? 15.512  -4.442  -9.602  1.00 81.01  ? 105 GLU A CB    1 
ATOM   504  C  CG    . GLU A 1 64  ? 15.324  -4.075  -8.100  1.00 86.63  ? 105 GLU A CG    1 
ATOM   505  C  CD    . GLU A 1 64  ? 15.742  -2.648  -7.759  1.00 93.20  ? 105 GLU A CD    1 
ATOM   506  O  OE1   . GLU A 1 64  ? 16.403  -2.003  -8.625  1.00 93.99  ? 105 GLU A OE1   1 
ATOM   507  O  OE2   . GLU A 1 64  ? 15.412  -2.185  -6.625  1.00 96.33  ? 105 GLU A OE2   1 
ATOM   508  N  N     . LYS A 1 65  ? 15.309  -7.442  -8.245  1.00 79.46  ? 106 LYS A N     1 
ATOM   509  C  CA    . LYS A 1 65  ? 16.036  -8.494  -7.527  1.00 79.51  ? 106 LYS A CA    1 
ATOM   510  C  C     . LYS A 1 65  ? 15.169  -9.741  -7.394  1.00 79.19  ? 106 LYS A C     1 
ATOM   511  O  O     . LYS A 1 65  ? 15.596  -10.762 -6.821  1.00 79.58  ? 106 LYS A O     1 
ATOM   512  C  CB    . LYS A 1 65  ? 16.469  -8.026  -6.131  1.00 79.67  ? 106 LYS A CB    1 
ATOM   513  C  CG    . LYS A 1 65  ? 17.533  -6.907  -6.106  1.00 82.37  ? 106 LYS A CG    1 
ATOM   514  C  CD    . LYS A 1 65  ? 17.395  -6.075  -4.822  1.00 84.70  ? 106 LYS A CD    1 
ATOM   515  C  CE    . LYS A 1 65  ? 17.900  -4.643  -4.978  1.00 85.57  ? 106 LYS A CE    1 
ATOM   516  N  NZ    . LYS A 1 65  ? 17.765  -3.912  -3.659  1.00 86.83  ? 106 LYS A NZ    1 
ATOM   517  N  N     . LYS A 1 66  ? 13.955  -9.655  -7.934  1.00 78.29  ? 107 LYS A N     1 
ATOM   518  C  CA    . LYS A 1 66  ? 13.050  -10.791 -7.961  1.00 77.15  ? 107 LYS A CA    1 
ATOM   519  C  C     . LYS A 1 66  ? 12.220  -11.007 -9.222  1.00 77.09  ? 107 LYS A C     1 
ATOM   520  O  O     . LYS A 1 66  ? 11.331  -11.875 -9.184  1.00 77.64  ? 107 LYS A O     1 
ATOM   521  C  CB    . LYS A 1 66  ? 12.098  -10.709 -6.788  1.00 77.03  ? 107 LYS A CB    1 
ATOM   522  C  CG    . LYS A 1 66  ? 12.340  -11.724 -5.716  1.00 76.85  ? 107 LYS A CG    1 
ATOM   523  C  CD    . LYS A 1 66  ? 13.620  -11.468 -4.969  1.00 76.51  ? 107 LYS A CD    1 
ATOM   524  C  CE    . LYS A 1 66  ? 14.007  -12.705 -4.181  1.00 76.65  ? 107 LYS A CE    1 
ATOM   525  N  NZ    . LYS A 1 66  ? 14.090  -12.386 -2.740  1.00 75.82  ? 107 LYS A NZ    1 
ATOM   526  N  N     . GLY A 1 67  ? 12.480  -10.204 -10.277 1.00 76.75  ? 108 GLY A N     1 
ATOM   527  C  CA    . GLY A 1 67  ? 11.742  -10.130 -11.558 1.00 76.04  ? 108 GLY A CA    1 
ATOM   528  C  C     . GLY A 1 67  ? 10.227  -10.194 -11.506 1.00 75.89  ? 108 GLY A C     1 
ATOM   529  O  O     . GLY A 1 67  ? 9.608   -10.620 -12.472 1.00 76.02  ? 108 GLY A O     1 
ATOM   530  N  N     . ILE A 1 68  ? 9.625   -9.775  -10.385 1.00 75.66  ? 109 ILE A N     1 
ATOM   531  C  CA    . ILE A 1 68  ? 8.160   -9.851  -10.247 1.00 75.13  ? 109 ILE A CA    1 
ATOM   532  C  C     . ILE A 1 68  ? 7.511   -8.502  -10.475 1.00 74.70  ? 109 ILE A C     1 
ATOM   533  O  O     . ILE A 1 68  ? 7.935   -7.508  -9.966  1.00 73.83  ? 109 ILE A O     1 
ATOM   534  C  CB    . ILE A 1 68  ? 7.715   -10.462 -8.893  1.00 75.39  ? 109 ILE A CB    1 
ATOM   535  C  CG1   . ILE A 1 68  ? 8.447   -11.799 -8.676  1.00 74.63  ? 109 ILE A CG1   1 
ATOM   536  C  CG2   . ILE A 1 68  ? 6.143   -10.537 -8.813  1.00 74.62  ? 109 ILE A CG2   1 
ATOM   537  C  CD1   . ILE A 1 68  ? 8.364   -12.338 -7.276  1.00 73.09  ? 109 ILE A CD1   1 
ATOM   538  N  N     . ARG A 1 69  ? 6.466   -8.475  -11.262 1.00 74.84  ? 110 ARG A N     1 
ATOM   539  C  CA    . ARG A 1 69  ? 5.969   -7.186  -11.668 1.00 75.02  ? 110 ARG A CA    1 
ATOM   540  C  C     . ARG A 1 69  ? 4.861   -6.731  -10.764 1.00 73.87  ? 110 ARG A C     1 
ATOM   541  O  O     . ARG A 1 69  ? 3.832   -7.360  -10.662 1.00 73.86  ? 110 ARG A O     1 
ATOM   542  C  CB    . ARG A 1 69  ? 5.429   -7.243  -13.073 1.00 75.50  ? 110 ARG A CB    1 
ATOM   543  C  CG    . ARG A 1 69  ? 6.496   -7.084  -14.070 1.00 80.34  ? 110 ARG A CG    1 
ATOM   544  C  CD    . ARG A 1 69  ? 6.166   -5.944  -14.987 1.00 88.55  ? 110 ARG A CD    1 
ATOM   545  N  NE    . ARG A 1 69  ? 7.194   -5.773  -16.012 1.00 94.13  ? 110 ARG A NE    1 
ATOM   546  C  CZ    . ARG A 1 69  ? 7.097   -4.916  -17.027 1.00 97.17  ? 110 ARG A CZ    1 
ATOM   547  N  NH1   . ARG A 1 69  ? 6.023   -4.144  -17.161 1.00 98.02  ? 110 ARG A NH1   1 
ATOM   548  N  NH2   . ARG A 1 69  ? 8.072   -4.829  -17.917 1.00 99.34  ? 110 ARG A NH2   1 
ATOM   549  N  N     . GLY A 1 70  ? 5.043   -5.618  -10.112 1.00 72.69  ? 111 GLY A N     1 
ATOM   550  C  CA    . GLY A 1 70  ? 3.978   -5.172  -9.291  1.00 70.65  ? 111 GLY A CA    1 
ATOM   551  C  C     . GLY A 1 70  ? 2.934   -4.365  -10.035 1.00 69.20  ? 111 GLY A C     1 
ATOM   552  O  O     . GLY A 1 70  ? 2.722   -4.519  -11.238 1.00 69.62  ? 111 GLY A O     1 
ATOM   553  N  N     . TYR A 1 71  ? 2.304   -3.458  -9.305  1.00 67.08  ? 112 TYR A N     1 
ATOM   554  C  CA    . TYR A 1 71  ? 1.431   -2.482  -9.897  1.00 64.91  ? 112 TYR A CA    1 
ATOM   555  C  C     . TYR A 1 71  ? 1.316   -1.318  -8.956  1.00 62.62  ? 112 TYR A C     1 
ATOM   556  O  O     . TYR A 1 71  ? 1.329   -1.482  -7.733  1.00 62.51  ? 112 TYR A O     1 
ATOM   557  C  CB    . TYR A 1 71  ? 0.070   -3.087  -10.154 1.00 65.77  ? 112 TYR A CB    1 
ATOM   558  C  CG    . TYR A 1 71  ? -0.030  -3.787  -11.463 1.00 68.92  ? 112 TYR A CG    1 
ATOM   559  C  CD1   . TYR A 1 71  ? 0.277   -3.123  -12.645 1.00 72.34  ? 112 TYR A CD1   1 
ATOM   560  C  CD2   . TYR A 1 71  ? -0.448  -5.113  -11.534 1.00 71.14  ? 112 TYR A CD2   1 
ATOM   561  C  CE1   . TYR A 1 71  ? 0.198   -3.757  -13.850 1.00 74.46  ? 112 TYR A CE1   1 
ATOM   562  C  CE2   . TYR A 1 71  ? -0.529  -5.756  -12.738 1.00 73.20  ? 112 TYR A CE2   1 
ATOM   563  C  CZ    . TYR A 1 71  ? -0.207  -5.073  -13.891 1.00 75.56  ? 112 TYR A CZ    1 
ATOM   564  O  OH    . TYR A 1 71  ? -0.295  -5.713  -15.098 1.00 80.01  ? 112 TYR A OH    1 
ATOM   565  N  N     . PHE A 1 72  ? 1.230   -0.122  -9.504  1.00 59.73  ? 113 PHE A N     1 
ATOM   566  C  CA    . PHE A 1 72  ? 1.157   1.012   -8.641  1.00 56.69  ? 113 PHE A CA    1 
ATOM   567  C  C     . PHE A 1 72  ? -0.085  1.807   -8.899  1.00 55.89  ? 113 PHE A C     1 
ATOM   568  O  O     . PHE A 1 72  ? -0.318  2.261   -9.997  1.00 55.80  ? 113 PHE A O     1 
ATOM   569  C  CB    . PHE A 1 72  ? 2.403   1.885   -8.790  1.00 55.89  ? 113 PHE A CB    1 
ATOM   570  C  CG    . PHE A 1 72  ? 2.333   3.145   -8.019  1.00 52.55  ? 113 PHE A CG    1 
ATOM   571  C  CD1   . PHE A 1 72  ? 2.787   3.207   -6.720  1.00 50.29  ? 113 PHE A CD1   1 
ATOM   572  C  CD2   . PHE A 1 72  ? 1.784   4.272   -8.575  1.00 51.34  ? 113 PHE A CD2   1 
ATOM   573  C  CE1   . PHE A 1 72  ? 2.699   4.377   -6.006  1.00 48.95  ? 113 PHE A CE1   1 
ATOM   574  C  CE2   . PHE A 1 72  ? 1.687   5.441   -7.857  1.00 48.03  ? 113 PHE A CE2   1 
ATOM   575  C  CZ    . PHE A 1 72  ? 2.147   5.496   -6.583  1.00 47.87  ? 113 PHE A CZ    1 
ATOM   576  N  N     . PHE A 1 73  ? -0.903  1.969   -7.875  1.00 55.35  ? 114 PHE A N     1 
ATOM   577  C  CA    . PHE A 1 73  ? -2.116  2.777   -8.014  1.00 54.17  ? 114 PHE A CA    1 
ATOM   578  C  C     . PHE A 1 73  ? -2.284  3.824   -6.941  1.00 54.16  ? 114 PHE A C     1 
ATOM   579  O  O     . PHE A 1 73  ? -1.882  3.625   -5.802  1.00 55.03  ? 114 PHE A O     1 
ATOM   580  C  CB    . PHE A 1 73  ? -3.326  1.879   -8.081  1.00 53.35  ? 114 PHE A CB    1 
ATOM   581  C  CG    . PHE A 1 73  ? -3.378  1.047   -9.332  1.00 52.00  ? 114 PHE A CG    1 
ATOM   582  C  CD1   . PHE A 1 73  ? -3.812  1.599   -10.522 1.00 51.77  ? 114 PHE A CD1   1 
ATOM   583  C  CD2   . PHE A 1 73  ? -2.995  -0.270  -9.328  1.00 49.03  ? 114 PHE A CD2   1 
ATOM   584  C  CE1   . PHE A 1 73  ? -3.855  0.857   -11.660 1.00 49.64  ? 114 PHE A CE1   1 
ATOM   585  C  CE2   . PHE A 1 73  ? -3.048  -1.011  -10.471 1.00 47.31  ? 114 PHE A CE2   1 
ATOM   586  C  CZ    . PHE A 1 73  ? -3.478  -0.457  -11.626 1.00 47.28  ? 114 PHE A CZ    1 
ATOM   587  N  N     . ASP A 1 74  ? -2.834  4.968   -7.320  1.00 54.10  ? 115 ASP A N     1 
ATOM   588  C  CA    . ASP A 1 74  ? -3.401  5.894   -6.338  1.00 54.05  ? 115 ASP A CA    1 
ATOM   589  C  C     . ASP A 1 74  ? -4.735  5.311   -5.998  1.00 54.11  ? 115 ASP A C     1 
ATOM   590  O  O     . ASP A 1 74  ? -5.572  5.078   -6.871  1.00 53.52  ? 115 ASP A O     1 
ATOM   591  C  CB    . ASP A 1 74  ? -3.585  7.314   -6.907  1.00 53.87  ? 115 ASP A CB    1 
ATOM   592  C  CG    . ASP A 1 74  ? -4.197  8.291   -5.886  1.00 53.34  ? 115 ASP A CG    1 
ATOM   593  O  OD1   . ASP A 1 74  ? -3.489  8.703   -4.952  1.00 53.16  ? 115 ASP A OD1   1 
ATOM   594  O  OD2   . ASP A 1 74  ? -5.387  8.649   -6.020  1.00 52.56  ? 115 ASP A OD2   1 
ATOM   595  N  N     . THR A 1 75  ? -4.922  5.051   -4.727  1.00 55.12  ? 116 THR A N     1 
ATOM   596  C  CA    . THR A 1 75  ? -6.086  4.337   -4.297  1.00 57.30  ? 116 THR A CA    1 
ATOM   597  C  C     . THR A 1 75  ? -7.369  4.924   -4.886  1.00 58.61  ? 116 THR A C     1 
ATOM   598  O  O     . THR A 1 75  ? -8.228  4.195   -5.375  1.00 59.55  ? 116 THR A O     1 
ATOM   599  C  CB    . THR A 1 75  ? -6.218  4.342   -2.804  1.00 57.21  ? 116 THR A CB    1 
ATOM   600  O  OG1   . THR A 1 75  ? -5.048  3.756   -2.209  1.00 58.67  ? 116 THR A OG1   1 
ATOM   601  C  CG2   . THR A 1 75  ? -7.442  3.543   -2.451  1.00 57.92  ? 116 THR A CG2   1 
ATOM   602  N  N     . LYS A 1 76  ? -7.488  6.240   -4.874  1.00 60.03  ? 117 LYS A N     1 
ATOM   603  C  CA    . LYS A 1 76  ? -8.695  6.874   -5.380  1.00 62.32  ? 117 LYS A CA    1 
ATOM   604  C  C     . LYS A 1 76  ? -8.831  6.702   -6.889  1.00 62.75  ? 117 LYS A C     1 
ATOM   605  O  O     . LYS A 1 76  ? -9.936  6.573   -7.428  1.00 63.04  ? 117 LYS A O     1 
ATOM   606  C  CB    . LYS A 1 76  ? -8.713  8.355   -5.019  1.00 62.96  ? 117 LYS A CB    1 
ATOM   607  C  CG    . LYS A 1 76  ? -9.917  8.724   -4.175  1.00 66.66  ? 117 LYS A CG    1 
ATOM   608  C  CD    . LYS A 1 76  ? -9.789  10.134  -3.611  1.00 73.60  ? 117 LYS A CD    1 
ATOM   609  C  CE    . LYS A 1 76  ? -10.997 10.474  -2.716  1.00 77.26  ? 117 LYS A CE    1 
ATOM   610  N  NZ    . LYS A 1 76  ? -10.901 11.860  -2.136  1.00 78.63  ? 117 LYS A NZ    1 
ATOM   611  N  N     . ASP A 1 77  ? -7.698  6.715   -7.565  1.00 63.44  ? 118 ASP A N     1 
ATOM   612  C  CA    . ASP A 1 77  ? -7.662  6.583   -8.993  1.00 63.99  ? 118 ASP A CA    1 
ATOM   613  C  C     . ASP A 1 77  ? -8.106  5.203   -9.375  1.00 63.84  ? 118 ASP A C     1 
ATOM   614  O  O     . ASP A 1 77  ? -8.918  5.041   -10.276 1.00 63.96  ? 118 ASP A O     1 
ATOM   615  C  CB    . ASP A 1 77  ? -6.237  6.830   -9.475  1.00 64.89  ? 118 ASP A CB    1 
ATOM   616  C  CG    . ASP A 1 77  ? -6.133  6.952   -10.959 1.00 66.49  ? 118 ASP A CG    1 
ATOM   617  O  OD1   . ASP A 1 77  ? -7.171  6.904   -11.645 1.00 68.53  ? 118 ASP A OD1   1 
ATOM   618  O  OD2   . ASP A 1 77  ? -4.991  7.084   -11.438 1.00 71.08  ? 118 ASP A OD2   1 
ATOM   619  N  N     . LEU A 1 78  ? -7.554  4.202   -8.698  1.00 64.13  ? 119 LEU A N     1 
ATOM   620  C  CA    . LEU A 1 78  ? -7.983  2.814   -8.900  1.00 64.37  ? 119 LEU A CA    1 
ATOM   621  C  C     . LEU A 1 78  ? -9.484  2.656   -8.686  1.00 64.85  ? 119 LEU A C     1 
ATOM   622  O  O     . LEU A 1 78  ? -10.188 2.189   -9.563  1.00 64.78  ? 119 LEU A O     1 
ATOM   623  C  CB    . LEU A 1 78  ? -7.214  1.862   -7.986  1.00 63.31  ? 119 LEU A CB    1 
ATOM   624  C  CG    . LEU A 1 78  ? -7.555  0.378   -8.092  1.00 62.25  ? 119 LEU A CG    1 
ATOM   625  C  CD1   . LEU A 1 78  ? -7.271  -0.173  -9.474  1.00 59.57  ? 119 LEU A CD1   1 
ATOM   626  C  CD2   . LEU A 1 78  ? -6.735  -0.360  -7.041  1.00 61.75  ? 119 LEU A CD2   1 
ATOM   627  N  N     . ILE A 1 79  ? -9.959  3.056   -7.517  1.00 66.10  ? 120 ILE A N     1 
ATOM   628  C  CA    . ILE A 1 79  ? -11.369 2.935   -7.168  1.00 67.69  ? 120 ILE A CA    1 
ATOM   629  C  C     . ILE A 1 79  ? -12.237 3.641   -8.198  1.00 68.73  ? 120 ILE A C     1 
ATOM   630  O  O     . ILE A 1 79  ? -13.149 3.062   -8.789  1.00 68.21  ? 120 ILE A O     1 
ATOM   631  C  CB    . ILE A 1 79  ? -11.612 3.557   -5.801  1.00 67.62  ? 120 ILE A CB    1 
ATOM   632  C  CG1   . ILE A 1 79  ? -11.201 2.562   -4.720  1.00 68.57  ? 120 ILE A CG1   1 
ATOM   633  C  CG2   . ILE A 1 79  ? -13.080 3.985   -5.637  1.00 67.49  ? 120 ILE A CG2   1 
ATOM   634  C  CD1   . ILE A 1 79  ? -10.440 3.209   -3.537  1.00 71.30  ? 120 ILE A CD1   1 
ATOM   635  N  N     . PHE A 1 80  ? -11.974 4.915   -8.391  1.00 70.44  ? 121 PHE A N     1 
ATOM   636  C  CA    . PHE A 1 80  ? -12.685 5.630   -9.445  1.00 72.50  ? 121 PHE A CA    1 
ATOM   637  C  C     . PHE A 1 80  ? -12.670 4.902   -10.818 1.00 72.97  ? 121 PHE A C     1 
ATOM   638  O  O     . PHE A 1 80  ? -13.682 4.881   -11.520 1.00 73.44  ? 121 PHE A O     1 
ATOM   639  C  CB    . PHE A 1 80  ? -12.210 7.108   -9.583  1.00 73.03  ? 121 PHE A CB    1 
ATOM   640  C  CG    . PHE A 1 80  ? -12.886 8.103   -8.615  1.00 75.62  ? 121 PHE A CG    1 
ATOM   641  C  CD1   . PHE A 1 80  ? -14.280 8.192   -8.504  1.00 78.52  ? 121 PHE A CD1   1 
ATOM   642  C  CD2   . PHE A 1 80  ? -12.110 8.999   -7.864  1.00 77.78  ? 121 PHE A CD2   1 
ATOM   643  C  CE1   . PHE A 1 80  ? -14.877 9.118   -7.609  1.00 79.77  ? 121 PHE A CE1   1 
ATOM   644  C  CE2   . PHE A 1 80  ? -12.701 9.933   -6.990  1.00 77.35  ? 121 PHE A CE2   1 
ATOM   645  C  CZ    . PHE A 1 80  ? -14.075 9.994   -6.870  1.00 78.46  ? 121 PHE A CZ    1 
ATOM   646  N  N     . ARG A 1 81  ? -11.525 4.385   -11.249 1.00 73.28  ? 122 ARG A N     1 
ATOM   647  C  CA    . ARG A 1 81  ? -11.472 3.671   -12.518 1.00 74.25  ? 122 ARG A CA    1 
ATOM   648  C  C     . ARG A 1 81  ? -12.423 2.500   -12.499 1.00 75.11  ? 122 ARG A C     1 
ATOM   649  O  O     . ARG A 1 81  ? -13.219 2.317   -13.412 1.00 75.39  ? 122 ARG A O     1 
ATOM   650  C  CB    . ARG A 1 81  ? -10.089 3.115   -12.752 1.00 74.41  ? 122 ARG A CB    1 
ATOM   651  C  CG    . ARG A 1 81  ? -9.183  4.020   -13.463 1.00 76.01  ? 122 ARG A CG    1 
ATOM   652  C  CD    . ARG A 1 81  ? -8.067  3.228   -14.008 1.00 79.33  ? 122 ARG A CD    1 
ATOM   653  N  NE    . ARG A 1 81  ? -6.847  4.004   -13.935 1.00 81.77  ? 122 ARG A NE    1 
ATOM   654  C  CZ    . ARG A 1 81  ? -5.636  3.495   -14.095 1.00 84.70  ? 122 ARG A CZ    1 
ATOM   655  N  NH1   . ARG A 1 81  ? -5.493  2.194   -14.346 1.00 86.38  ? 122 ARG A NH1   1 
ATOM   656  N  NH2   . ARG A 1 81  ? -4.567  4.284   -13.998 1.00 85.94  ? 122 ARG A NH2   1 
ATOM   657  N  N     . LEU A 1 82  ? -12.304 1.690   -11.449 1.00 76.13  ? 123 LEU A N     1 
ATOM   658  C  CA    . LEU A 1 82  ? -13.009 0.431   -11.327 1.00 76.86  ? 123 LEU A CA    1 
ATOM   659  C  C     . LEU A 1 82  ? -14.495 0.631   -11.276 1.00 77.83  ? 123 LEU A C     1 
ATOM   660  O  O     . LEU A 1 82  ? -15.217 -0.093  -11.941 1.00 78.24  ? 123 LEU A O     1 
ATOM   661  C  CB    . LEU A 1 82  ? -12.550 -0.330  -10.083 1.00 76.67  ? 123 LEU A CB    1 
ATOM   662  C  CG    . LEU A 1 82  ? -11.118 -0.846  -10.080 1.00 76.35  ? 123 LEU A CG    1 
ATOM   663  C  CD1   . LEU A 1 82  ? -10.773 -1.433  -8.698  1.00 75.81  ? 123 LEU A CD1   1 
ATOM   664  C  CD2   . LEU A 1 82  ? -10.958 -1.893  -11.160 1.00 74.01  ? 123 LEU A CD2   1 
ATOM   665  N  N     . LYS A 1 83  ? -14.970 1.602   -10.497 1.00 79.34  ? 124 LYS A N     1 
ATOM   666  C  CA    . LYS A 1 83  ? -16.407 1.796   -10.414 1.00 81.25  ? 124 LYS A CA    1 
ATOM   667  C  C     . LYS A 1 83  ? -16.937 2.080   -11.804 1.00 82.45  ? 124 LYS A C     1 
ATOM   668  O  O     . LYS A 1 83  ? -18.017 1.618   -12.192 1.00 82.29  ? 124 LYS A O     1 
ATOM   669  C  CB    . LYS A 1 83  ? -16.834 2.887   -9.429  1.00 81.10  ? 124 LYS A CB    1 
ATOM   670  C  CG    . LYS A 1 83  ? -18.324 2.791   -9.200  1.00 83.22  ? 124 LYS A CG    1 
ATOM   671  C  CD    . LYS A 1 83  ? -18.938 3.840   -8.295  1.00 87.36  ? 124 LYS A CD    1 
ATOM   672  C  CE    . LYS A 1 83  ? -20.416 3.406   -8.003  1.00 88.94  ? 124 LYS A CE    1 
ATOM   673  N  NZ    . LYS A 1 83  ? -21.469 4.482   -8.101  1.00 90.80  ? 124 LYS A NZ    1 
ATOM   674  N  N     . HIS A 1 84  ? -16.145 2.794   -12.591 1.00 84.50  ? 125 HIS A N     1 
ATOM   675  C  CA    . HIS A 1 84  ? -16.624 3.141   -13.906 1.00 86.31  ? 125 HIS A CA    1 
ATOM   676  C  C     . HIS A 1 84  ? -16.564 2.029   -14.956 1.00 86.93  ? 125 HIS A C     1 
ATOM   677  O  O     . HIS A 1 84  ? -17.383 2.026   -15.852 1.00 86.97  ? 125 HIS A O     1 
ATOM   678  C  CB    . HIS A 1 84  ? -16.019 4.449   -14.444 1.00 86.23  ? 125 HIS A CB    1 
ATOM   679  C  CG    . HIS A 1 84  ? -16.498 4.795   -15.820 1.00 88.47  ? 125 HIS A CG    1 
ATOM   680  N  ND1   . HIS A 1 84  ? -15.674 5.315   -16.797 1.00 90.06  ? 125 HIS A ND1   1 
ATOM   681  C  CD2   . HIS A 1 84  ? -17.705 4.602   -16.409 1.00 90.13  ? 125 HIS A CD2   1 
ATOM   682  C  CE1   . HIS A 1 84  ? -16.365 5.475   -17.912 1.00 90.67  ? 125 HIS A CE1   1 
ATOM   683  N  NE2   . HIS A 1 84  ? -17.600 5.056   -17.702 1.00 91.32  ? 125 HIS A NE2   1 
ATOM   684  N  N     . LEU A 1 85  ? -15.597 1.115   -14.895 1.00 88.04  ? 126 LEU A N     1 
ATOM   685  C  CA    . LEU A 1 85  ? -15.675 -0.033  -15.807 1.00 89.22  ? 126 LEU A CA    1 
ATOM   686  C  C     . LEU A 1 85  ? -16.503 -1.175  -15.192 1.00 90.06  ? 126 LEU A C     1 
ATOM   687  O  O     . LEU A 1 85  ? -16.833 -2.167  -15.844 1.00 90.14  ? 126 LEU A O     1 
ATOM   688  C  CB    . LEU A 1 85  ? -14.293 -0.481  -16.367 1.00 89.04  ? 126 LEU A CB    1 
ATOM   689  C  CG    . LEU A 1 85  ? -13.066 -1.077  -15.643 1.00 89.64  ? 126 LEU A CG    1 
ATOM   690  C  CD1   . LEU A 1 85  ? -12.510 -2.272  -16.398 1.00 91.46  ? 126 LEU A CD1   1 
ATOM   691  C  CD2   . LEU A 1 85  ? -11.945 -0.055  -15.468 1.00 90.39  ? 126 LEU A CD2   1 
HETATM 692  N  N     . MSE A 1 86  ? -16.880 -0.979  -13.935 1.00 91.24  ? 127 MSE A N     1 
HETATM 693  C  CA    . MSE A 1 86  ? -17.698 -1.939  -13.230 1.00 92.22  ? 127 MSE A CA    1 
HETATM 694  C  C     . MSE A 1 86  ? -19.170 -1.610  -13.385 1.00 93.17  ? 127 MSE A C     1 
HETATM 695  O  O     . MSE A 1 86  ? -20.007 -2.493  -13.404 1.00 93.74  ? 127 MSE A O     1 
HETATM 696  C  CB    . MSE A 1 86  ? -17.349 -1.946  -11.765 1.00 92.16  ? 127 MSE A CB    1 
HETATM 697  C  CG    . MSE A 1 86  ? -17.175 -3.303  -11.194 1.00 92.55  ? 127 MSE A CG    1 
HETATM 698  SE SE    . MSE A 1 86  ? -16.264 -3.144  -9.483  1.00 94.00  ? 127 MSE A SE    1 
HETATM 699  C  CE    . MSE A 1 86  ? -17.618 -2.064  -8.536  1.00 92.97  ? 127 MSE A CE    1 
ATOM   700  N  N     . ASP A 1 87  ? -19.526 -0.351  -13.493 1.00 93.98  ? 128 ASP A N     1 
ATOM   701  C  CA    . ASP A 1 87  ? -20.882 -0.149  -13.980 1.00 95.25  ? 128 ASP A CA    1 
ATOM   702  C  C     . ASP A 1 87  ? -21.081 0.061   -15.491 1.00 96.13  ? 128 ASP A C     1 
ATOM   703  O  O     . ASP A 1 87  ? -22.170 -0.142  -15.994 1.00 96.29  ? 128 ASP A O     1 
ATOM   704  C  CB    . ASP A 1 87  ? -21.811 0.715   -13.090 1.00 95.50  ? 128 ASP A CB    1 
ATOM   705  C  CG    . ASP A 1 87  ? -21.134 1.931   -12.493 1.00 96.47  ? 128 ASP A CG    1 
ATOM   706  O  OD1   . ASP A 1 87  ? -20.423 2.640   -13.237 1.00 98.68  ? 128 ASP A OD1   1 
ATOM   707  O  OD2   . ASP A 1 87  ? -21.317 2.159   -11.273 1.00 96.92  ? 128 ASP A OD2   1 
ATOM   708  N  N     . GLU A 1 88  ? -20.039 0.370   -16.249 1.00 97.26  ? 129 GLU A N     1 
ATOM   709  C  CA    . GLU A 1 88  ? -20.177 0.128   -17.675 1.00 98.32  ? 129 GLU A CA    1 
ATOM   710  C  C     . GLU A 1 88  ? -20.269 -1.370  -17.797 1.00 98.40  ? 129 GLU A C     1 
ATOM   711  O  O     . GLU A 1 88  ? -21.048 -1.900  -18.551 1.00 98.77  ? 129 GLU A O     1 
ATOM   712  C  CB    . GLU A 1 88  ? -18.994 0.657   -18.502 1.00 98.66  ? 129 GLU A CB    1 
ATOM   713  C  CG    . GLU A 1 88  ? -19.143 0.461   -20.008 1.00 101.20 ? 129 GLU A CG    1 
ATOM   714  C  CD    . GLU A 1 88  ? -19.902 1.619   -20.678 1.00 104.66 ? 129 GLU A CD    1 
ATOM   715  O  OE1   . GLU A 1 88  ? -19.846 2.750   -20.138 1.00 105.12 ? 129 GLU A OE1   1 
ATOM   716  O  OE2   . GLU A 1 88  ? -20.558 1.393   -21.728 1.00 106.42 ? 129 GLU A OE2   1 
ATOM   717  N  N     . GLY A 1 89  ? -19.491 -2.089  -17.016 1.00 98.60  ? 130 GLY A N     1 
ATOM   718  C  CA    . GLY A 1 89  ? -19.861 -3.473  -16.818 1.00 98.58  ? 130 GLY A CA    1 
ATOM   719  C  C     . GLY A 1 89  ? -19.214 -4.463  -17.753 1.00 98.47  ? 130 GLY A C     1 
ATOM   720  O  O     . GLY A 1 89  ? -19.651 -5.594  -17.887 1.00 98.13  ? 130 GLY A O     1 
ATOM   721  N  N     . LYS A 1 90  ? -18.160 -4.050  -18.412 1.00 98.68  ? 131 LYS A N     1 
ATOM   722  C  CA    . LYS A 1 90  ? -17.666 -4.891  -19.476 1.00 99.25  ? 131 LYS A CA    1 
ATOM   723  C  C     . LYS A 1 90  ? -16.380 -5.624  -19.079 1.00 99.34  ? 131 LYS A C     1 
ATOM   724  O  O     . LYS A 1 90  ? -16.314 -6.845  -19.103 1.00 99.40  ? 131 LYS A O     1 
ATOM   725  C  CB    . LYS A 1 90  ? -17.527 -4.088  -20.790 1.00 99.55  ? 131 LYS A CB    1 
ATOM   726  C  CG    . LYS A 1 90  ? -18.880 -3.563  -21.355 1.00 100.64 ? 131 LYS A CG    1 
ATOM   727  C  CD    . LYS A 1 90  ? -18.832 -3.224  -22.820 1.00 102.30 ? 131 LYS A CD    1 
ATOM   728  C  CE    . LYS A 1 90  ? -20.253 -2.943  -23.326 1.00 103.15 ? 131 LYS A CE    1 
ATOM   729  N  NZ    . LYS A 1 90  ? -20.316 -3.041  -24.814 1.00 104.31 ? 131 LYS A NZ    1 
ATOM   730  N  N     . ASP A 1 91  ? -15.380 -4.857  -18.680 1.00 99.35  ? 132 ASP A N     1 
ATOM   731  C  CA    . ASP A 1 91  ? -14.090 -5.315  -18.163 1.00 99.36  ? 132 ASP A CA    1 
ATOM   732  C  C     . ASP A 1 91  ? -14.033 -6.017  -16.874 1.00 98.41  ? 132 ASP A C     1 
ATOM   733  O  O     . ASP A 1 91  ? -13.969 -5.291  -15.885 1.00 98.79  ? 132 ASP A O     1 
ATOM   734  C  CB    . ASP A 1 91  ? -13.534 -4.090  -17.555 1.00 100.37 ? 132 ASP A CB    1 
ATOM   735  C  CG    . ASP A 1 91  ? -12.036 -4.069  -17.501 1.00 102.97 ? 132 ASP A CG    1 
ATOM   736  O  OD1   . ASP A 1 91  ? -11.334 -5.114  -17.267 1.00 105.39 ? 132 ASP A OD1   1 
ATOM   737  O  OD2   . ASP A 1 91  ? -11.542 -2.920  -17.684 1.00 106.17 ? 132 ASP A OD2   1 
ATOM   738  N  N     . THR A 1 92  ? -13.881 -7.331  -16.823 1.00 96.65  ? 133 THR A N     1 
ATOM   739  C  CA    . THR A 1 92  ? -13.653 -7.998  -15.544 1.00 94.86  ? 133 THR A CA    1 
ATOM   740  C  C     . THR A 1 92  ? -12.157 -8.237  -15.504 1.00 93.33  ? 133 THR A C     1 
ATOM   741  O  O     . THR A 1 92  ? -11.569 -8.734  -14.514 1.00 93.59  ? 133 THR A O     1 
ATOM   742  C  CB    . THR A 1 92  ? -14.417 -9.335  -15.476 1.00 95.07  ? 133 THR A CB    1 
ATOM   743  O  OG1   . THR A 1 92  ? -13.604 -10.316 -14.817 1.00 95.77  ? 133 THR A OG1   1 
ATOM   744  C  CG2   . THR A 1 92  ? -14.764 -9.845  -16.906 1.00 95.37  ? 133 THR A CG2   1 
ATOM   745  N  N     . LYS A 1 93  ? -11.547 -7.874  -16.620 1.00 91.10  ? 134 LYS A N     1 
ATOM   746  C  CA    . LYS A 1 93  ? -10.146 -8.186  -16.873 1.00 89.11  ? 134 LYS A CA    1 
ATOM   747  C  C     . LYS A 1 93  ? -9.177  -7.276  -16.139 1.00 86.72  ? 134 LYS A C     1 
ATOM   748  O  O     . LYS A 1 93  ? -8.080  -7.697  -15.722 1.00 86.32  ? 134 LYS A O     1 
ATOM   749  C  CB    . LYS A 1 93  ? -9.881  -8.172  -18.373 1.00 89.92  ? 134 LYS A CB    1 
ATOM   750  C  CG    . LYS A 1 93  ? -10.724 -9.208  -19.083 1.00 92.83  ? 134 LYS A CG    1 
ATOM   751  C  CD    . LYS A 1 93  ? -11.358 -8.659  -20.333 1.00 98.14  ? 134 LYS A CD    1 
ATOM   752  C  CE    . LYS A 1 93  ? -12.289 -9.716  -20.937 1.00 101.20 ? 134 LYS A CE    1 
ATOM   753  N  NZ    . LYS A 1 93  ? -12.184 -9.751  -22.444 1.00 102.95 ? 134 LYS A NZ    1 
ATOM   754  N  N     . PHE A 1 94  ? -9.561  -6.017  -16.000 1.00 83.64  ? 135 PHE A N     1 
ATOM   755  C  CA    . PHE A 1 94  ? -8.772  -5.079  -15.230 1.00 81.05  ? 135 PHE A CA    1 
ATOM   756  C  C     . PHE A 1 94  ? -8.836  -5.421  -13.744 1.00 79.38  ? 135 PHE A C     1 
ATOM   757  O  O     . PHE A 1 94  ? -7.808  -5.547  -13.081 1.00 78.66  ? 135 PHE A O     1 
ATOM   758  C  CB    . PHE A 1 94  ? -9.271  -3.671  -15.499 1.00 80.89  ? 135 PHE A CB    1 
ATOM   759  C  CG    . PHE A 1 94  ? -8.575  -2.608  -14.732 1.00 80.11  ? 135 PHE A CG    1 
ATOM   760  C  CD1   . PHE A 1 94  ? -7.240  -2.294  -14.963 1.00 80.17  ? 135 PHE A CD1   1 
ATOM   761  C  CD2   . PHE A 1 94  ? -9.273  -1.876  -13.820 1.00 80.58  ? 135 PHE A CD2   1 
ATOM   762  C  CE1   . PHE A 1 94  ? -6.613  -1.290  -14.247 1.00 80.45  ? 135 PHE A CE1   1 
ATOM   763  C  CE2   . PHE A 1 94  ? -8.654  -0.855  -13.104 1.00 81.29  ? 135 PHE A CE2   1 
ATOM   764  C  CZ    . PHE A 1 94  ? -7.321  -0.563  -13.322 1.00 80.40  ? 135 PHE A CZ    1 
ATOM   765  N  N     . LEU A 1 95  ? -10.052 -5.665  -13.261 1.00 77.59  ? 136 LEU A N     1 
ATOM   766  C  CA    . LEU A 1 95  ? -10.299 -6.089  -11.883 1.00 75.52  ? 136 LEU A CA    1 
ATOM   767  C  C     . LEU A 1 95  ? -9.533  -7.350  -11.487 1.00 74.82  ? 136 LEU A C     1 
ATOM   768  O  O     . LEU A 1 95  ? -8.982  -7.431  -10.397 1.00 74.46  ? 136 LEU A O     1 
ATOM   769  C  CB    . LEU A 1 95  ? -11.802 -6.282  -11.664 1.00 74.73  ? 136 LEU A CB    1 
ATOM   770  C  CG    . LEU A 1 95  ? -12.309 -6.740  -10.308 1.00 73.06  ? 136 LEU A CG    1 
ATOM   771  C  CD1   . LEU A 1 95  ? -11.860 -5.816  -9.191  1.00 72.36  ? 136 LEU A CD1   1 
ATOM   772  C  CD2   . LEU A 1 95  ? -13.799 -6.824  -10.343 1.00 70.90  ? 136 LEU A CD2   1 
ATOM   773  N  N     . LYS A 1 96  ? -9.504  -8.326  -12.372 1.00 74.30  ? 137 LYS A N     1 
ATOM   774  C  CA    . LYS A 1 96  ? -8.844  -9.587  -12.079 1.00 74.29  ? 137 LYS A CA    1 
ATOM   775  C  C     . LYS A 1 96  ? -7.326  -9.470  -12.001 1.00 74.02  ? 137 LYS A C     1 
ATOM   776  O  O     . LYS A 1 96  ? -6.683  -10.094 -11.142 1.00 74.19  ? 137 LYS A O     1 
ATOM   777  C  CB    . LYS A 1 96  ? -9.244  -10.637 -13.097 1.00 74.44  ? 137 LYS A CB    1 
ATOM   778  C  CG    . LYS A 1 96  ? -10.459 -11.406 -12.676 1.00 76.98  ? 137 LYS A CG    1 
ATOM   779  C  CD    . LYS A 1 96  ? -10.851 -12.432 -13.698 1.00 80.11  ? 137 LYS A CD    1 
ATOM   780  C  CE    . LYS A 1 96  ? -12.261 -12.889 -13.414 1.00 81.31  ? 137 LYS A CE    1 
ATOM   781  N  NZ    . LYS A 1 96  ? -12.921 -13.264 -14.678 1.00 82.71  ? 137 LYS A NZ    1 
ATOM   782  N  N     . THR A 1 97  ? -6.741  -8.692  -12.905 1.00 73.27  ? 138 THR A N     1 
ATOM   783  C  CA    . THR A 1 97  ? -5.293  -8.521  -12.921 1.00 73.06  ? 138 THR A CA    1 
ATOM   784  C  C     . THR A 1 97  ? -4.824  -7.667  -11.746 1.00 71.72  ? 138 THR A C     1 
ATOM   785  O  O     . THR A 1 97  ? -3.692  -7.827  -11.262 1.00 72.29  ? 138 THR A O     1 
ATOM   786  C  CB    . THR A 1 97  ? -4.799  -7.916  -14.254 1.00 73.80  ? 138 THR A CB    1 
ATOM   787  O  OG1   . THR A 1 97  ? -5.600  -6.771  -14.587 1.00 76.31  ? 138 THR A OG1   1 
ATOM   788  C  CG2   . THR A 1 97  ? -4.920  -8.944  -15.390 1.00 74.47  ? 138 THR A CG2   1 
ATOM   789  N  N     . VAL A 1 98  ? -5.699  -6.780  -11.272 1.00 69.79  ? 139 VAL A N     1 
ATOM   790  C  CA    . VAL A 1 98  ? -5.422  -5.991  -10.068 1.00 68.10  ? 139 VAL A CA    1 
ATOM   791  C  C     . VAL A 1 98  ? -5.518  -6.844  -8.802  1.00 66.67  ? 139 VAL A C     1 
ATOM   792  O  O     . VAL A 1 98  ? -4.651  -6.797  -7.944  1.00 65.95  ? 139 VAL A O     1 
ATOM   793  C  CB    . VAL A 1 98  ? -6.357  -4.752  -9.979  1.00 68.20  ? 139 VAL A CB    1 
ATOM   794  C  CG1   . VAL A 1 98  ? -6.334  -4.142  -8.605  1.00 68.25  ? 139 VAL A CG1   1 
ATOM   795  C  CG2   . VAL A 1 98  ? -5.941  -3.709  -10.996 1.00 67.99  ? 139 VAL A CG2   1 
ATOM   796  N  N     . LEU A 1 99  ? -6.564  -7.648  -8.708  1.00 65.76  ? 140 LEU A N     1 
ATOM   797  C  CA    . LEU A 1 99  ? -6.747  -8.533  -7.549  1.00 65.34  ? 140 LEU A CA    1 
ATOM   798  C  C     . LEU A 1 99  ? -5.726  -9.653  -7.456  1.00 64.78  ? 140 LEU A C     1 
ATOM   799  O  O     . LEU A 1 99  ? -5.428  -10.127 -6.369  1.00 64.96  ? 140 LEU A O     1 
ATOM   800  C  CB    . LEU A 1 99  ? -8.153  -9.159  -7.544  1.00 65.29  ? 140 LEU A CB    1 
ATOM   801  C  CG    . LEU A 1 99  ? -9.362  -8.293  -7.141  1.00 64.43  ? 140 LEU A CG    1 
ATOM   802  C  CD1   . LEU A 1 99  ? -10.660 -9.113  -7.215  1.00 63.73  ? 140 LEU A CD1   1 
ATOM   803  C  CD2   . LEU A 1 99  ? -9.195  -7.640  -5.761  1.00 62.69  ? 140 LEU A CD2   1 
ATOM   804  N  N     . ASN A 1 100 ? -5.226  -10.102 -8.595  1.00 64.44  ? 141 ASN A N     1 
ATOM   805  C  CA    . ASN A 1 100 ? -4.360  -11.273 -8.625  1.00 63.88  ? 141 ASN A CA    1 
ATOM   806  C  C     . ASN A 1 100 ? -2.923  -10.944 -8.716  1.00 63.57  ? 141 ASN A C     1 
ATOM   807  O  O     . ASN A 1 100 ? -2.058  -11.820 -8.806  1.00 64.25  ? 141 ASN A O     1 
ATOM   808  C  CB    . ASN A 1 100 ? -4.769  -12.187 -9.753  1.00 64.00  ? 141 ASN A CB    1 
ATOM   809  C  CG    . ASN A 1 100 ? -6.085  -12.843 -9.479  1.00 64.90  ? 141 ASN A CG    1 
ATOM   810  O  OD1   . ASN A 1 100 ? -6.250  -13.554 -8.477  1.00 63.92  ? 141 ASN A OD1   1 
ATOM   811  N  ND2   . ASN A 1 100 ? -7.061  -12.559 -10.324 1.00 68.28  ? 141 ASN A ND2   1 
ATOM   812  N  N     . SER A 1 101 ? -2.664  -9.662  -8.638  1.00 62.72  ? 142 SER A N     1 
ATOM   813  C  CA    . SER A 1 101 ? -1.345  -9.159  -8.700  1.00 62.11  ? 142 SER A CA    1 
ATOM   814  C  C     . SER A 1 101 ? -0.498  -9.667  -7.523  1.00 61.52  ? 142 SER A C     1 
ATOM   815  O  O     . SER A 1 101 ? -0.947  -9.650  -6.371  1.00 61.43  ? 142 SER A O     1 
ATOM   816  C  CB    . SER A 1 101 ? -1.439  -7.652  -8.677  1.00 62.17  ? 142 SER A CB    1 
ATOM   817  O  OG    . SER A 1 101 ? -0.680  -7.101  -9.717  1.00 64.88  ? 142 SER A OG    1 
ATOM   818  N  N     . PRO A 1 102 ? 0.714   -10.154 -7.828  1.00 60.71  ? 143 PRO A N     1 
ATOM   819  C  CA    . PRO A 1 102 ? 1.724   -10.561 -6.844  1.00 59.82  ? 143 PRO A CA    1 
ATOM   820  C  C     . PRO A 1 102 ? 2.226   -9.433  -5.949  1.00 58.96  ? 143 PRO A C     1 
ATOM   821  O  O     . PRO A 1 102 ? 2.635   -9.696  -4.814  1.00 59.19  ? 143 PRO A O     1 
ATOM   822  C  CB    . PRO A 1 102 ? 2.890   -11.083 -7.711  1.00 60.02  ? 143 PRO A CB    1 
ATOM   823  C  CG    . PRO A 1 102 ? 2.643   -10.517 -9.086  1.00 60.58  ? 143 PRO A CG    1 
ATOM   824  C  CD    . PRO A 1 102 ? 1.132   -10.465 -9.206  1.00 60.74  ? 143 PRO A CD    1 
ATOM   825  N  N     . VAL A 1 103 ? 2.273   -8.207  -6.453  1.00 58.00  ? 144 VAL A N     1 
ATOM   826  C  CA    . VAL A 1 103 ? 2.570   -7.038  -5.588  1.00 57.41  ? 144 VAL A CA    1 
ATOM   827  C  C     . VAL A 1 103 ? 1.667   -5.903  -6.013  1.00 56.61  ? 144 VAL A C     1 
ATOM   828  O  O     . VAL A 1 103 ? 1.463   -5.678  -7.204  1.00 57.15  ? 144 VAL A O     1 
ATOM   829  C  CB    . VAL A 1 103 ? 4.025   -6.525  -5.725  1.00 57.59  ? 144 VAL A CB    1 
ATOM   830  C  CG1   . VAL A 1 103 ? 4.417   -5.696  -4.529  1.00 58.45  ? 144 VAL A CG1   1 
ATOM   831  C  CG2   . VAL A 1 103 ? 4.994   -7.645  -5.899  1.00 58.78  ? 144 VAL A CG2   1 
ATOM   832  N  N     . LEU A 1 104 ? 1.070   -5.212  -5.058  1.00 55.36  ? 145 LEU A N     1 
ATOM   833  C  CA    . LEU A 1 104 ? 0.168   -4.121  -5.392  1.00 54.31  ? 145 LEU A CA    1 
ATOM   834  C  C     . LEU A 1 104 ? 0.413   -2.967  -4.460  1.00 53.66  ? 145 LEU A C     1 
ATOM   835  O  O     . LEU A 1 104 ? 0.435   -3.164  -3.243  1.00 53.73  ? 145 LEU A O     1 
ATOM   836  C  CB    . LEU A 1 104 ? -1.291  -4.570  -5.308  1.00 53.89  ? 145 LEU A CB    1 
ATOM   837  C  CG    . LEU A 1 104 ? -2.379  -3.545  -5.632  1.00 54.45  ? 145 LEU A CG    1 
ATOM   838  C  CD1   . LEU A 1 104 ? -2.440  -3.244  -7.138  1.00 55.61  ? 145 LEU A CD1   1 
ATOM   839  C  CD2   . LEU A 1 104 ? -3.741  -4.004  -5.120  1.00 52.64  ? 145 LEU A CD2   1 
ATOM   840  N  N     . VAL A 1 105 ? 0.633   -1.769  -5.021  1.00 52.70  ? 146 VAL A N     1 
ATOM   841  C  CA    . VAL A 1 105 ? 0.791   -0.574  -4.196  1.00 51.29  ? 146 VAL A CA    1 
ATOM   842  C  C     . VAL A 1 105 ? -0.485  0.239   -4.186  1.00 51.20  ? 146 VAL A C     1 
ATOM   843  O  O     . VAL A 1 105 ? -0.882  0.831   -5.194  1.00 51.15  ? 146 VAL A O     1 
ATOM   844  C  CB    . VAL A 1 105 ? 1.982   0.299   -4.605  1.00 50.83  ? 146 VAL A CB    1 
ATOM   845  C  CG1   . VAL A 1 105 ? 2.043   1.538   -3.737  1.00 49.38  ? 146 VAL A CG1   1 
ATOM   846  C  CG2   . VAL A 1 105 ? 3.259   -0.468  -4.479  1.00 50.92  ? 146 VAL A CG2   1 
ATOM   847  N  N     . LEU A 1 106 ? -1.141  0.258   -3.048  1.00 50.57  ? 147 LEU A N     1 
ATOM   848  C  CA    . LEU A 1 106 ? -2.277  1.105   -2.903  1.00 51.27  ? 147 LEU A CA    1 
ATOM   849  C  C     . LEU A 1 106 ? -1.818  2.387   -2.230  1.00 52.16  ? 147 LEU A C     1 
ATOM   850  O  O     . LEU A 1 106 ? -1.726  2.458   -1.002  1.00 51.97  ? 147 LEU A O     1 
ATOM   851  C  CB    . LEU A 1 106 ? -3.327  0.406   -2.071  1.00 51.60  ? 147 LEU A CB    1 
ATOM   852  C  CG    . LEU A 1 106 ? -3.971  -0.850  -2.694  1.00 53.69  ? 147 LEU A CG    1 
ATOM   853  C  CD1   . LEU A 1 106 ? -5.087  -1.365  -1.793  1.00 53.98  ? 147 LEU A CD1   1 
ATOM   854  C  CD2   . LEU A 1 106 ? -4.502  -0.551  -4.114  1.00 53.82  ? 147 LEU A CD2   1 
ATOM   855  N  N     . ASP A 1 107 ? -1.485  3.394   -3.027  1.00 53.15  ? 148 ASP A N     1 
ATOM   856  C  CA    . ASP A 1 107 ? -0.951  4.626   -2.463  1.00 54.93  ? 148 ASP A CA    1 
ATOM   857  C  C     . ASP A 1 107 ? -2.042  5.494   -1.869  1.00 55.89  ? 148 ASP A C     1 
ATOM   858  O  O     . ASP A 1 107 ? -3.061  5.748   -2.502  1.00 56.17  ? 148 ASP A O     1 
ATOM   859  C  CB    . ASP A 1 107 ? -0.177  5.419   -3.502  1.00 54.68  ? 148 ASP A CB    1 
ATOM   860  C  CG    . ASP A 1 107 ? 0.743   6.461   -2.860  1.00 56.42  ? 148 ASP A CG    1 
ATOM   861  O  OD1   . ASP A 1 107 ? 0.434   7.670   -2.920  1.00 59.67  ? 148 ASP A OD1   1 
ATOM   862  O  OD2   . ASP A 1 107 ? 1.772   6.087   -2.255  1.00 57.85  ? 148 ASP A OD2   1 
ATOM   863  N  N     . ASP A 1 108 ? -1.850  5.930   -0.642  1.00 57.40  ? 149 ASP A N     1 
ATOM   864  C  CA    . ASP A 1 108 ? -2.898  6.702   -0.049  1.00 59.63  ? 149 ASP A CA    1 
ATOM   865  C  C     . ASP A 1 108 ? -4.195  5.930   0.198   1.00 60.96  ? 149 ASP A C     1 
ATOM   866  O  O     . ASP A 1 108 ? -5.266  6.452   -0.044  1.00 60.63  ? 149 ASP A O     1 
ATOM   867  C  CB    . ASP A 1 108 ? -3.237  7.803   -1.016  1.00 59.76  ? 149 ASP A CB    1 
ATOM   868  C  CG    . ASP A 1 108 ? -2.917  9.166   -0.470  1.00 62.19  ? 149 ASP A CG    1 
ATOM   869  O  OD1   . ASP A 1 108 ? -2.033  9.828   -1.051  1.00 65.68  ? 149 ASP A OD1   1 
ATOM   870  O  OD2   . ASP A 1 108 ? -3.552  9.595   0.535   1.00 65.81  ? 149 ASP A OD2   1 
ATOM   871  N  N     . LEU A 1 109 ? -4.093  4.683   0.644   1.00 63.18  ? 150 LEU A N     1 
ATOM   872  C  CA    . LEU A 1 109 ? -5.278  3.908   0.875   1.00 65.23  ? 150 LEU A CA    1 
ATOM   873  C  C     . LEU A 1 109 ? -6.046  4.520   2.028   1.00 67.23  ? 150 LEU A C     1 
ATOM   874  O  O     . LEU A 1 109 ? -6.023  3.995   3.123   1.00 68.84  ? 150 LEU A O     1 
ATOM   875  C  CB    . LEU A 1 109 ? -4.915  2.464   1.233   1.00 64.85  ? 150 LEU A CB    1 
ATOM   876  C  CG    . LEU A 1 109 ? -6.028  1.501   1.695   1.00 64.44  ? 150 LEU A CG    1 
ATOM   877  C  CD1   . LEU A 1 109 ? -6.912  1.091   0.510   1.00 65.67  ? 150 LEU A CD1   1 
ATOM   878  C  CD2   . LEU A 1 109 ? -5.446  0.225   2.373   1.00 64.01  ? 150 LEU A CD2   1 
ATOM   879  N  N     . GLY A 1 110 ? -6.748  5.607   1.819   1.00 69.04  ? 151 GLY A N     1 
ATOM   880  C  CA    . GLY A 1 110 ? -7.799  5.886   2.774   1.00 71.34  ? 151 GLY A CA    1 
ATOM   881  C  C     . GLY A 1 110 ? -7.626  7.078   3.678   1.00 73.64  ? 151 GLY A C     1 
ATOM   882  O  O     . GLY A 1 110 ? -8.525  7.413   4.414   1.00 74.61  ? 151 GLY A O     1 
ATOM   883  N  N     . SER A 1 111 ? -6.506  7.781   3.593   1.00 75.57  ? 152 SER A N     1 
ATOM   884  C  CA    . SER A 1 111 ? -6.487  9.178   4.050   1.00 77.01  ? 152 SER A CA    1 
ATOM   885  C  C     . SER A 1 111 ? -7.768  9.915   3.540   1.00 78.60  ? 152 SER A C     1 
ATOM   886  O  O     . SER A 1 111 ? -8.188  9.729   2.371   1.00 78.91  ? 152 SER A O     1 
ATOM   887  C  CB    . SER A 1 111 ? -5.241  9.904   3.502   1.00 76.96  ? 152 SER A CB    1 
ATOM   888  O  OG    . SER A 1 111 ? -4.282  8.994   2.963   1.00 75.13  ? 152 SER A OG    1 
ATOM   889  N  N     . GLU A 1 112 ? -8.369  10.754  4.390   1.00 79.69  ? 153 GLU A N     1 
ATOM   890  C  CA    . GLU A 1 112 ? -9.632  11.414  4.030   1.00 80.69  ? 153 GLU A CA    1 
ATOM   891  C  C     . GLU A 1 112 ? -10.754 10.387  4.103   1.00 80.94  ? 153 GLU A C     1 
ATOM   892  O  O     . GLU A 1 112 ? -10.499 9.186   4.210   1.00 81.23  ? 153 GLU A O     1 
ATOM   893  C  CB    . GLU A 1 112 ? -9.583  12.036  2.619   1.00 80.69  ? 153 GLU A CB    1 
ATOM   894  C  CG    . GLU A 1 112 ? -8.920  13.425  2.548   1.00 82.95  ? 153 GLU A CG    1 
ATOM   895  C  CD    . GLU A 1 112 ? -8.611  14.011  3.937   1.00 86.70  ? 153 GLU A CD    1 
ATOM   896  O  OE1   . GLU A 1 112 ? -9.555  14.238  4.743   1.00 87.27  ? 153 GLU A OE1   1 
ATOM   897  O  OE2   . GLU A 1 112 ? -7.411  14.279  4.219   1.00 88.00  ? 153 GLU A OE2   1 
ATOM   898  N  N     . ARG A 1 113 ? -11.992 10.844  3.997   1.00 80.79  ? 154 ARG A N     1 
ATOM   899  C  CA    . ARG A 1 113 ? -13.119 9.947   4.183   1.00 80.27  ? 154 ARG A CA    1 
ATOM   900  C  C     . ARG A 1 113 ? -13.747 9.499   2.885   1.00 79.17  ? 154 ARG A C     1 
ATOM   901  O  O     . ARG A 1 113 ? -13.902 10.292  1.941   1.00 78.62  ? 154 ARG A O     1 
ATOM   902  C  CB    . ARG A 1 113 ? -14.120 10.601  5.100   1.00 80.68  ? 154 ARG A CB    1 
ATOM   903  C  CG    . ARG A 1 113 ? -13.372 11.444  6.052   1.00 83.40  ? 154 ARG A CG    1 
ATOM   904  C  CD    . ARG A 1 113 ? -14.263 12.413  6.756   1.00 89.67  ? 154 ARG A CD    1 
ATOM   905  N  NE    . ARG A 1 113 ? -13.524 13.052  7.845   1.00 94.61  ? 154 ARG A NE    1 
ATOM   906  C  CZ    . ARG A 1 113 ? -14.088 13.667  8.886   1.00 96.83  ? 154 ARG A CZ    1 
ATOM   907  N  NH1   . ARG A 1 113 ? -15.417 13.735  8.984   1.00 96.48  ? 154 ARG A NH1   1 
ATOM   908  N  NH2   . ARG A 1 113 ? -13.318 14.211  9.835   1.00 97.80  ? 154 ARG A NH2   1 
ATOM   909  N  N     . LEU A 1 114 ? -14.090 8.208   2.889   1.00 78.38  ? 155 LEU A N     1 
ATOM   910  C  CA    . LEU A 1 114 ? -14.519 7.415   1.748   1.00 77.99  ? 155 LEU A CA    1 
ATOM   911  C  C     . LEU A 1 114 ? -15.981 7.078   1.832   1.00 77.75  ? 155 LEU A C     1 
ATOM   912  O  O     . LEU A 1 114 ? -16.390 6.305   2.714   1.00 78.70  ? 155 LEU A O     1 
ATOM   913  C  CB    . LEU A 1 114 ? -13.765 6.104   1.746   1.00 77.79  ? 155 LEU A CB    1 
ATOM   914  C  CG    . LEU A 1 114 ? -12.267 6.254   1.626   1.00 77.48  ? 155 LEU A CG    1 
ATOM   915  C  CD1   . LEU A 1 114 ? -11.654 4.886   1.500   1.00 77.57  ? 155 LEU A CD1   1 
ATOM   916  C  CD2   . LEU A 1 114 ? -11.960 7.082   0.398   1.00 78.47  ? 155 LEU A CD2   1 
ATOM   917  N  N     . SER A 1 115 ? -16.733 7.602   0.865   1.00 76.66  ? 156 SER A N     1 
ATOM   918  C  CA    . SER A 1 115 ? -18.142 7.331   0.676   1.00 76.20  ? 156 SER A CA    1 
ATOM   919  C  C     . SER A 1 115 ? -18.506 5.859   0.457   1.00 76.63  ? 156 SER A C     1 
ATOM   920  O  O     . SER A 1 115 ? -18.113 5.263   -0.530  1.00 77.24  ? 156 SER A O     1 
ATOM   921  C  CB    . SER A 1 115 ? -18.625 8.100   -0.562  1.00 76.05  ? 156 SER A CB    1 
ATOM   922  O  OG    . SER A 1 115 ? -17.988 7.629   -1.744  1.00 72.84  ? 156 SER A OG    1 
ATOM   923  N  N     . ASP A 1 116 ? -19.325 5.305   1.331   1.00 76.53  ? 157 ASP A N     1 
ATOM   924  C  CA    . ASP A 1 116 ? -19.918 4.002   1.119   1.00 76.75  ? 157 ASP A CA    1 
ATOM   925  C  C     . ASP A 1 116 ? -19.495 3.168   -0.112  1.00 76.51  ? 157 ASP A C     1 
ATOM   926  O  O     . ASP A 1 116 ? -19.137 1.993   0.065   1.00 76.69  ? 157 ASP A O     1 
ATOM   927  C  CB    . ASP A 1 116 ? -21.436 4.111   1.252   1.00 77.20  ? 157 ASP A CB    1 
ATOM   928  C  CG    . ASP A 1 116 ? -21.915 4.002   2.713   1.00 79.92  ? 157 ASP A CG    1 
ATOM   929  O  OD1   . ASP A 1 116 ? -22.579 2.992   3.044   1.00 83.65  ? 157 ASP A OD1   1 
ATOM   930  O  OD2   . ASP A 1 116 ? -21.652 4.913   3.543   1.00 82.91  ? 157 ASP A OD2   1 
ATOM   931  N  N     . TRP A 1 117 ? -19.549 3.726   -1.335  1.00 76.40  ? 158 TRP A N     1 
ATOM   932  C  CA    . TRP A 1 117 ? -19.171 2.930   -2.558  1.00 76.49  ? 158 TRP A CA    1 
ATOM   933  C  C     . TRP A 1 117 ? -17.646 2.701   -2.707  1.00 75.69  ? 158 TRP A C     1 
ATOM   934  O  O     . TRP A 1 117 ? -17.228 1.618   -3.057  1.00 75.53  ? 158 TRP A O     1 
ATOM   935  C  CB    . TRP A 1 117 ? -19.866 3.403   -3.887  1.00 76.37  ? 158 TRP A CB    1 
ATOM   936  C  CG    . TRP A 1 117 ? -19.292 4.691   -4.452  1.00 78.96  ? 158 TRP A CG    1 
ATOM   937  C  CD1   . TRP A 1 117 ? -19.742 5.963   -4.205  1.00 81.20  ? 158 TRP A CD1   1 
ATOM   938  C  CD2   . TRP A 1 117 ? -18.124 4.839   -5.306  1.00 81.96  ? 158 TRP A CD2   1 
ATOM   939  N  NE1   . TRP A 1 117 ? -18.935 6.891   -4.844  1.00 82.73  ? 158 TRP A NE1   1 
ATOM   940  C  CE2   . TRP A 1 117 ? -17.933 6.232   -5.517  1.00 83.00  ? 158 TRP A CE2   1 
ATOM   941  C  CE3   . TRP A 1 117 ? -17.222 3.928   -5.917  1.00 83.52  ? 158 TRP A CE3   1 
ATOM   942  C  CZ2   . TRP A 1 117 ? -16.869 6.742   -6.308  1.00 84.25  ? 158 TRP A CZ2   1 
ATOM   943  C  CZ3   . TRP A 1 117 ? -16.160 4.425   -6.678  1.00 84.65  ? 158 TRP A CZ3   1 
ATOM   944  C  CH2   . TRP A 1 117 ? -15.995 5.822   -6.873  1.00 85.16  ? 158 TRP A CH2   1 
ATOM   945  N  N     . GLN A 1 118 ? -16.823 3.720   -2.488  1.00 75.17  ? 159 GLN A N     1 
ATOM   946  C  CA    . GLN A 1 118 ? -15.376 3.496   -2.401  1.00 75.25  ? 159 GLN A CA    1 
ATOM   947  C  C     . GLN A 1 118 ? -14.979 2.609   -1.222  1.00 74.98  ? 159 GLN A C     1 
ATOM   948  O  O     . GLN A 1 118 ? -14.113 1.757   -1.342  1.00 74.62  ? 159 GLN A O     1 
ATOM   949  C  CB    . GLN A 1 118 ? -14.671 4.825   -2.284  1.00 75.22  ? 159 GLN A CB    1 
ATOM   950  C  CG    . GLN A 1 118 ? -15.405 5.917   -3.074  1.00 75.71  ? 159 GLN A CG    1 
ATOM   951  C  CD    . GLN A 1 118 ? -14.908 7.322   -2.765  1.00 75.38  ? 159 GLN A CD    1 
ATOM   952  O  OE1   . GLN A 1 118 ? -15.486 8.017   -1.945  1.00 77.73  ? 159 GLN A OE1   1 
ATOM   953  N  NE2   . GLN A 1 118 ? -13.820 7.732   -3.407  1.00 75.06  ? 159 GLN A NE2   1 
ATOM   954  N  N     . ARG A 1 119 ? -15.567 2.854   -0.058  1.00 75.05  ? 160 ARG A N     1 
ATOM   955  C  CA    . ARG A 1 119 ? -15.439 1.921   1.063   1.00 75.03  ? 160 ARG A CA    1 
ATOM   956  C  C     . ARG A 1 119 ? -15.651 0.462   0.636   1.00 74.30  ? 160 ARG A C     1 
ATOM   957  O  O     . ARG A 1 119 ? -14.823 -0.381  0.968   1.00 74.83  ? 160 ARG A O     1 
ATOM   958  C  CB    . ARG A 1 119 ? -16.373 2.306   2.220   1.00 75.58  ? 160 ARG A CB    1 
ATOM   959  C  CG    . ARG A 1 119 ? -16.147 3.735   2.766   1.00 80.55  ? 160 ARG A CG    1 
ATOM   960  C  CD    . ARG A 1 119 ? -14.819 3.787   3.512   1.00 89.29  ? 160 ARG A CD    1 
ATOM   961  N  NE    . ARG A 1 119 ? -14.504 5.093   4.128   1.00 96.12  ? 160 ARG A NE    1 
ATOM   962  C  CZ    . ARG A 1 119 ? -14.956 5.478   5.335   1.00 99.06  ? 160 ARG A CZ    1 
ATOM   963  N  NH1   . ARG A 1 119 ? -15.781 4.670   6.028   1.00 98.42  ? 160 ARG A NH1   1 
ATOM   964  N  NH2   . ARG A 1 119 ? -14.595 6.666   5.856   1.00 100.32 ? 160 ARG A NH2   1 
ATOM   965  N  N     . GLU A 1 120 ? -16.757 0.170   -0.071  1.00 73.57  ? 161 GLU A N     1 
ATOM   966  C  CA    . GLU A 1 120 ? -17.108 -1.171  -0.580  1.00 73.03  ? 161 GLU A CA    1 
ATOM   967  C  C     . GLU A 1 120 ? -16.041 -1.833  -1.472  1.00 70.92  ? 161 GLU A C     1 
ATOM   968  O  O     . GLU A 1 120 ? -15.727 -2.999  -1.232  1.00 71.02  ? 161 GLU A O     1 
ATOM   969  C  CB    . GLU A 1 120 ? -18.481 -1.157  -1.293  1.00 74.37  ? 161 GLU A CB    1 
ATOM   970  C  CG    . GLU A 1 120 ? -19.703 -0.753  -0.436  1.00 80.19  ? 161 GLU A CG    1 
ATOM   971  C  CD    . GLU A 1 120 ? -21.046 -0.857  -1.244  1.00 87.59  ? 161 GLU A CD    1 
ATOM   972  O  OE1   . GLU A 1 120 ? -21.011 -0.934  -2.521  1.00 88.88  ? 161 GLU A OE1   1 
ATOM   973  O  OE2   . GLU A 1 120 ? -22.130 -0.852  -0.593  1.00 88.98  ? 161 GLU A OE2   1 
ATOM   974  N  N     . LEU A 1 121 ? -15.533 -1.097  -2.492  1.00 68.76  ? 162 LEU A N     1 
ATOM   975  C  CA    . LEU A 1 121 ? -14.422 -1.490  -3.400  1.00 66.74  ? 162 LEU A CA    1 
ATOM   976  C  C     . LEU A 1 121 ? -13.092 -1.820  -2.699  1.00 64.91  ? 162 LEU A C     1 
ATOM   977  O  O     . LEU A 1 121 ? -12.435 -2.815  -3.082  1.00 64.71  ? 162 LEU A O     1 
ATOM   978  C  CB    . LEU A 1 121 ? -14.167 -0.418  -4.469  1.00 67.26  ? 162 LEU A CB    1 
ATOM   979  C  CG    . LEU A 1 121 ? -15.209 -0.100  -5.523  1.00 68.41  ? 162 LEU A CG    1 
ATOM   980  C  CD1   . LEU A 1 121 ? -14.652 1.007   -6.529  1.00 70.81  ? 162 LEU A CD1   1 
ATOM   981  C  CD2   . LEU A 1 121 ? -15.621 -1.388  -6.246  1.00 70.27  ? 162 LEU A CD2   1 
ATOM   982  N  N     . ILE A 1 122 ? -12.698 -0.984  -1.714  1.00 62.44  ? 163 ILE A N     1 
ATOM   983  C  CA    . ILE A 1 122 ? -11.504 -1.197  -0.886  1.00 60.87  ? 163 ILE A CA    1 
ATOM   984  C  C     . ILE A 1 122 ? -11.625 -2.473  -0.071  1.00 60.04  ? 163 ILE A C     1 
ATOM   985  O  O     . ILE A 1 122 ? -10.801 -3.378  -0.193  1.00 59.89  ? 163 ILE A O     1 
ATOM   986  C  CB    . ILE A 1 122 ? -11.241 -0.040  0.042   1.00 60.93  ? 163 ILE A CB    1 
ATOM   987  C  CG1   . ILE A 1 122 ? -10.896 1.215   -0.769  1.00 61.41  ? 163 ILE A CG1   1 
ATOM   988  C  CG2   . ILE A 1 122 ? -10.056 -0.367  0.975   1.00 59.55  ? 163 ILE A CG2   1 
ATOM   989  C  CD1   . ILE A 1 122 ? -10.822 2.467   0.097   1.00 62.54  ? 163 ILE A CD1   1 
ATOM   990  N  N     . SER A 1 123 ? -12.712 -2.579  0.681   1.00 58.89  ? 164 SER A N     1 
ATOM   991  C  CA    . SER A 1 123 ? -12.992 -3.768  1.467   1.00 57.93  ? 164 SER A CA    1 
ATOM   992  C  C     . SER A 1 123 ? -12.932 -5.044  0.620   1.00 57.28  ? 164 SER A C     1 
ATOM   993  O  O     . SER A 1 123 ? -12.315 -6.040  1.000   1.00 57.81  ? 164 SER A O     1 
ATOM   994  C  CB    . SER A 1 123 ? -14.336 -3.606  2.153   1.00 57.83  ? 164 SER A CB    1 
ATOM   995  O  OG    . SER A 1 123 ? -14.510 -4.513  3.220   1.00 58.89  ? 164 SER A OG    1 
ATOM   996  N  N     . TYR A 1 124 ? -13.519 -4.982  -0.556  1.00 56.33  ? 165 TYR A N     1 
ATOM   997  C  CA    . TYR A 1 124 ? -13.441 -6.061  -1.524  1.00 55.76  ? 165 TYR A CA    1 
ATOM   998  C  C     . TYR A 1 124 ? -12.006 -6.425  -1.900  1.00 54.65  ? 165 TYR A C     1 
ATOM   999  O  O     . TYR A 1 124 ? -11.595 -7.568  -1.816  1.00 54.52  ? 165 TYR A O     1 
ATOM   1000 C  CB    . TYR A 1 124 ? -14.214 -5.650  -2.791  1.00 56.36  ? 165 TYR A CB    1 
ATOM   1001 C  CG    . TYR A 1 124 ? -14.264 -6.726  -3.873  1.00 58.52  ? 165 TYR A CG    1 
ATOM   1002 C  CD1   . TYR A 1 124 ? -14.631 -8.050  -3.581  1.00 58.53  ? 165 TYR A CD1   1 
ATOM   1003 C  CD2   . TYR A 1 124 ? -13.979 -6.409  -5.196  1.00 60.85  ? 165 TYR A CD2   1 
ATOM   1004 C  CE1   . TYR A 1 124 ? -14.666 -9.010  -4.562  1.00 58.73  ? 165 TYR A CE1   1 
ATOM   1005 C  CE2   . TYR A 1 124 ? -14.027 -7.378  -6.185  1.00 60.33  ? 165 TYR A CE2   1 
ATOM   1006 C  CZ    . TYR A 1 124 ? -14.372 -8.664  -5.849  1.00 58.81  ? 165 TYR A CZ    1 
ATOM   1007 O  OH    . TYR A 1 124 ? -14.416 -9.602  -6.812  1.00 59.08  ? 165 TYR A OH    1 
ATOM   1008 N  N     . ILE A 1 125 ? -11.244 -5.423  -2.295  1.00 53.81  ? 166 ILE A N     1 
ATOM   1009 C  CA    . ILE A 1 125 ? -9.931  -5.633  -2.856  1.00 52.89  ? 166 ILE A CA    1 
ATOM   1010 C  C     . ILE A 1 125 ? -8.993  -6.119  -1.750  1.00 52.26  ? 166 ILE A C     1 
ATOM   1011 O  O     . ILE A 1 125 ? -8.111  -6.944  -1.979  1.00 51.74  ? 166 ILE A O     1 
ATOM   1012 C  CB    . ILE A 1 125 ? -9.404  -4.334  -3.446  1.00 52.79  ? 166 ILE A CB    1 
ATOM   1013 C  CG1   . ILE A 1 125 ? -10.081 -4.046  -4.790  1.00 52.28  ? 166 ILE A CG1   1 
ATOM   1014 C  CG2   . ILE A 1 125 ? -7.906  -4.410  -3.624  1.00 53.98  ? 166 ILE A CG2   1 
ATOM   1015 C  CD1   . ILE A 1 125 ? -9.927  -2.596  -5.281  1.00 51.49  ? 166 ILE A CD1   1 
ATOM   1016 N  N     . ILE A 1 126 ? -9.204  -5.616  -0.540  1.00 51.38  ? 167 ILE A N     1 
ATOM   1017 C  CA    . ILE A 1 126 ? -8.365  -5.996  0.570   1.00 50.25  ? 167 ILE A CA    1 
ATOM   1018 C  C     . ILE A 1 126 ? -8.771  -7.347  1.132   1.00 51.30  ? 167 ILE A C     1 
ATOM   1019 O  O     . ILE A 1 126 ? -7.903  -8.177  1.429   1.00 51.13  ? 167 ILE A O     1 
ATOM   1020 C  CB    . ILE A 1 126 ? -8.284  -4.898  1.623   1.00 49.63  ? 167 ILE A CB    1 
ATOM   1021 C  CG1   . ILE A 1 126 ? -7.182  -3.930  1.202   1.00 51.21  ? 167 ILE A CG1   1 
ATOM   1022 C  CG2   . ILE A 1 126 ? -7.965  -5.449  2.932   1.00 43.96  ? 167 ILE A CG2   1 
ATOM   1023 C  CD1   . ILE A 1 126 ? -7.096  -2.680  2.020   1.00 54.77  ? 167 ILE A CD1   1 
ATOM   1024 N  N     . THR A 1 127 ? -10.080 -7.621  1.199   1.00 51.64  ? 168 THR A N     1 
ATOM   1025 C  CA    . THR A 1 127 ? -10.521 -8.969  1.601   1.00 52.08  ? 168 THR A CA    1 
ATOM   1026 C  C     . THR A 1 127 ? -9.936  -10.012 0.648   1.00 53.36  ? 168 THR A C     1 
ATOM   1027 O  O     . THR A 1 127 ? -9.433  -11.048 1.084   1.00 54.31  ? 168 THR A O     1 
ATOM   1028 C  CB    . THR A 1 127 ? -12.033 -9.112  1.655   1.00 51.20  ? 168 THR A CB    1 
ATOM   1029 O  OG1   . THR A 1 127 ? -12.529 -8.219  2.630   1.00 51.61  ? 168 THR A OG1   1 
ATOM   1030 C  CG2   . THR A 1 127 ? -12.403 -10.457 2.096   1.00 48.94  ? 168 THR A CG2   1 
ATOM   1031 N  N     . TYR A 1 128 ? -9.950  -9.711  -0.642  1.00 53.77  ? 169 TYR A N     1 
ATOM   1032 C  CA    . TYR A 1 128 ? -9.454  -10.652 -1.610  1.00 54.84  ? 169 TYR A CA    1 
ATOM   1033 C  C     . TYR A 1 128 ? -7.960  -10.974 -1.480  1.00 54.18  ? 169 TYR A C     1 
ATOM   1034 O  O     . TYR A 1 128 ? -7.557  -12.152 -1.511  1.00 54.35  ? 169 TYR A O     1 
ATOM   1035 C  CB    . TYR A 1 128 ? -9.728  -10.147 -2.997  1.00 55.83  ? 169 TYR A CB    1 
ATOM   1036 C  CG    . TYR A 1 128 ? -9.367  -11.146 -4.018  1.00 60.13  ? 169 TYR A CG    1 
ATOM   1037 C  CD1   . TYR A 1 128 ? -9.668  -12.483 -3.818  1.00 66.61  ? 169 TYR A CD1   1 
ATOM   1038 C  CD2   . TYR A 1 128 ? -8.682  -10.782 -5.150  1.00 66.38  ? 169 TYR A CD2   1 
ATOM   1039 C  CE1   . TYR A 1 128 ? -9.333  -13.434 -4.751  1.00 70.70  ? 169 TYR A CE1   1 
ATOM   1040 C  CE2   . TYR A 1 128 ? -8.317  -11.726 -6.090  1.00 70.83  ? 169 TYR A CE2   1 
ATOM   1041 C  CZ    . TYR A 1 128 ? -8.655  -13.053 -5.898  1.00 70.22  ? 169 TYR A CZ    1 
ATOM   1042 O  OH    . TYR A 1 128 ? -8.302  -14.008 -6.832  1.00 70.29  ? 169 TYR A OH    1 
ATOM   1043 N  N     . ARG A 1 129 ? -7.148  -9.928  -1.357  1.00 52.80  ? 170 ARG A N     1 
ATOM   1044 C  CA    . ARG A 1 129 ? -5.697  -10.063 -1.284  1.00 51.38  ? 170 ARG A CA    1 
ATOM   1045 C  C     . ARG A 1 129 ? -5.276  -10.608 0.030   1.00 50.66  ? 170 ARG A C     1 
ATOM   1046 O  O     . ARG A 1 129 ? -4.237  -11.233 0.138   1.00 50.40  ? 170 ARG A O     1 
ATOM   1047 C  CB    . ARG A 1 129 ? -5.013  -8.719  -1.548  1.00 50.98  ? 170 ARG A CB    1 
ATOM   1048 C  CG    . ARG A 1 129 ? -5.286  -8.238  -2.955  1.00 51.18  ? 170 ARG A CG    1 
ATOM   1049 C  CD    . ARG A 1 129 ? -4.533  -6.977  -3.331  1.00 50.37  ? 170 ARG A CD    1 
ATOM   1050 N  NE    . ARG A 1 129 ? -3.083  -7.174  -3.400  1.00 49.85  ? 170 ARG A NE    1 
ATOM   1051 C  CZ    . ARG A 1 129 ? -2.427  -7.772  -4.399  1.00 49.32  ? 170 ARG A CZ    1 
ATOM   1052 N  NH1   . ARG A 1 129 ? -3.079  -8.257  -5.444  1.00 45.81  ? 170 ARG A NH1   1 
ATOM   1053 N  NH2   . ARG A 1 129 ? -1.094  -7.885  -4.347  1.00 49.26  ? 170 ARG A NH2   1 
ATOM   1054 N  N     . TYR A 1 130 ? -6.102  -10.375 1.042   1.00 50.98  ? 171 TYR A N     1 
ATOM   1055 C  CA    . TYR A 1 130 ? -5.930  -11.019 2.357   1.00 51.14  ? 171 TYR A CA    1 
ATOM   1056 C  C     . TYR A 1 130 ? -6.236  -12.522 2.240   1.00 51.68  ? 171 TYR A C     1 
ATOM   1057 O  O     . TYR A 1 130 ? -5.417  -13.354 2.628   1.00 51.97  ? 171 TYR A O     1 
ATOM   1058 C  CB    . TYR A 1 130 ? -6.834  -10.351 3.404   1.00 50.71  ? 171 TYR A CB    1 
ATOM   1059 C  CG    . TYR A 1 130 ? -6.850  -10.975 4.781   1.00 50.60  ? 171 TYR A CG    1 
ATOM   1060 C  CD1   . TYR A 1 130 ? -5.961  -10.548 5.779   1.00 51.33  ? 171 TYR A CD1   1 
ATOM   1061 C  CD2   . TYR A 1 130 ? -7.794  -11.922 5.114   1.00 49.91  ? 171 TYR A CD2   1 
ATOM   1062 C  CE1   . TYR A 1 130 ? -5.978  -11.095 7.054   1.00 49.83  ? 171 TYR A CE1   1 
ATOM   1063 C  CE2   . TYR A 1 130 ? -7.837  -12.459 6.379   1.00 51.09  ? 171 TYR A CE2   1 
ATOM   1064 C  CZ    . TYR A 1 130 ? -6.930  -12.042 7.346   1.00 52.47  ? 171 TYR A CZ    1 
ATOM   1065 O  OH    . TYR A 1 130 ? -6.970  -12.603 8.600   1.00 54.08  ? 171 TYR A OH    1 
ATOM   1066 N  N     . ASN A 1 131 ? -7.377  -12.877 1.657   1.00 51.16  ? 172 ASN A N     1 
ATOM   1067 C  CA    . ASN A 1 131 ? -7.717  -14.278 1.539   1.00 51.46  ? 172 ASN A CA    1 
ATOM   1068 C  C     . ASN A 1 131 ? -6.752  -15.074 0.678   1.00 52.07  ? 172 ASN A C     1 
ATOM   1069 O  O     . ASN A 1 131 ? -6.477  -16.264 0.962   1.00 53.25  ? 172 ASN A O     1 
ATOM   1070 C  CB    . ASN A 1 131 ? -9.114  -14.443 1.002   1.00 51.34  ? 172 ASN A CB    1 
ATOM   1071 C  CG    . ASN A 1 131 ? -10.153 -14.003 1.974   1.00 51.57  ? 172 ASN A CG    1 
ATOM   1072 O  OD1   . ASN A 1 131 ? -9.957  -14.081 3.188   1.00 52.23  ? 172 ASN A OD1   1 
ATOM   1073 N  ND2   . ASN A 1 131 ? -11.282 -13.532 1.453   1.00 50.99  ? 172 ASN A ND2   1 
ATOM   1074 N  N     . ASN A 1 132 ? -6.230  -14.440 -0.370  1.00 51.88  ? 173 ASN A N     1 
ATOM   1075 C  CA    . ASN A 1 132 ? -5.479  -15.181 -1.357  1.00 52.05  ? 173 ASN A CA    1 
ATOM   1076 C  C     . ASN A 1 132 ? -3.990  -14.983 -1.217  1.00 51.89  ? 173 ASN A C     1 
ATOM   1077 O  O     . ASN A 1 132 ? -3.252  -15.208 -2.148  1.00 52.78  ? 173 ASN A O     1 
ATOM   1078 C  CB    . ASN A 1 132 ? -5.966  -14.831 -2.756  1.00 52.50  ? 173 ASN A CB    1 
ATOM   1079 C  CG    . ASN A 1 132 ? -7.469  -15.087 -2.920  1.00 54.98  ? 173 ASN A CG    1 
ATOM   1080 O  OD1   . ASN A 1 132 ? -7.976  -16.079 -2.440  1.00 60.69  ? 173 ASN A OD1   1 
ATOM   1081 N  ND2   . ASN A 1 132 ? -8.153  -14.211 -3.569  1.00 59.53  ? 173 ASN A ND2   1 
ATOM   1082 N  N     . LEU A 1 133 ? -3.559  -14.573 -0.028  1.00 51.62  ? 174 LEU A N     1 
ATOM   1083 C  CA    . LEU A 1 133 ? -2.163  -14.306 0.283   1.00 51.26  ? 174 LEU A CA    1 
ATOM   1084 C  C     . LEU A 1 133 ? -1.461  -13.508 -0.823  1.00 52.36  ? 174 LEU A C     1 
ATOM   1085 O  O     . LEU A 1 133 ? -0.421  -13.913 -1.341  1.00 52.57  ? 174 LEU A O     1 
ATOM   1086 C  CB    . LEU A 1 133 ? -1.420  -15.597 0.630   1.00 50.63  ? 174 LEU A CB    1 
ATOM   1087 C  CG    . LEU A 1 133 ? -1.898  -16.355 1.883   1.00 49.62  ? 174 LEU A CG    1 
ATOM   1088 C  CD1   . LEU A 1 133 ? -1.019  -17.541 2.185   1.00 48.41  ? 174 LEU A CD1   1 
ATOM   1089 C  CD2   . LEU A 1 133 ? -1.987  -15.449 3.105   1.00 48.18  ? 174 LEU A CD2   1 
ATOM   1090 N  N     . LYS A 1 134 ? -2.028  -12.360 -1.154  1.00 53.15  ? 175 LYS A N     1 
ATOM   1091 C  CA    . LYS A 1 134 ? -1.451  -11.500 -2.147  1.00 54.64  ? 175 LYS A CA    1 
ATOM   1092 C  C     . LYS A 1 134 ? -0.821  -10.306 -1.471  1.00 55.30  ? 175 LYS A C     1 
ATOM   1093 O  O     . LYS A 1 134 ? -1.482  -9.567  -0.716  1.00 55.42  ? 175 LYS A O     1 
ATOM   1094 C  CB    . LYS A 1 134 ? -2.501  -11.080 -3.159  1.00 54.38  ? 175 LYS A CB    1 
ATOM   1095 C  CG    . LYS A 1 134 ? -3.124  -12.257 -3.843  1.00 58.01  ? 175 LYS A CG    1 
ATOM   1096 C  CD    . LYS A 1 134 ? -2.736  -12.358 -5.312  1.00 61.41  ? 175 LYS A CD    1 
ATOM   1097 C  CE    . LYS A 1 134 ? -2.188  -13.724 -5.664  1.00 62.78  ? 175 LYS A CE    1 
ATOM   1098 N  NZ    . LYS A 1 134 ? -1.405  -13.594 -6.940  1.00 67.01  ? 175 LYS A NZ    1 
ATOM   1099 N  N     . SER A 1 135 ? 0.475   -10.142 -1.716  1.00 55.58  ? 176 SER A N     1 
ATOM   1100 C  CA    . SER A 1 135 ? 1.240   -9.123  -1.025  1.00 56.08  ? 176 SER A CA    1 
ATOM   1101 C  C     . SER A 1 135 ? 0.865   -7.752  -1.507  1.00 56.11  ? 176 SER A C     1 
ATOM   1102 O  O     . SER A 1 135 ? 0.906   -7.461  -2.707  1.00 55.63  ? 176 SER A O     1 
ATOM   1103 C  CB    . SER A 1 135 ? 2.742   -9.365  -1.126  1.00 55.91  ? 176 SER A CB    1 
ATOM   1104 O  OG    . SER A 1 135 ? 3.059   -10.076 -2.313  1.00 59.20  ? 176 SER A OG    1 
ATOM   1105 N  N     . THR A 1 136 ? 0.480   -6.917  -0.542  1.00 56.08  ? 177 THR A N     1 
ATOM   1106 C  CA    . THR A 1 136 ? -0.091  -5.625  -0.823  1.00 56.37  ? 177 THR A CA    1 
ATOM   1107 C  C     . THR A 1 136 ? 0.620   -4.556  0.044   1.00 56.11  ? 177 THR A C     1 
ATOM   1108 O  O     . THR A 1 136 ? 0.797   -4.741  1.271   1.00 56.23  ? 177 THR A O     1 
ATOM   1109 C  CB    . THR A 1 136 ? -1.621  -5.649  -0.585  1.00 56.02  ? 177 THR A CB    1 
ATOM   1110 O  OG1   . THR A 1 136 ? -2.173  -4.371  -0.885  1.00 58.64  ? 177 THR A OG1   1 
ATOM   1111 C  CG2   . THR A 1 136 ? -1.904  -5.919  0.816   1.00 57.50  ? 177 THR A CG2   1 
ATOM   1112 N  N     . ILE A 1 137 ? 1.121   -3.500  -0.623  1.00 55.65  ? 178 ILE A N     1 
ATOM   1113 C  CA    . ILE A 1 137 ? 1.863   -2.406  0.018   1.00 55.25  ? 178 ILE A CA    1 
ATOM   1114 C  C     . ILE A 1 137 ? 0.987   -1.162  0.085   1.00 54.81  ? 178 ILE A C     1 
ATOM   1115 O  O     . ILE A 1 137 ? 0.369   -0.771  -0.908  1.00 55.21  ? 178 ILE A O     1 
ATOM   1116 C  CB    . ILE A 1 137 ? 3.177   -2.075  -0.756  1.00 55.45  ? 178 ILE A CB    1 
ATOM   1117 C  CG1   . ILE A 1 137 ? 4.137   -3.255  -0.703  1.00 54.80  ? 178 ILE A CG1   1 
ATOM   1118 C  CG2   . ILE A 1 137 ? 3.861   -0.816  -0.165  1.00 55.85  ? 178 ILE A CG2   1 
ATOM   1119 C  CD1   . ILE A 1 137 ? 5.255   -3.171  -1.726  1.00 55.77  ? 178 ILE A CD1   1 
ATOM   1120 N  N     . ILE A 1 138 ? 0.937   -0.532  1.250   1.00 54.40  ? 179 ILE A N     1 
ATOM   1121 C  CA    . ILE A 1 138 ? -0.015  0.554   1.492   1.00 54.37  ? 179 ILE A CA    1 
ATOM   1122 C  C     . ILE A 1 138 ? 0.660   1.807   2.056   1.00 55.12  ? 179 ILE A C     1 
ATOM   1123 O  O     . ILE A 1 138 ? 1.573   1.722   2.883   1.00 55.17  ? 179 ILE A O     1 
ATOM   1124 C  CB    . ILE A 1 138 ? -1.078  0.092   2.494   1.00 54.03  ? 179 ILE A CB    1 
ATOM   1125 C  CG1   . ILE A 1 138 ? -2.002  -0.952  1.872   1.00 53.39  ? 179 ILE A CG1   1 
ATOM   1126 C  CG2   . ILE A 1 138 ? -1.815  1.283   3.106   1.00 53.61  ? 179 ILE A CG2   1 
ATOM   1127 C  CD1   . ILE A 1 138 ? -2.586  -1.895  2.886   1.00 53.07  ? 179 ILE A CD1   1 
ATOM   1128 N  N     . THR A 1 139 ? 0.213   2.969   1.614   1.00 56.58  ? 180 THR A N     1 
ATOM   1129 C  CA    . THR A 1 139 ? 0.629   4.224   2.259   1.00 58.49  ? 180 THR A CA    1 
ATOM   1130 C  C     . THR A 1 139 ? -0.600  4.975   2.633   1.00 59.93  ? 180 THR A C     1 
ATOM   1131 O  O     . THR A 1 139 ? -1.553  5.040   1.870   1.00 59.63  ? 180 THR A O     1 
ATOM   1132 C  CB    . THR A 1 139 ? 1.514   5.103   1.355   1.00 58.02  ? 180 THR A CB    1 
ATOM   1133 O  OG1   . THR A 1 139 ? 0.773   5.502   0.192   1.00 58.77  ? 180 THR A OG1   1 
ATOM   1134 C  CG2   . THR A 1 139 ? 2.738   4.327   0.930   1.00 57.60  ? 180 THR A CG2   1 
ATOM   1135 N  N     . THR A 1 140 ? -0.589  5.501   3.838   1.00 62.35  ? 181 THR A N     1 
ATOM   1136 C  CA    . THR A 1 140 ? -1.711  6.210   4.361   1.00 65.46  ? 181 THR A CA    1 
ATOM   1137 C  C     . THR A 1 140 ? -1.229  7.370   5.182   1.00 68.09  ? 181 THR A C     1 
ATOM   1138 O  O     . THR A 1 140 ? -0.155  7.338   5.777   1.00 68.18  ? 181 THR A O     1 
ATOM   1139 C  CB    . THR A 1 140 ? -2.533  5.344   5.304   1.00 65.26  ? 181 THR A CB    1 
ATOM   1140 O  OG1   . THR A 1 140 ? -3.915  5.761   5.274   1.00 65.90  ? 181 THR A OG1   1 
ATOM   1141 C  CG2   . THR A 1 140 ? -2.002  5.472   6.703   1.00 65.44  ? 181 THR A CG2   1 
ATOM   1142 N  N     . ASN A 1 141 ? -2.083  8.363   5.291   1.00 71.50  ? 182 ASN A N     1 
ATOM   1143 C  CA    . ASN A 1 141 ? -1.763  9.542   6.057   1.00 75.40  ? 182 ASN A CA    1 
ATOM   1144 C  C     . ASN A 1 141 ? -2.223  9.483   7.521   1.00 78.50  ? 182 ASN A C     1 
ATOM   1145 O  O     . ASN A 1 141 ? -3.354  9.032   7.791   1.00 78.90  ? 182 ASN A O     1 
ATOM   1146 C  CB    . ASN A 1 141 ? -2.394  10.738  5.409   1.00 75.05  ? 182 ASN A CB    1 
ATOM   1147 C  CG    . ASN A 1 141 ? -1.902  12.018  5.995   1.00 76.63  ? 182 ASN A CG    1 
ATOM   1148 O  OD1   . ASN A 1 141 ? -2.348  12.444  7.053   1.00 78.56  ? 182 ASN A OD1   1 
ATOM   1149 N  ND2   . ASN A 1 141 ? -0.932  12.628  5.338   1.00 80.74  ? 182 ASN A ND2   1 
ATOM   1150 N  N     . TYR A 1 142 ? -1.322  9.892   8.439   1.00 82.42  ? 183 TYR A N     1 
ATOM   1151 C  CA    . TYR A 1 142 ? -1.529  10.070  9.908   1.00 86.45  ? 183 TYR A CA    1 
ATOM   1152 C  C     . TYR A 1 142 ? -0.823  11.381  10.313  1.00 88.57  ? 183 TYR A C     1 
ATOM   1153 O  O     . TYR A 1 142 ? 0.277   11.661  9.821   1.00 88.92  ? 183 TYR A O     1 
ATOM   1154 C  CB    . TYR A 1 142 ? -0.897  8.879   10.657  1.00 87.09  ? 183 TYR A CB    1 
ATOM   1155 C  CG    . TYR A 1 142 ? -1.189  8.777   12.163  1.00 90.18  ? 183 TYR A CG    1 
ATOM   1156 C  CD1   . TYR A 1 142 ? -2.391  8.256   12.624  1.00 92.25  ? 183 TYR A CD1   1 
ATOM   1157 C  CD2   . TYR A 1 142 ? -0.225  9.134   13.116  1.00 92.32  ? 183 TYR A CD2   1 
ATOM   1158 C  CE1   . TYR A 1 142 ? -2.646  8.119   14.008  1.00 94.51  ? 183 TYR A CE1   1 
ATOM   1159 C  CE2   . TYR A 1 142 ? -0.472  8.988   14.493  1.00 93.91  ? 183 TYR A CE2   1 
ATOM   1160 C  CZ    . TYR A 1 142 ? -1.692  8.504   14.934  1.00 94.64  ? 183 TYR A CZ    1 
ATOM   1161 O  OH    . TYR A 1 142 ? -1.956  8.370   16.296  1.00 95.50  ? 183 TYR A OH    1 
ATOM   1162 N  N     . SER A 1 143 ? -1.439  12.171  11.206  1.00 91.47  ? 184 SER A N     1 
ATOM   1163 C  CA    . SER A 1 143 ? -1.039  13.581  11.402  1.00 94.50  ? 184 SER A CA    1 
ATOM   1164 C  C     . SER A 1 143 ? -0.837  14.094  12.839  1.00 96.34  ? 184 SER A C     1 
ATOM   1165 O  O     . SER A 1 143 ? 0.067   14.911  13.045  1.00 96.63  ? 184 SER A O     1 
ATOM   1166 C  CB    . SER A 1 143 ? -1.995  14.500  10.654  1.00 94.66  ? 184 SER A CB    1 
ATOM   1167 O  OG    . SER A 1 143 ? -3.301  14.326  11.153  1.00 96.66  ? 184 SER A OG    1 
ATOM   1168 N  N     . LEU A 1 144 ? -1.688  13.663  13.797  1.00 98.89  ? 185 LEU A N     1 
ATOM   1169 C  CA    . LEU A 1 144 ? -1.570  14.031  15.262  1.00 101.01 ? 185 LEU A CA    1 
ATOM   1170 C  C     . LEU A 1 144 ? -0.700  13.027  16.051  1.00 102.36 ? 185 LEU A C     1 
ATOM   1171 O  O     . LEU A 1 144 ? -1.022  11.824  16.060  1.00 102.91 ? 185 LEU A O     1 
ATOM   1172 C  CB    . LEU A 1 144 ? -2.955  14.177  15.904  1.00 100.96 ? 185 LEU A CB    1 
ATOM   1173 C  CG    . LEU A 1 144 ? -3.779  15.274  15.215  1.00 100.91 ? 185 LEU A CG    1 
ATOM   1174 C  CD1   . LEU A 1 144 ? -5.248  15.290  15.708  1.00 99.35  ? 185 LEU A CD1   1 
ATOM   1175 C  CD2   . LEU A 1 144 ? -3.112  16.660  15.396  1.00 99.62  ? 185 LEU A CD2   1 
ATOM   1176 N  N     . GLN A 1 145 ? 0.265   13.566  16.833  1.00 103.63 ? 186 GLN A N     1 
ATOM   1177 C  CA    . GLN A 1 145 ? 1.716   13.187  16.768  1.00 104.56 ? 186 GLN A CA    1 
ATOM   1178 C  C     . GLN A 1 145 ? 2.516   12.310  17.717  1.00 104.78 ? 186 GLN A C     1 
ATOM   1179 O  O     . GLN A 1 145 ? 3.521   11.814  17.276  1.00 104.93 ? 186 GLN A O     1 
ATOM   1180 C  CB    . GLN A 1 145 ? 2.560   14.432  16.656  1.00 104.91 ? 186 GLN A CB    1 
ATOM   1181 C  CG    . GLN A 1 145 ? 2.280   15.256  15.502  1.00 106.59 ? 186 GLN A CG    1 
ATOM   1182 C  CD    . GLN A 1 145 ? 2.820   16.611  15.731  1.00 108.99 ? 186 GLN A CD    1 
ATOM   1183 O  OE1   . GLN A 1 145 ? 2.302   17.356  16.564  1.00 109.09 ? 186 GLN A OE1   1 
ATOM   1184 N  NE2   . GLN A 1 145 ? 3.923   16.931  15.061  1.00 110.19 ? 186 GLN A NE2   1 
ATOM   1185 N  N     . ARG A 1 146 ? 2.263   12.230  19.014  1.00 105.08 ? 187 ARG A N     1 
ATOM   1186 C  CA    . ARG A 1 146 ? 3.355   11.645  19.812  1.00 105.29 ? 187 ARG A CA    1 
ATOM   1187 C  C     . ARG A 1 146 ? 3.355   10.133  19.934  1.00 105.22 ? 187 ARG A C     1 
ATOM   1188 O  O     . ARG A 1 146 ? 4.312   9.496   19.503  1.00 105.12 ? 187 ARG A O     1 
ATOM   1189 C  CB    . ARG A 1 146 ? 3.497   12.296  21.186  1.00 105.32 ? 187 ARG A CB    1 
ATOM   1190 C  CG    . ARG A 1 146 ? 3.974   13.738  21.107  1.00 105.50 ? 187 ARG A CG    1 
ATOM   1191 C  CD    . ARG A 1 146 ? 3.045   14.727  21.874  1.00 106.70 ? 187 ARG A CD    1 
ATOM   1192 N  NE    . ARG A 1 146 ? 1.596   14.481  21.699  1.00 108.10 ? 187 ARG A NE    1 
ATOM   1193 C  CZ    . ARG A 1 146 ? 0.863   14.869  20.649  1.00 108.98 ? 187 ARG A CZ    1 
ATOM   1194 N  NH1   . ARG A 1 146 ? 1.409   15.550  19.641  1.00 108.97 ? 187 ARG A NH1   1 
ATOM   1195 N  NH2   . ARG A 1 146 ? -0.431  14.577  20.607  1.00 109.02 ? 187 ARG A NH2   1 
ATOM   1196 N  N     . SER A 1 150 ? 0.612   5.807   19.525  1.00 110.66 ? 191 SER A N     1 
ATOM   1197 C  CA    . SER A 1 150 ? 0.973   5.434   18.157  1.00 110.62 ? 191 SER A CA    1 
ATOM   1198 C  C     . SER A 1 150 ? 0.241   4.208   17.674  1.00 110.55 ? 191 SER A C     1 
ATOM   1199 O  O     . SER A 1 150 ? -0.739  4.311   16.919  1.00 110.88 ? 191 SER A O     1 
ATOM   1200 C  CB    . SER A 1 150 ? 2.477   5.176   18.014  1.00 110.69 ? 191 SER A CB    1 
ATOM   1201 O  OG    . SER A 1 150 ? 3.101   4.959   19.265  1.00 111.26 ? 191 SER A OG    1 
ATOM   1202 N  N     . SER A 1 151 ? 0.781   3.051   18.065  1.00 110.09 ? 192 SER A N     1 
ATOM   1203 C  CA    . SER A 1 151 ? 0.248   1.769   17.629  1.00 109.60 ? 192 SER A CA    1 
ATOM   1204 C  C     . SER A 1 151 ? -1.235  1.851   17.503  1.00 109.00 ? 192 SER A C     1 
ATOM   1205 O  O     . SER A 1 151 ? -1.823  1.583   16.475  1.00 109.20 ? 192 SER A O     1 
ATOM   1206 C  CB    . SER A 1 151 ? 0.618   0.653   18.614  1.00 109.61 ? 192 SER A CB    1 
ATOM   1207 O  OG    . SER A 1 151 ? 1.978   0.748   18.946  1.00 110.50 ? 192 SER A OG    1 
ATOM   1208 N  N     . VAL A 1 152 ? -1.919  2.117   18.539  1.00 107.79 ? 193 VAL A N     1 
ATOM   1209 C  CA    . VAL A 1 152 ? -3.170  1.591   18.255  1.00 106.25 ? 193 VAL A CA    1 
ATOM   1210 C  C     . VAL A 1 152 ? -4.166  2.683   18.012  1.00 105.33 ? 193 VAL A C     1 
ATOM   1211 O  O     . VAL A 1 152 ? -5.351  2.429   17.704  1.00 105.46 ? 193 VAL A O     1 
ATOM   1212 C  CB    . VAL A 1 152 ? -3.452  0.360   19.123  1.00 106.19 ? 193 VAL A CB    1 
ATOM   1213 C  CG1   . VAL A 1 152 ? -4.841  -0.199  18.870  1.00 105.38 ? 193 VAL A CG1   1 
ATOM   1214 C  CG2   . VAL A 1 152 ? -2.347  -0.693  18.834  1.00 105.48 ? 193 VAL A CG2   1 
ATOM   1215 N  N     . ARG A 1 153 ? -3.689  3.924   18.186  1.00 103.61 ? 194 ARG A N     1 
ATOM   1216 C  CA    . ARG A 1 153 ? -4.463  5.083   17.785  1.00 101.86 ? 194 ARG A CA    1 
ATOM   1217 C  C     . ARG A 1 153 ? -4.387  5.061   16.269  1.00 100.09 ? 194 ARG A C     1 
ATOM   1218 O  O     . ARG A 1 153 ? -5.399  5.217   15.549  1.00 100.27 ? 194 ARG A O     1 
ATOM   1219 C  CB    . ARG A 1 153 ? -3.867  6.383   18.324  1.00 102.18 ? 194 ARG A CB    1 
ATOM   1220 C  CG    . ARG A 1 153 ? -4.754  7.587   17.999  1.00 103.28 ? 194 ARG A CG    1 
ATOM   1221 C  CD    . ARG A 1 153 ? -4.305  8.798   18.685  1.00 105.60 ? 194 ARG A CD    1 
ATOM   1222 N  NE    . ARG A 1 153 ? -4.258  8.562   20.112  1.00 107.48 ? 194 ARG A NE    1 
ATOM   1223 C  CZ    . ARG A 1 153 ? -3.652  9.360   20.971  1.00 108.66 ? 194 ARG A CZ    1 
ATOM   1224 N  NH1   . ARG A 1 153 ? -3.040  10.461  20.541  1.00 109.49 ? 194 ARG A NH1   1 
ATOM   1225 N  NH2   . ARG A 1 153 ? -3.666  9.061   22.260  1.00 108.81 ? 194 ARG A NH2   1 
ATOM   1226 N  N     . ILE A 1 154 ? -3.173  4.860   15.776  1.00 97.23  ? 195 ILE A N     1 
ATOM   1227 C  CA    . ILE A 1 154 ? -3.021  4.789   14.344  1.00 94.14  ? 195 ILE A CA    1 
ATOM   1228 C  C     . ILE A 1 154 ? -4.010  3.724   13.877  1.00 92.60  ? 195 ILE A C     1 
ATOM   1229 O  O     . ILE A 1 154 ? -4.509  3.767   12.759  1.00 91.78  ? 195 ILE A O     1 
ATOM   1230 C  CB    . ILE A 1 154 ? -1.570  4.475   13.929  1.00 93.81  ? 195 ILE A CB    1 
ATOM   1231 C  CG1   . ILE A 1 154 ? -0.601  5.408   14.663  1.00 92.73  ? 195 ILE A CG1   1 
ATOM   1232 C  CG2   . ILE A 1 154 ? -1.399  4.672   12.456  1.00 93.29  ? 195 ILE A CG2   1 
ATOM   1233 C  CD1   . ILE A 1 154 ? 0.864   5.185   14.241  1.00 89.64  ? 195 ILE A CD1   1 
ATOM   1234 N  N     . SER A 1 155 ? -4.334  2.789   14.763  1.00 90.82  ? 196 SER A N     1 
ATOM   1235 C  CA    . SER A 1 155 ? -5.289  1.753   14.409  1.00 89.30  ? 196 SER A CA    1 
ATOM   1236 C  C     . SER A 1 155 ? -6.707  2.312   14.290  1.00 87.57  ? 196 SER A C     1 
ATOM   1237 O  O     . SER A 1 155 ? -7.444  2.001   13.347  1.00 87.37  ? 196 SER A O     1 
ATOM   1238 C  CB    . SER A 1 155 ? -5.270  0.622   15.452  1.00 89.72  ? 196 SER A CB    1 
ATOM   1239 O  OG    . SER A 1 155 ? -4.016  -0.035  15.487  1.00 90.96  ? 196 SER A OG    1 
ATOM   1240 N  N     . ALA A 1 156 ? -7.114  3.102   15.273  1.00 85.35  ? 197 ALA A N     1 
ATOM   1241 C  CA    . ALA A 1 156 ? -8.516  3.476   15.349  1.00 83.16  ? 197 ALA A CA    1 
ATOM   1242 C  C     . ALA A 1 156 ? -8.731  4.621   14.399  1.00 81.42  ? 197 ALA A C     1 
ATOM   1243 O  O     . ALA A 1 156 ? -9.836  4.845   13.886  1.00 81.43  ? 197 ALA A O     1 
ATOM   1244 C  CB    . ALA A 1 156 ? -8.886  3.887   16.754  1.00 83.34  ? 197 ALA A CB    1 
ATOM   1245 N  N     . ASP A 1 157 ? -7.668  5.376   14.192  1.00 78.90  ? 198 ASP A N     1 
ATOM   1246 C  CA    . ASP A 1 157 ? -7.729  6.480   13.279  1.00 77.05  ? 198 ASP A CA    1 
ATOM   1247 C  C     . ASP A 1 157 ? -7.930  5.963   11.863  1.00 75.72  ? 198 ASP A C     1 
ATOM   1248 O  O     . ASP A 1 157 ? -8.804  6.433   11.142  1.00 75.65  ? 198 ASP A O     1 
ATOM   1249 C  CB    . ASP A 1 157 ? -6.470  7.328   13.363  1.00 77.33  ? 198 ASP A CB    1 
ATOM   1250 C  CG    . ASP A 1 157 ? -6.552  8.565   12.474  1.00 77.84  ? 198 ASP A CG    1 
ATOM   1251 O  OD1   . ASP A 1 157 ? -7.644  9.163   12.416  1.00 76.10  ? 198 ASP A OD1   1 
ATOM   1252 O  OD2   . ASP A 1 157 ? -5.536  8.942   11.844  1.00 78.75  ? 198 ASP A OD2   1 
ATOM   1253 N  N     . LEU A 1 158 ? -7.140  4.960   11.489  1.00 73.86  ? 199 LEU A N     1 
ATOM   1254 C  CA    . LEU A 1 158 ? -7.294  4.273   10.218  1.00 72.22  ? 199 LEU A CA    1 
ATOM   1255 C  C     . LEU A 1 158 ? -8.659  3.567   10.126  1.00 71.17  ? 199 LEU A C     1 
ATOM   1256 O  O     . LEU A 1 158 ? -9.369  3.656   9.095   1.00 70.68  ? 199 LEU A O     1 
ATOM   1257 C  CB    . LEU A 1 158 ? -6.165  3.254   10.067  1.00 72.46  ? 199 LEU A CB    1 
ATOM   1258 C  CG    . LEU A 1 158 ? -4.884  3.615   9.333   1.00 72.44  ? 199 LEU A CG    1 
ATOM   1259 C  CD1   . LEU A 1 158 ? -5.154  3.575   7.841   1.00 74.23  ? 199 LEU A CD1   1 
ATOM   1260 C  CD2   . LEU A 1 158 ? -4.283  4.966   9.776   1.00 72.00  ? 199 LEU A CD2   1 
ATOM   1261 N  N     . ALA A 1 159 ? -9.055  2.943   11.241  1.00 69.47  ? 200 ALA A N     1 
ATOM   1262 C  CA    . ALA A 1 159 ? -10.339 2.256   11.332  1.00 68.51  ? 200 ALA A CA    1 
ATOM   1263 C  C     . ALA A 1 159 ? -11.521 3.188   11.067  1.00 67.87  ? 200 ALA A C     1 
ATOM   1264 O  O     . ALA A 1 159 ? -12.510 2.773   10.467  1.00 68.23  ? 200 ALA A O     1 
ATOM   1265 C  CB    . ALA A 1 159 ? -10.500 1.528   12.690  1.00 68.20  ? 200 ALA A CB    1 
ATOM   1266 N  N     . SER A 1 160 ? -11.411 4.447   11.480  1.00 66.85  ? 201 SER A N     1 
ATOM   1267 C  CA    . SER A 1 160 ? -12.498 5.409   11.321  1.00 66.31  ? 201 SER A CA    1 
ATOM   1268 C  C     . SER A 1 160 ? -12.971 5.774   9.885   1.00 66.06  ? 201 SER A C     1 
ATOM   1269 O  O     . SER A 1 160 ? -14.105 6.250   9.737   1.00 66.29  ? 201 SER A O     1 
ATOM   1270 C  CB    . SER A 1 160 ? -12.199 6.671   12.115  1.00 66.30  ? 201 SER A CB    1 
ATOM   1271 O  OG    . SER A 1 160 ? -11.224 7.452   11.454  1.00 66.71  ? 201 SER A OG    1 
ATOM   1272 N  N     . ARG A 1 161 ? -12.130 5.596   8.851   1.00 65.23  ? 202 ARG A N     1 
ATOM   1273 C  CA    . ARG A 1 161 ? -12.550 5.929   7.472   1.00 64.75  ? 202 ARG A CA    1 
ATOM   1274 C  C     . ARG A 1 161 ? -12.356 4.734   6.591   1.00 64.80  ? 202 ARG A C     1 
ATOM   1275 O  O     . ARG A 1 161 ? -12.778 4.708   5.412   1.00 65.85  ? 202 ARG A O     1 
ATOM   1276 C  CB    . ARG A 1 161 ? -11.726 7.080   6.957   1.00 64.52  ? 202 ARG A CB    1 
ATOM   1277 C  CG    . ARG A 1 161 ? -10.329 6.964   7.337   1.00 64.59  ? 202 ARG A CG    1 
ATOM   1278 C  CD    . ARG A 1 161 ? -9.750  8.360   7.400   1.00 64.74  ? 202 ARG A CD    1 
ATOM   1279 N  NE    . ARG A 1 161 ? -8.368  8.306   7.811   1.00 67.01  ? 202 ARG A NE    1 
ATOM   1280 C  CZ    . ARG A 1 161 ? -7.955  8.646   9.022   1.00 68.01  ? 202 ARG A CZ    1 
ATOM   1281 N  NH1   . ARG A 1 161 ? -8.841  9.089   9.896   1.00 68.53  ? 202 ARG A NH1   1 
ATOM   1282 N  NH2   . ARG A 1 161 ? -6.666  8.553   9.353   1.00 67.71  ? 202 ARG A NH2   1 
ATOM   1283 N  N     . LEU A 1 162 ? -11.697 3.723   7.152   1.00 63.47  ? 203 LEU A N     1 
ATOM   1284 C  CA    . LEU A 1 162 ? -11.616 2.439   6.450   1.00 61.97  ? 203 LEU A CA    1 
ATOM   1285 C  C     . LEU A 1 162 ? -12.568 1.350   6.958   1.00 61.24  ? 203 LEU A C     1 
ATOM   1286 O  O     . LEU A 1 162 ? -13.009 0.510   6.198   1.00 60.44  ? 203 LEU A O     1 
ATOM   1287 C  CB    . LEU A 1 162 ? -10.180 1.951   6.407   1.00 61.88  ? 203 LEU A CB    1 
ATOM   1288 C  CG    . LEU A 1 162 ? -9.353  2.454   5.230   1.00 61.02  ? 203 LEU A CG    1 
ATOM   1289 C  CD1   . LEU A 1 162 ? -7.842  2.276   5.506   1.00 59.50  ? 203 LEU A CD1   1 
ATOM   1290 C  CD2   . LEU A 1 162 ? -9.759  1.723   3.990   1.00 60.72  ? 203 LEU A CD2   1 
ATOM   1291 N  N     . GLY A 1 163 ? -12.888 1.396   8.243   1.00 61.36  ? 204 GLY A N     1 
ATOM   1292 C  CA    . GLY A 1 163 ? -13.613 0.330   8.911   1.00 62.23  ? 204 GLY A CA    1 
ATOM   1293 C  C     . GLY A 1 163 ? -12.698 -0.566  9.734   1.00 63.18  ? 204 GLY A C     1 
ATOM   1294 O  O     . GLY A 1 163 ? -11.564 -0.849  9.342   1.00 63.82  ? 204 GLY A O     1 
ATOM   1295 N  N     . GLU A 1 164 ? -13.190 -1.031  10.875  1.00 63.74  ? 205 GLU A N     1 
ATOM   1296 C  CA    . GLU A 1 164 ? -12.464 -1.997  11.712  1.00 64.48  ? 205 GLU A CA    1 
ATOM   1297 C  C     . GLU A 1 164 ? -11.970 -3.205  10.911  1.00 63.30  ? 205 GLU A C     1 
ATOM   1298 O  O     . GLU A 1 164 ? -10.859 -3.707  11.120  1.00 62.80  ? 205 GLU A O     1 
ATOM   1299 C  CB    . GLU A 1 164 ? -13.372 -2.510  12.838  1.00 65.66  ? 205 GLU A CB    1 
ATOM   1300 C  CG    . GLU A 1 164 ? -13.883 -1.446  13.768  1.00 72.64  ? 205 GLU A CG    1 
ATOM   1301 C  CD    . GLU A 1 164 ? -12.738 -0.767  14.486  1.00 82.91  ? 205 GLU A CD    1 
ATOM   1302 O  OE1   . GLU A 1 164 ? -11.894 -1.528  15.029  1.00 86.04  ? 205 GLU A OE1   1 
ATOM   1303 O  OE2   . GLU A 1 164 ? -12.673 0.500   14.491  1.00 87.21  ? 205 GLU A OE2   1 
ATOM   1304 N  N     . ASN A 1 165 ? -12.834 -3.704  10.037  1.00 62.11  ? 206 ASN A N     1 
ATOM   1305 C  CA    . ASN A 1 165 ? -12.585 -4.966  9.380   1.00 60.99  ? 206 ASN A CA    1 
ATOM   1306 C  C     . ASN A 1 165 ? -11.360 -4.920  8.506   1.00 59.75  ? 206 ASN A C     1 
ATOM   1307 O  O     . ASN A 1 165 ? -10.505 -5.785  8.600   1.00 60.13  ? 206 ASN A O     1 
ATOM   1308 C  CB    . ASN A 1 165 ? -13.784 -5.389  8.543   1.00 61.32  ? 206 ASN A CB    1 
ATOM   1309 C  CG    . ASN A 1 165 ? -13.593 -6.755  7.904   1.00 63.00  ? 206 ASN A CG    1 
ATOM   1310 O  OD1   . ASN A 1 165 ? -13.065 -7.674  8.531   1.00 64.38  ? 206 ASN A OD1   1 
ATOM   1311 N  ND2   . ASN A 1 165 ? -14.034 -6.899  6.650   1.00 65.19  ? 206 ASN A ND2   1 
ATOM   1312 N  N     . VAL A 1 166 ? -11.295 -3.905  7.648   1.00 58.27  ? 207 VAL A N     1 
ATOM   1313 C  CA    . VAL A 1 166 ? -10.202 -3.723  6.706   1.00 56.07  ? 207 VAL A CA    1 
ATOM   1314 C  C     . VAL A 1 166 ? -8.871  -3.462  7.441   1.00 54.37  ? 207 VAL A C     1 
ATOM   1315 O  O     . VAL A 1 166 ? -7.822  -3.982  7.068   1.00 53.83  ? 207 VAL A O     1 
ATOM   1316 C  CB    . VAL A 1 166 ? -10.534 -2.552  5.738   1.00 56.36  ? 207 VAL A CB    1 
ATOM   1317 C  CG1   . VAL A 1 166 ? -9.411  -2.345  4.760   1.00 56.36  ? 207 VAL A CG1   1 
ATOM   1318 C  CG2   . VAL A 1 166 ? -11.871 -2.823  4.992   1.00 56.40  ? 207 VAL A CG2   1 
ATOM   1319 N  N     . VAL A 1 167 ? -8.931  -2.662  8.493   1.00 52.80  ? 208 VAL A N     1 
ATOM   1320 C  CA    . VAL A 1 167 ? -7.740  -2.313  9.236   1.00 51.66  ? 208 VAL A CA    1 
ATOM   1321 C  C     . VAL A 1 167 ? -7.139  -3.526  9.973   1.00 51.94  ? 208 VAL A C     1 
ATOM   1322 O  O     . VAL A 1 167 ? -5.919  -3.736  9.952   1.00 52.81  ? 208 VAL A O     1 
ATOM   1323 C  CB    . VAL A 1 167 ? -8.006  -1.135  10.168  1.00 50.91  ? 208 VAL A CB    1 
ATOM   1324 C  CG1   . VAL A 1 167 ? -6.932  -1.026  11.179  1.00 50.91  ? 208 VAL A CG1   1 
ATOM   1325 C  CG2   . VAL A 1 167 ? -8.049  0.136   9.361   1.00 50.07  ? 208 VAL A CG2   1 
ATOM   1326 N  N     . SER A 1 168 ? -7.993  -4.329  10.612  1.00 51.33  ? 209 SER A N     1 
ATOM   1327 C  CA    . SER A 1 168 ? -7.580  -5.572  11.277  1.00 49.95  ? 209 SER A CA    1 
ATOM   1328 C  C     . SER A 1 168 ? -6.874  -6.480  10.324  1.00 49.82  ? 209 SER A C     1 
ATOM   1329 O  O     . SER A 1 168 ? -5.838  -7.059  10.638  1.00 49.87  ? 209 SER A O     1 
ATOM   1330 C  CB    . SER A 1 168 ? -8.808  -6.300  11.865  1.00 51.02  ? 209 SER A CB    1 
ATOM   1331 O  OG    . SER A 1 168 ? -8.582  -7.693  12.145  1.00 49.86  ? 209 SER A OG    1 
ATOM   1332 N  N     . LYS A 1 169 ? -7.445  -6.636  9.157   1.00 49.79  ? 210 LYS A N     1 
ATOM   1333 C  CA    . LYS A 1 169 ? -6.803  -7.414  8.132   1.00 51.04  ? 210 LYS A CA    1 
ATOM   1334 C  C     . LYS A 1 169 ? -5.483  -6.782  7.696   1.00 51.30  ? 210 LYS A C     1 
ATOM   1335 O  O     . LYS A 1 169 ? -4.478  -7.474  7.591   1.00 51.86  ? 210 LYS A O     1 
ATOM   1336 C  CB    . LYS A 1 169 ? -7.729  -7.569  6.932   1.00 50.71  ? 210 LYS A CB    1 
ATOM   1337 C  CG    . LYS A 1 169 ? -8.972  -8.253  7.312   1.00 53.56  ? 210 LYS A CG    1 
ATOM   1338 C  CD    . LYS A 1 169 ? -9.815  -8.667  6.154   1.00 56.10  ? 210 LYS A CD    1 
ATOM   1339 C  CE    . LYS A 1 169 ? -11.007 -9.404  6.707   1.00 54.38  ? 210 LYS A CE    1 
ATOM   1340 N  NZ    . LYS A 1 169 ? -11.490 -10.317 5.712   1.00 56.26  ? 210 LYS A NZ    1 
ATOM   1341 N  N     . ILE A 1 170 ? -5.490  -5.485  7.436   1.00 51.36  ? 211 ILE A N     1 
ATOM   1342 C  CA    . ILE A 1 170 ? -4.267  -4.852  7.013   1.00 52.10  ? 211 ILE A CA    1 
ATOM   1343 C  C     . ILE A 1 170 ? -3.145  -5.174  7.959   1.00 52.67  ? 211 ILE A C     1 
ATOM   1344 O  O     . ILE A 1 170 ? -1.985  -5.263  7.558   1.00 51.93  ? 211 ILE A O     1 
ATOM   1345 C  CB    . ILE A 1 170 ? -4.423  -3.376  6.892   1.00 51.98  ? 211 ILE A CB    1 
ATOM   1346 C  CG1   . ILE A 1 170 ? -5.063  -3.106  5.547   1.00 52.39  ? 211 ILE A CG1   1 
ATOM   1347 C  CG2   . ILE A 1 170 ? -3.055  -2.647  7.052   1.00 50.25  ? 211 ILE A CG2   1 
ATOM   1348 C  CD1   . ILE A 1 170 ? -5.474  -1.681  5.388   1.00 57.16  ? 211 ILE A CD1   1 
ATOM   1349 N  N     . TYR A 1 171 ? -3.494  -5.359  9.222   1.00 53.82  ? 212 TYR A N     1 
ATOM   1350 C  CA    . TYR A 1 171 ? -2.488  -5.585  10.225  1.00 55.69  ? 212 TYR A CA    1 
ATOM   1351 C  C     . TYR A 1 171 ? -1.977  -6.960  10.223  1.00 56.93  ? 212 TYR A C     1 
ATOM   1352 O  O     . TYR A 1 171 ? -0.879  -7.210  10.636  1.00 58.14  ? 212 TYR A O     1 
ATOM   1353 C  CB    . TYR A 1 171 ? -3.046  -5.344  11.568  1.00 55.04  ? 212 TYR A CB    1 
ATOM   1354 C  CG    . TYR A 1 171 ? -2.831  -3.978  11.903  1.00 60.14  ? 212 TYR A CG    1 
ATOM   1355 C  CD1   . TYR A 1 171 ? -2.716  -3.018  10.882  1.00 67.03  ? 212 TYR A CD1   1 
ATOM   1356 C  CD2   . TYR A 1 171 ? -2.678  -3.582  13.227  1.00 64.30  ? 212 TYR A CD2   1 
ATOM   1357 C  CE1   . TYR A 1 171 ? -2.466  -1.670  11.185  1.00 70.26  ? 212 TYR A CE1   1 
ATOM   1358 C  CE2   . TYR A 1 171 ? -2.434  -2.241  13.547  1.00 68.02  ? 212 TYR A CE2   1 
ATOM   1359 C  CZ    . TYR A 1 171 ? -2.331  -1.291  12.518  1.00 71.29  ? 212 TYR A CZ    1 
ATOM   1360 O  OH    . TYR A 1 171 ? -2.099  0.036   12.811  1.00 74.39  ? 212 TYR A OH    1 
ATOM   1361 N  N     . GLU A 1 172 ? -2.784  -7.886  9.789   1.00 58.03  ? 213 GLU A N     1 
ATOM   1362 C  CA    . GLU A 1 172 ? -2.300  -9.202  9.905   1.00 58.15  ? 213 GLU A CA    1 
ATOM   1363 C  C     . GLU A 1 172 ? -1.532  -9.486  8.663   1.00 57.62  ? 213 GLU A C     1 
ATOM   1364 O  O     . GLU A 1 172 ? -0.989  -10.565 8.499   1.00 59.09  ? 213 GLU A O     1 
ATOM   1365 C  CB    . GLU A 1 172 ? -3.446  -10.183 10.066  1.00 58.58  ? 213 GLU A CB    1 
ATOM   1366 C  CG    . GLU A 1 172 ? -3.279  -11.453 9.286   1.00 60.76  ? 213 GLU A CG    1 
ATOM   1367 C  CD    . GLU A 1 172 ? -3.935  -12.600 9.995   1.00 65.11  ? 213 GLU A CD    1 
ATOM   1368 O  OE1   . GLU A 1 172 ? -3.785  -13.764 9.563   1.00 66.22  ? 213 GLU A OE1   1 
ATOM   1369 O  OE2   . GLU A 1 172 ? -4.593  -12.335 11.021  1.00 68.76  ? 213 GLU A OE2   1 
HETATM 1370 N  N     . MSE A 1 173 ? -1.468  -8.536  7.760   1.00 56.30  ? 214 MSE A N     1 
HETATM 1371 C  CA    . MSE A 1 173 ? -0.710  -8.827  6.553   1.00 55.71  ? 214 MSE A CA    1 
HETATM 1372 C  C     . MSE A 1 173 ? 0.584   -8.050  6.476   1.00 54.71  ? 214 MSE A C     1 
HETATM 1373 O  O     . MSE A 1 173 ? 1.566   -8.506  5.903   1.00 54.15  ? 214 MSE A O     1 
HETATM 1374 C  CB    . MSE A 1 173 ? -1.561  -8.642  5.292   1.00 55.82  ? 214 MSE A CB    1 
HETATM 1375 C  CG    . MSE A 1 173 ? -2.735  -7.649  5.442   1.00 57.21  ? 214 MSE A CG    1 
HETATM 1376 SE SE    . MSE A 1 173 ? -3.932  -7.739  3.834   1.00 55.40  ? 214 MSE A SE    1 
HETATM 1377 C  CE    . MSE A 1 173 ? -5.443  -7.002  4.679   1.00 59.91  ? 214 MSE A CE    1 
ATOM   1378 N  N     . ASN A 1 174 ? 0.583   -6.882  7.083   1.00 54.38  ? 215 ASN A N     1 
ATOM   1379 C  CA    . ASN A 1 174 ? 1.634   -5.931  6.873   1.00 54.96  ? 215 ASN A CA    1 
ATOM   1380 C  C     . ASN A 1 174 ? 2.352   -5.557  8.149   1.00 55.52  ? 215 ASN A C     1 
ATOM   1381 O  O     . ASN A 1 174 ? 1.751   -5.539  9.226   1.00 56.10  ? 215 ASN A O     1 
ATOM   1382 C  CB    . ASN A 1 174 ? 1.061   -4.666  6.233   1.00 54.98  ? 215 ASN A CB    1 
ATOM   1383 C  CG    . ASN A 1 174 ? 0.716   -4.858  4.775   1.00 55.31  ? 215 ASN A CG    1 
ATOM   1384 O  OD1   . ASN A 1 174 ? 0.773   -5.960  4.264   1.00 58.81  ? 215 ASN A OD1   1 
ATOM   1385 N  ND2   . ASN A 1 174 ? 0.346   -3.783  4.099   1.00 56.77  ? 215 ASN A ND2   1 
ATOM   1386 N  N     . GLU A 1 175 ? 3.635   -5.231  8.019   1.00 55.80  ? 216 GLU A N     1 
ATOM   1387 C  CA    . GLU A 1 175 ? 4.384   -4.629  9.106   1.00 56.36  ? 216 GLU A CA    1 
ATOM   1388 C  C     . GLU A 1 175 ? 4.299   -3.101  9.040   1.00 55.55  ? 216 GLU A C     1 
ATOM   1389 O  O     . GLU A 1 175 ? 4.349   -2.514  7.963   1.00 55.43  ? 216 GLU A O     1 
ATOM   1390 C  CB    . GLU A 1 175 ? 5.847   -5.080  9.089   1.00 57.31  ? 216 GLU A CB    1 
ATOM   1391 C  CG    . GLU A 1 175 ? 6.667   -4.442  10.226  1.00 61.05  ? 216 GLU A CG    1 
ATOM   1392 C  CD    . GLU A 1 175 ? 8.143   -4.627  10.062  1.00 65.11  ? 216 GLU A CD    1 
ATOM   1393 O  OE1   . GLU A 1 175 ? 8.543   -5.659  9.438   1.00 67.71  ? 216 GLU A OE1   1 
ATOM   1394 O  OE2   . GLU A 1 175 ? 8.893   -3.742  10.558  1.00 64.93  ? 216 GLU A OE2   1 
ATOM   1395 N  N     . LEU A 1 176 ? 4.162   -2.469  10.200  1.00 55.01  ? 217 LEU A N     1 
ATOM   1396 C  CA    . LEU A 1 176 ? 3.891   -1.055  10.254  1.00 54.70  ? 217 LEU A CA    1 
ATOM   1397 C  C     . LEU A 1 176 ? 5.178   -0.223  10.278  1.00 54.70  ? 217 LEU A C     1 
ATOM   1398 O  O     . LEU A 1 176 ? 6.027   -0.430  11.134  1.00 55.74  ? 217 LEU A O     1 
ATOM   1399 C  CB    . LEU A 1 176 ? 3.003   -0.737  11.450  1.00 53.56  ? 217 LEU A CB    1 
ATOM   1400 C  CG    . LEU A 1 176 ? 2.444   0.697   11.506  1.00 55.81  ? 217 LEU A CG    1 
ATOM   1401 C  CD1   . LEU A 1 176 ? 1.629   1.084   10.275  1.00 58.10  ? 217 LEU A CD1   1 
ATOM   1402 C  CD2   . LEU A 1 176 ? 1.595   0.909   12.744  1.00 56.51  ? 217 LEU A CD2   1 
ATOM   1403 N  N     . LEU A 1 177 ? 5.323   0.705   9.335   1.00 53.70  ? 218 LEU A N     1 
ATOM   1404 C  CA    . LEU A 1 177 ? 6.478   1.593   9.308   1.00 52.90  ? 218 LEU A CA    1 
ATOM   1405 C  C     . LEU A 1 177 ? 6.062   3.077   9.391   1.00 52.47  ? 218 LEU A C     1 
ATOM   1406 O  O     . LEU A 1 177 ? 5.612   3.625   8.421   1.00 52.22  ? 218 LEU A O     1 
ATOM   1407 C  CB    . LEU A 1 177 ? 7.306   1.337   8.038   1.00 52.61  ? 218 LEU A CB    1 
ATOM   1408 C  CG    . LEU A 1 177 ? 7.927   -0.054  7.838   1.00 51.59  ? 218 LEU A CG    1 
ATOM   1409 C  CD1   . LEU A 1 177 ? 8.455   -0.230  6.432   1.00 49.15  ? 218 LEU A CD1   1 
ATOM   1410 C  CD2   . LEU A 1 177 ? 9.026   -0.282  8.806   1.00 51.11  ? 218 LEU A CD2   1 
ATOM   1411 N  N     . VAL A 1 178 ? 6.212   3.688   10.564  1.00 52.66  ? 219 VAL A N     1 
ATOM   1412 C  CA    . VAL A 1 178 ? 5.909   5.098   10.791  1.00 53.28  ? 219 VAL A CA    1 
ATOM   1413 C  C     . VAL A 1 178 ? 7.080   5.921   10.456  1.00 54.78  ? 219 VAL A C     1 
ATOM   1414 O  O     . VAL A 1 178 ? 8.030   5.871   11.212  1.00 55.91  ? 219 VAL A O     1 
ATOM   1415 C  CB    . VAL A 1 178 ? 5.817   5.388   12.267  1.00 52.93  ? 219 VAL A CB    1 
ATOM   1416 C  CG1   . VAL A 1 178 ? 5.445   6.865   12.516  1.00 52.47  ? 219 VAL A CG1   1 
ATOM   1417 C  CG2   . VAL A 1 178 ? 4.780   4.491   12.908  1.00 52.05  ? 219 VAL A CG2   1 
ATOM   1418 N  N     . ILE A 1 179 ? 6.955   6.787   9.444   1.00 56.04  ? 220 ILE A N     1 
ATOM   1419 C  CA    . ILE A 1 179 ? 8.029   7.648   8.929   1.00 56.45  ? 220 ILE A CA    1 
ATOM   1420 C  C     . ILE A 1 179 ? 7.819   9.092   9.340   1.00 56.63  ? 220 ILE A C     1 
ATOM   1421 O  O     . ILE A 1 179 ? 6.753   9.635   9.119   1.00 57.97  ? 220 ILE A O     1 
ATOM   1422 C  CB    . ILE A 1 179 ? 8.064   7.506   7.423   1.00 56.33  ? 220 ILE A CB    1 
ATOM   1423 C  CG1   . ILE A 1 179 ? 8.508   6.080   7.121   1.00 58.22  ? 220 ILE A CG1   1 
ATOM   1424 C  CG2   . ILE A 1 179 ? 8.987   8.542   6.752   1.00 56.15  ? 220 ILE A CG2   1 
ATOM   1425 C  CD1   . ILE A 1 179 ? 7.956   5.521   5.840   1.00 62.16  ? 220 ILE A CD1   1 
ATOM   1426 N  N     . LYS A 1 180 ? 8.827   9.719   9.948   1.00 56.84  ? 221 LYS A N     1 
ATOM   1427 C  CA    . LYS A 1 180 ? 8.646   11.059  10.522  1.00 55.87  ? 221 LYS A CA    1 
ATOM   1428 C  C     . LYS A 1 180 ? 9.538   12.075  9.864   1.00 55.80  ? 221 LYS A C     1 
ATOM   1429 O  O     . LYS A 1 180 ? 9.946   11.879  8.718   1.00 56.20  ? 221 LYS A O     1 
ATOM   1430 C  CB    . LYS A 1 180 ? 8.922   11.029  12.007  1.00 55.93  ? 221 LYS A CB    1 
ATOM   1431 C  CG    . LYS A 1 180 ? 7.968   10.175  12.732  1.00 56.62  ? 221 LYS A CG    1 
ATOM   1432 C  CD    . LYS A 1 180 ? 8.290   10.173  14.155  1.00 58.85  ? 221 LYS A CD    1 
ATOM   1433 C  CE    . LYS A 1 180 ? 8.908   8.853   14.546  1.00 63.15  ? 221 LYS A CE    1 
ATOM   1434 N  NZ    . LYS A 1 180 ? 8.261   8.261   15.799  1.00 64.41  ? 221 LYS A NZ    1 
HETATM 1435 P  PB    . ADP B 2 .   ? 4.576   11.319  0.900   1.00 54.64  ? 222 ADP A PB    1 
HETATM 1436 O  O1B   . ADP B 2 .   ? 4.129   10.199  -0.020  1.00 53.04  ? 222 ADP A O1B   1 
HETATM 1437 O  O2B   . ADP B 2 .   ? 4.864   10.968  2.349   1.00 52.85  ? 222 ADP A O2B   1 
HETATM 1438 O  O3B   . ADP B 2 .   ? 3.622   12.469  0.637   1.00 56.09  ? 222 ADP A O3B   1 
HETATM 1439 P  PA    . ADP B 2 .   ? 6.424   11.587  -1.169  1.00 52.25  ? 222 ADP A PA    1 
HETATM 1440 O  O1A   . ADP B 2 .   ? 6.826   10.156  -1.378  1.00 52.98  ? 222 ADP A O1A   1 
HETATM 1441 O  O2A   . ADP B 2 .   ? 5.287   11.953  -2.103  1.00 51.49  ? 222 ADP A O2A   1 
HETATM 1442 O  O3A   . ADP B 2 .   ? 6.027   11.794  0.386   1.00 50.98  ? 222 ADP A O3A   1 
HETATM 1443 O  "O5'" . ADP B 2 .   ? 7.664   12.568  -1.327  1.00 53.40  ? 222 ADP A "O5'" 1 
HETATM 1444 C  "C5'" . ADP B 2 .   ? 7.534   13.875  -1.839  1.00 56.63  ? 222 ADP A "C5'" 1 
HETATM 1445 C  "C4'" . ADP B 2 .   ? 8.700   14.123  -2.763  1.00 59.35  ? 222 ADP A "C4'" 1 
HETATM 1446 O  "O4'" . ADP B 2 .   ? 9.909   14.125  -2.014  1.00 62.75  ? 222 ADP A "O4'" 1 
HETATM 1447 C  "C3'" . ADP B 2 .   ? 8.819   13.008  -3.764  1.00 62.57  ? 222 ADP A "C3'" 1 
HETATM 1448 O  "O3'" . ADP B 2 .   ? 9.021   13.616  -5.032  1.00 62.57  ? 222 ADP A "O3'" 1 
HETATM 1449 C  "C2'" . ADP B 2 .   ? 10.035  12.196  -3.334  1.00 64.78  ? 222 ADP A "C2'" 1 
HETATM 1450 O  "O2'" . ADP B 2 .   ? 10.731  11.765  -4.475  1.00 67.65  ? 222 ADP A "O2'" 1 
HETATM 1451 C  "C1'" . ADP B 2 .   ? 10.849  13.160  -2.509  1.00 65.73  ? 222 ADP A "C1'" 1 
HETATM 1452 N  N9    . ADP B 2 .   ? 11.547  12.535  -1.363  1.00 69.31  ? 222 ADP A N9    1 
HETATM 1453 C  C8    . ADP B 2 .   ? 11.102  12.489  -0.093  1.00 70.89  ? 222 ADP A C8    1 
HETATM 1454 N  N7    . ADP B 2 .   ? 12.004  11.901  0.742   1.00 73.18  ? 222 ADP A N7    1 
HETATM 1455 C  C5    . ADP B 2 .   ? 13.077  11.584  0.008   1.00 75.12  ? 222 ADP A C5    1 
HETATM 1456 C  C6    . ADP B 2 .   ? 14.406  10.934  0.269   1.00 77.34  ? 222 ADP A C6    1 
HETATM 1457 N  N6    . ADP B 2 .   ? 14.780  10.474  1.524   1.00 78.91  ? 222 ADP A N6    1 
HETATM 1458 N  N1    . ADP B 2 .   ? 15.224  10.799  -0.800  1.00 77.57  ? 222 ADP A N1    1 
HETATM 1459 C  C2    . ADP B 2 .   ? 14.877  11.233  -2.037  1.00 78.02  ? 222 ADP A C2    1 
HETATM 1460 N  N3    . ADP B 2 .   ? 13.698  11.826  -2.335  1.00 77.41  ? 222 ADP A N3    1 
HETATM 1461 C  C4    . ADP B 2 .   ? 12.771  12.015  -1.380  1.00 73.98  ? 222 ADP A C4    1 
HETATM 1462 MG MG    . MG  C 3 .   ? 1.792   10.118  -0.820  1.00 43.87  ? 300 MG  A MG    1 
HETATM 1463 O  O     . HOH D 4 .   ? 7.475   19.982  -10.027 1.00 21.88  ? 2   HOH A O     1 
HETATM 1464 O  O     . HOH D 4 .   ? -20.168 -1.447  -7.803  1.00 52.36  ? 3   HOH A O     1 
HETATM 1465 O  O     . HOH D 4 .   ? -6.355  10.745  -4.105  1.00 53.35  ? 4   HOH A O     1 
HETATM 1466 O  O     . HOH D 4 .   ? 3.521   18.154  -10.664 1.00 51.68  ? 5   HOH A O     1 
HETATM 1467 O  O     . HOH D 4 .   ? 8.196   -12.152 1.301   1.00 50.00  ? 6   HOH A O     1 
HETATM 1468 O  O     . HOH D 4 .   ? 10.735  12.913  -7.486  1.00 33.40  ? 7   HOH A O     1 
HETATM 1469 O  O     . HOH D 4 .   ? 9.983   3.902   10.385  1.00 59.67  ? 8   HOH A O     1 
HETATM 1470 O  O     . HOH D 4 .   ? -12.118 -13.971 -1.685  1.00 53.06  ? 9   HOH A O     1 
HETATM 1471 O  O     . HOH D 4 .   ? 9.830   -10.080 5.177   1.00 49.28  ? 10  HOH A O     1 
HETATM 1472 O  O     . HOH D 4 .   ? -1.473  -15.193 9.964   1.00 56.93  ? 11  HOH A O     1 
HETATM 1473 O  O     . HOH D 4 .   ? 17.315  9.369   -9.733  1.00 61.69  ? 12  HOH A O     1 
HETATM 1474 O  O     . HOH D 4 .   ? 1.999   0.509   -12.709 1.00 54.74  ? 13  HOH A O     1 
HETATM 1475 O  O     . HOH D 4 .   ? 3.670   15.323  -0.909  1.00 40.36  ? 14  HOH A O     1 
HETATM 1476 O  O     . HOH D 4 .   ? -20.824 -0.566  -10.693 1.00 60.45  ? 15  HOH A O     1 
HETATM 1477 O  O     . HOH D 4 .   ? 7.403   -5.016  -8.551  1.00 42.84  ? 16  HOH A O     1 
HETATM 1478 O  O     . HOH D 4 .   ? -1.096  0.488   14.893  1.00 61.35  ? 17  HOH A O     1 
HETATM 1479 O  O     . HOH D 4 .   ? 2.369   7.567   18.625  1.00 86.30  ? 18  HOH A O     1 
HETATM 1480 O  O     . HOH D 4 .   ? -0.099  -7.509  2.297   1.00 49.41  ? 19  HOH A O     1 
HETATM 1481 O  O     . HOH D 4 .   ? 9.759   -10.688 2.542   1.00 44.24  ? 20  HOH A O     1 
HETATM 1482 O  O     . HOH D 4 .   ? -6.729  10.238  6.533   1.00 70.08  ? 21  HOH A O     1 
HETATM 1483 O  O     . HOH D 4 .   ? 5.962   10.228  15.325  1.00 66.18  ? 22  HOH A O     1 
HETATM 1484 O  O     . HOH D 4 .   ? 18.569  0.690   -4.311  1.00 67.78  ? 23  HOH A O     1 
HETATM 1485 O  O     . HOH D 4 .   ? 5.647   10.718  -14.346 1.00 66.35  ? 24  HOH A O     1 
HETATM 1486 O  O     . HOH D 4 .   ? 16.805  10.814  13.948  1.00 62.22  ? 25  HOH A O     1 
HETATM 1487 O  O     . HOH D 4 .   ? 3.830   -3.576  12.502  1.00 56.52  ? 26  HOH A O     1 
HETATM 1488 O  O     . HOH D 4 .   ? 16.117  -0.636  12.161  1.00 69.35  ? 27  HOH A O     1 
HETATM 1489 O  O     . HOH D 4 .   ? -6.196  8.271   15.938  1.00 85.45  ? 28  HOH A O     1 
HETATM 1490 O  O     . HOH D 4 .   ? -8.059  -7.596  15.574  1.00 62.67  ? 29  HOH A O     1 
HETATM 1491 O  O     . HOH D 4 .   ? 0.845   8.535   17.151  1.00 77.17  ? 30  HOH A O     1 
HETATM 1492 O  O     . HOH D 4 .   ? 15.284  -1.355  -11.091 1.00 67.05  ? 31  HOH A O     1 
HETATM 1493 O  O     . HOH D 4 .   ? -9.415  -10.677 -16.214 1.00 74.70  ? 32  HOH A O     1 
HETATM 1494 O  O     . HOH D 4 .   ? 4.711   16.406  7.558   1.00 58.09  ? 33  HOH A O     1 
HETATM 1495 O  O     . HOH D 4 .   ? -0.211  -2.419  8.900   1.00 61.98  ? 34  HOH A O     1 
HETATM 1496 O  O     . HOH D 4 .   ? -13.560 -7.200  -21.331 1.00 80.15  ? 35  HOH A O     1 
HETATM 1497 O  O     . HOH D 4 .   ? -7.105  -10.523 11.204  1.00 65.82  ? 36  HOH A O     1 
HETATM 1498 O  O     . HOH D 4 .   ? 0.797   -0.818  16.026  1.00 78.26  ? 37  HOH A O     1 
HETATM 1499 O  O     . HOH D 4 .   ? -0.173  15.565  9.031   1.00 79.74  ? 38  HOH A O     1 
HETATM 1500 O  O     . HOH D 4 .   ? 15.523  8.094   -2.319  1.00 64.00  ? 39  HOH A O     1 
HETATM 1501 O  O     . HOH D 4 .   ? -8.398  13.936  0.356   1.00 64.00  ? 40  HOH A O     1 
HETATM 1502 O  O     . HOH D 4 .   ? -19.418 -0.549  -22.857 1.00 68.00  ? 41  HOH A O     1 
HETATM 1503 O  O     . HOH D 4 .   ? -3.052  -7.710  -0.543  1.00 69.00  ? 223 HOH A O     1 
HETATM 1504 O  O     . HOH D 4 .   ? -8.772  8.384   0.456   1.00 74.00  ? 224 HOH A O     1 
HETATM 1505 O  O     . HOH D 4 .   ? -8.906  15.919  2.122   1.00 77.00  ? 225 HOH A O     1 
HETATM 1506 O  O     . HOH D 4 .   ? -12.350 -11.960 -20.094 1.00 77.00  ? 226 HOH A O     1 
HETATM 1507 O  O     . HOH D 4 .   ? -2.088  7.698   -12.968 1.00 78.00  ? 227 HOH A O     1 
HETATM 1508 O  O     . HOH D 4 .   ? -11.038 2.161   -15.105 1.00 79.00  ? 228 HOH A O     1 
HETATM 1509 O  O     . HOH D 4 .   ? 11.280  9.148   1.745   1.00 80.00  ? 229 HOH A O     1 
# 
